data_1JQB
#
_entry.id   1JQB
#
_cell.length_a   86.700
_cell.length_b   147.800
_cell.length_c   125.100
_cell.angle_alpha   90.00
_cell.angle_beta   90.00
_cell.angle_gamma   90.00
#
_symmetry.space_group_name_H-M   'P 21 21 21'
#
loop_
_entity.id
_entity.type
_entity.pdbx_description
1 polymer 'NADP-dependent Alcohol Dehydrogenase'
2 non-polymer 'ZINC ION'
3 water water
#
_entity_poly.entity_id   1
_entity_poly.type   'polypeptide(L)'
_entity_poly.pdbx_seq_one_letter_code
;MKGFAMLGINKLGWIEKERPVAGSYDAIVRPLAVSPCTSDIHTVFEGALGDRKNMILGHEAVGEVVEVGSEVKDFKPGDR
VIVPCTTPDWRSLEVQAGFQQHSNGMLAGWKFSNFKDGVFGEYFHVNDADMNLAILPKDMPLENAVMITDMMTTGFHGAE
LADIEMGSSVVVIGIGAVGLMGIAGAKLRGAGRIIGVGSRPICVEAAKFYGATDILNYKNGHIEDQVMKLTNGKGVDRVI
MAGGGSETLSQAVKMVKPGGIISNINYHGSGDALLIPRVEWGCGMAHKTIKGGLCPGGRLRAERLRDMVVYNRVDLSKLV
THVYHGFDHIEEALLLMKDKPKDLIKAVVIL
;
_entity_poly.pdbx_strand_id   A,B,C,D
#
loop_
_chem_comp.id
_chem_comp.type
_chem_comp.name
_chem_comp.formula
ZN non-polymer 'ZINC ION' 'Zn 2'
#
# COMPACT_ATOMS: atom_id res chain seq x y z
N MET A 1 -27.03 36.41 -16.42
CA MET A 1 -25.71 36.84 -15.86
C MET A 1 -24.65 36.77 -16.95
N LYS A 2 -23.51 37.43 -16.72
CA LYS A 2 -22.42 37.40 -17.70
C LYS A 2 -21.29 36.51 -17.20
N GLY A 3 -20.54 35.95 -18.14
CA GLY A 3 -19.42 35.09 -17.78
C GLY A 3 -18.41 35.10 -18.89
N PHE A 4 -17.14 34.84 -18.56
CA PHE A 4 -16.10 34.81 -19.57
C PHE A 4 -16.07 33.37 -20.07
N ALA A 5 -16.50 33.17 -21.31
CA ALA A 5 -16.55 31.82 -21.85
C ALA A 5 -15.77 31.57 -23.13
N MET A 6 -15.73 30.29 -23.49
CA MET A 6 -15.05 29.85 -24.70
C MET A 6 -16.12 29.83 -25.80
N LEU A 7 -16.08 30.82 -26.68
CA LEU A 7 -17.03 30.92 -27.78
C LEU A 7 -16.79 29.78 -28.75
N GLY A 8 -15.82 28.94 -28.42
CA GLY A 8 -15.47 27.80 -29.26
C GLY A 8 -13.97 27.75 -29.40
N ILE A 9 -13.46 26.73 -30.10
CA ILE A 9 -12.03 26.58 -30.31
C ILE A 9 -11.36 27.89 -30.74
N ASN A 10 -10.34 28.29 -29.97
CA ASN A 10 -9.56 29.51 -30.22
C ASN A 10 -10.30 30.82 -29.98
N LYS A 11 -11.53 30.75 -29.47
CA LYS A 11 -12.32 31.96 -29.22
C LYS A 11 -12.69 32.16 -27.75
N LEU A 12 -12.45 33.38 -27.25
CA LEU A 12 -12.77 33.75 -25.87
C LEU A 12 -13.57 35.04 -25.86
N GLY A 13 -14.40 35.22 -24.83
CA GLY A 13 -15.21 36.42 -24.72
C GLY A 13 -16.32 36.34 -23.69
N TRP A 14 -16.88 37.50 -23.34
CA TRP A 14 -17.97 37.56 -22.36
C TRP A 14 -19.32 37.29 -23.02
N ILE A 15 -20.13 36.46 -22.40
CA ILE A 15 -21.45 36.14 -22.91
C ILE A 15 -22.47 36.13 -21.79
N GLU A 16 -23.74 36.01 -22.16
CA GLU A 16 -24.82 35.95 -21.19
C GLU A 16 -25.24 34.50 -21.05
N LYS A 17 -25.54 34.09 -19.83
CA LYS A 17 -25.98 32.74 -19.55
C LYS A 17 -27.02 32.86 -18.45
N GLU A 18 -28.00 31.99 -18.44
CA GLU A 18 -29.03 32.06 -17.41
C GLU A 18 -28.37 31.83 -16.05
N ARG A 19 -28.88 32.49 -15.02
CA ARG A 19 -28.34 32.32 -13.68
C ARG A 19 -28.63 30.88 -13.24
N PRO A 20 -27.60 30.16 -12.79
CA PRO A 20 -27.79 28.77 -12.35
C PRO A 20 -28.65 28.66 -11.10
N VAL A 21 -29.45 27.60 -11.03
CA VAL A 21 -30.31 27.37 -9.88
C VAL A 21 -29.82 26.12 -9.16
N ALA A 22 -29.89 26.14 -7.84
CA ALA A 22 -29.43 24.99 -7.06
C ALA A 22 -30.48 23.92 -6.86
N GLY A 23 -30.05 22.67 -6.92
CA GLY A 23 -30.96 21.57 -6.67
C GLY A 23 -30.95 21.41 -5.17
N SER A 24 -31.72 20.46 -4.63
CA SER A 24 -31.81 20.23 -3.19
C SER A 24 -30.50 20.20 -2.40
N TYR A 25 -29.43 19.67 -2.98
CA TYR A 25 -28.16 19.60 -2.25
C TYR A 25 -27.09 20.56 -2.75
N ASP A 26 -27.44 21.38 -3.73
CA ASP A 26 -26.47 22.31 -4.30
C ASP A 26 -26.43 23.70 -3.67
N ALA A 27 -25.45 24.48 -4.11
CA ALA A 27 -25.28 25.84 -3.64
C ALA A 27 -24.90 26.72 -4.81
N ILE A 28 -25.41 27.95 -4.82
CA ILE A 28 -25.08 28.91 -5.86
C ILE A 28 -24.08 29.82 -5.17
N VAL A 29 -22.93 30.03 -5.79
CA VAL A 29 -21.89 30.84 -5.18
C VAL A 29 -21.40 31.97 -6.09
N ARG A 30 -21.04 33.10 -5.49
CA ARG A 30 -20.50 34.21 -6.26
C ARG A 30 -19.02 34.30 -5.90
N PRO A 31 -18.15 34.40 -6.91
CA PRO A 31 -16.71 34.47 -6.68
C PRO A 31 -16.21 35.76 -6.04
N LEU A 32 -15.31 35.62 -5.07
CA LEU A 32 -14.71 36.76 -4.38
C LEU A 32 -13.34 36.97 -4.99
N ALA A 33 -12.72 35.86 -5.40
CA ALA A 33 -11.40 35.90 -6.02
C ALA A 33 -11.27 34.67 -6.90
N VAL A 34 -10.64 34.84 -8.05
CA VAL A 34 -10.46 33.74 -8.99
C VAL A 34 -9.07 33.78 -9.60
N SER A 35 -8.71 32.71 -10.31
CA SER A 35 -7.40 32.65 -10.94
C SER A 35 -7.47 31.84 -12.24
N PRO A 36 -6.81 32.31 -13.30
CA PRO A 36 -6.83 31.59 -14.58
C PRO A 36 -5.80 30.46 -14.53
N CYS A 37 -6.08 29.37 -15.26
CA CYS A 37 -5.16 28.23 -15.28
C CYS A 37 -4.67 27.89 -16.68
N THR A 38 -3.45 27.37 -16.78
CA THR A 38 -2.89 26.99 -18.06
C THR A 38 -3.82 25.97 -18.73
N SER A 39 -4.57 25.24 -17.92
CA SER A 39 -5.49 24.24 -18.44
C SER A 39 -6.57 24.89 -19.30
N ASP A 40 -7.06 26.05 -18.86
CA ASP A 40 -8.08 26.78 -19.61
C ASP A 40 -7.52 27.02 -21.02
N ILE A 41 -6.22 27.22 -21.10
CA ILE A 41 -5.55 27.46 -22.36
C ILE A 41 -5.53 26.20 -23.24
N HIS A 42 -5.16 25.06 -22.65
CA HIS A 42 -5.12 23.81 -23.40
C HIS A 42 -6.50 23.52 -24.00
N THR A 43 -7.53 23.71 -23.18
CA THR A 43 -8.91 23.46 -23.59
C THR A 43 -9.41 24.38 -24.71
N VAL A 44 -9.08 25.66 -24.61
CA VAL A 44 -9.52 26.64 -25.60
C VAL A 44 -8.71 26.68 -26.89
N PHE A 45 -7.43 26.98 -26.76
CA PHE A 45 -6.54 27.11 -27.91
C PHE A 45 -5.95 25.81 -28.44
N GLU A 46 -6.45 24.67 -27.98
CA GLU A 46 -5.98 23.37 -28.45
C GLU A 46 -7.04 22.28 -28.38
N GLY A 47 -8.21 22.63 -27.89
CA GLY A 47 -9.30 21.66 -27.80
C GLY A 47 -8.86 20.33 -27.24
N ALA A 48 -8.07 20.36 -26.17
CA ALA A 48 -7.57 19.15 -25.54
C ALA A 48 -8.65 18.25 -24.96
N LEU A 49 -9.83 18.82 -24.69
CA LEU A 49 -10.93 18.06 -24.12
C LEU A 49 -12.10 17.87 -25.10
N GLY A 50 -11.88 18.23 -26.36
CA GLY A 50 -12.93 18.11 -27.34
C GLY A 50 -13.63 19.44 -27.54
N ASP A 51 -14.47 19.53 -28.55
CA ASP A 51 -15.19 20.78 -28.84
C ASP A 51 -16.14 21.19 -27.73
N ARG A 52 -16.24 22.50 -27.53
CA ARG A 52 -17.12 23.09 -26.53
C ARG A 52 -17.73 24.35 -27.16
N LYS A 53 -18.87 24.79 -26.64
CA LYS A 53 -19.54 25.97 -27.18
C LYS A 53 -20.16 26.79 -26.04
N ASN A 54 -19.68 28.02 -25.89
CA ASN A 54 -20.17 28.93 -24.87
C ASN A 54 -20.12 28.37 -23.45
N MET A 55 -19.00 27.74 -23.12
CA MET A 55 -18.82 27.20 -21.78
C MET A 55 -18.03 28.22 -20.97
N ILE A 56 -18.60 28.68 -19.86
CA ILE A 56 -17.90 29.64 -19.02
C ILE A 56 -16.63 28.97 -18.51
N LEU A 57 -15.53 29.72 -18.46
CA LEU A 57 -14.24 29.18 -18.05
C LEU A 57 -13.91 29.35 -16.57
N GLY A 58 -12.75 28.82 -16.17
CA GLY A 58 -12.29 28.93 -14.79
C GLY A 58 -12.77 27.88 -13.81
N HIS A 59 -11.87 27.48 -12.91
CA HIS A 59 -12.20 26.48 -11.89
C HIS A 59 -11.39 26.71 -10.60
N GLU A 60 -10.84 27.90 -10.44
CA GLU A 60 -10.08 28.23 -9.24
C GLU A 60 -10.70 29.46 -8.59
N ALA A 61 -11.37 29.27 -7.46
CA ALA A 61 -11.99 30.40 -6.80
C ALA A 61 -12.44 30.18 -5.37
N VAL A 62 -12.53 31.31 -4.65
CA VAL A 62 -13.01 31.33 -3.29
C VAL A 62 -14.24 32.23 -3.43
N GLY A 63 -15.31 31.95 -2.72
CA GLY A 63 -16.48 32.80 -2.88
C GLY A 63 -17.44 32.85 -1.72
N GLU A 64 -18.58 33.48 -1.96
CA GLU A 64 -19.61 33.59 -0.95
C GLU A 64 -20.85 32.83 -1.38
N VAL A 65 -21.37 32.01 -0.48
CA VAL A 65 -22.57 31.25 -0.77
C VAL A 65 -23.75 32.23 -0.79
N VAL A 66 -24.54 32.19 -1.85
CA VAL A 66 -25.69 33.07 -1.97
C VAL A 66 -26.99 32.31 -1.75
N GLU A 67 -27.05 31.10 -2.28
CA GLU A 67 -28.23 30.25 -2.16
C GLU A 67 -27.83 28.79 -1.92
N VAL A 68 -28.66 28.07 -1.18
CA VAL A 68 -28.42 26.65 -0.91
C VAL A 68 -29.72 25.88 -1.03
N GLY A 69 -29.62 24.65 -1.52
CA GLY A 69 -30.79 23.80 -1.68
C GLY A 69 -31.41 23.52 -0.33
N SER A 70 -32.62 22.98 -0.33
CA SER A 70 -33.35 22.68 0.90
C SER A 70 -32.75 21.55 1.76
N GLU A 71 -31.88 20.73 1.18
CA GLU A 71 -31.28 19.65 1.94
C GLU A 71 -29.86 19.95 2.43
N VAL A 72 -29.35 21.15 2.11
CA VAL A 72 -28.01 21.56 2.54
C VAL A 72 -28.03 21.91 4.03
N LYS A 73 -27.23 21.23 4.83
CA LYS A 73 -27.20 21.47 6.27
C LYS A 73 -25.99 22.22 6.83
N ASP A 74 -24.82 22.06 6.21
CA ASP A 74 -23.62 22.69 6.72
C ASP A 74 -23.19 24.03 6.14
N PHE A 75 -23.89 24.49 5.12
CA PHE A 75 -23.54 25.78 4.52
C PHE A 75 -24.80 26.61 4.33
N LYS A 76 -24.63 27.92 4.34
CA LYS A 76 -25.76 28.84 4.19
C LYS A 76 -25.33 30.14 3.52
N PRO A 77 -26.32 30.94 3.05
CA PRO A 77 -25.97 32.20 2.39
C PRO A 77 -25.10 33.05 3.31
N GLY A 78 -24.08 33.67 2.74
CA GLY A 78 -23.19 34.49 3.54
C GLY A 78 -21.86 33.82 3.84
N ASP A 79 -21.84 32.49 3.85
CA ASP A 79 -20.61 31.76 4.13
C ASP A 79 -19.52 32.02 3.11
N ARG A 80 -18.30 32.24 3.60
CA ARG A 80 -17.14 32.47 2.75
C ARG A 80 -16.61 31.04 2.56
N VAL A 81 -16.39 30.64 1.31
CA VAL A 81 -15.93 29.27 1.09
C VAL A 81 -14.79 29.08 0.09
N ILE A 82 -14.05 28.00 0.29
CA ILE A 82 -12.96 27.62 -0.59
C ILE A 82 -13.63 26.55 -1.44
N VAL A 83 -13.54 26.70 -2.76
CA VAL A 83 -14.17 25.75 -3.68
C VAL A 83 -13.11 24.93 -4.43
N PRO A 84 -12.96 23.65 -4.08
CA PRO A 84 -11.96 22.81 -4.76
C PRO A 84 -12.33 22.71 -6.24
N CYS A 85 -11.33 22.77 -7.12
CA CYS A 85 -11.61 22.68 -8.56
C CYS A 85 -12.31 21.37 -8.88
N THR A 86 -12.04 20.35 -8.05
CA THR A 86 -12.65 19.04 -8.24
C THR A 86 -13.82 18.89 -7.27
N THR A 87 -15.03 18.80 -7.83
CA THR A 87 -16.25 18.66 -7.05
C THR A 87 -16.96 17.36 -7.48
N PRO A 88 -16.52 16.23 -6.93
CA PRO A 88 -17.07 14.90 -7.25
C PRO A 88 -18.52 14.66 -6.90
N ASP A 89 -19.10 13.65 -7.56
CA ASP A 89 -20.45 13.21 -7.27
C ASP A 89 -20.10 12.05 -6.35
N TRP A 90 -20.30 12.25 -5.06
CA TRP A 90 -19.96 11.22 -4.10
C TRP A 90 -20.76 9.93 -4.18
N ARG A 91 -21.96 10.02 -4.73
CA ARG A 91 -22.80 8.84 -4.88
C ARG A 91 -22.54 8.21 -6.25
N SER A 92 -21.39 7.57 -6.38
CA SER A 92 -21.02 6.91 -7.63
C SER A 92 -20.19 5.67 -7.32
N LEU A 93 -20.20 4.72 -8.26
CA LEU A 93 -19.44 3.50 -8.08
C LEU A 93 -17.94 3.77 -8.10
N GLU A 94 -17.53 4.85 -8.75
CA GLU A 94 -16.11 5.17 -8.80
C GLU A 94 -15.64 5.55 -7.40
N VAL A 95 -16.48 6.29 -6.68
CA VAL A 95 -16.16 6.69 -5.31
C VAL A 95 -16.12 5.41 -4.47
N GLN A 96 -17.06 4.51 -4.71
CA GLN A 96 -17.09 3.26 -3.97
C GLN A 96 -15.82 2.44 -4.25
N ALA A 97 -15.19 2.71 -5.38
CA ALA A 97 -13.97 2.02 -5.79
C ALA A 97 -12.69 2.75 -5.33
N GLY A 98 -12.84 3.94 -4.77
CA GLY A 98 -11.70 4.71 -4.27
C GLY A 98 -11.16 5.82 -5.16
N PHE A 99 -11.90 6.23 -6.18
CA PHE A 99 -11.44 7.27 -7.10
C PHE A 99 -12.48 8.36 -7.31
N GLN A 100 -12.54 9.26 -6.35
CA GLN A 100 -13.48 10.39 -6.39
C GLN A 100 -13.33 11.23 -7.65
N GLN A 101 -12.09 11.39 -8.11
CA GLN A 101 -11.81 12.21 -9.30
C GLN A 101 -12.53 11.72 -10.55
N HIS A 102 -12.94 10.46 -10.55
CA HIS A 102 -13.61 9.93 -11.73
C HIS A 102 -15.05 9.51 -11.51
N SER A 103 -15.72 10.20 -10.60
CA SER A 103 -17.12 9.91 -10.28
C SER A 103 -17.95 10.05 -11.55
N ASN A 104 -18.59 8.95 -11.95
CA ASN A 104 -19.42 8.91 -13.14
C ASN A 104 -18.68 9.14 -14.45
N GLY A 105 -17.39 8.81 -14.49
CA GLY A 105 -16.64 8.99 -15.71
C GLY A 105 -15.25 9.55 -15.54
N MET A 106 -14.36 9.14 -16.44
CA MET A 106 -12.98 9.61 -16.42
C MET A 106 -12.93 11.13 -16.34
N LEU A 107 -12.23 11.63 -15.32
CA LEU A 107 -12.08 13.06 -15.08
C LEU A 107 -13.41 13.78 -14.80
N ALA A 108 -14.50 13.04 -14.69
CA ALA A 108 -15.81 13.65 -14.44
C ALA A 108 -15.93 14.30 -13.06
N GLY A 109 -14.95 14.06 -12.19
CA GLY A 109 -14.98 14.67 -10.87
C GLY A 109 -14.67 16.16 -11.00
N TRP A 110 -13.91 16.51 -12.04
CA TRP A 110 -13.55 17.89 -12.32
C TRP A 110 -14.57 18.41 -13.33
N LYS A 111 -15.50 19.24 -12.86
CA LYS A 111 -16.56 19.75 -13.72
C LYS A 111 -16.35 21.16 -14.27
N PHE A 112 -15.98 22.09 -13.40
CA PHE A 112 -15.76 23.49 -13.79
C PHE A 112 -14.73 23.65 -14.91
N SER A 113 -15.17 24.20 -16.04
CA SER A 113 -14.25 24.42 -17.16
C SER A 113 -13.89 23.15 -17.92
N ASN A 114 -14.42 22.01 -17.47
CA ASN A 114 -14.20 20.75 -18.16
C ASN A 114 -15.42 20.57 -19.05
N PHE A 115 -16.60 20.49 -18.43
CA PHE A 115 -17.85 20.35 -19.17
C PHE A 115 -18.99 21.13 -18.52
N LYS A 116 -18.71 21.74 -17.37
CA LYS A 116 -19.71 22.52 -16.63
C LYS A 116 -19.27 23.99 -16.60
N ASP A 117 -20.22 24.93 -16.67
CA ASP A 117 -19.84 26.35 -16.63
C ASP A 117 -18.95 26.61 -15.43
N GLY A 118 -17.84 27.32 -15.67
CA GLY A 118 -16.88 27.59 -14.63
C GLY A 118 -17.18 28.72 -13.66
N VAL A 119 -16.14 29.13 -12.93
CA VAL A 119 -16.26 30.16 -11.93
C VAL A 119 -16.06 31.58 -12.46
N PHE A 120 -15.76 31.72 -13.74
CA PHE A 120 -15.58 33.05 -14.31
C PHE A 120 -16.94 33.63 -14.68
N GLY A 121 -17.88 33.54 -13.74
CA GLY A 121 -19.22 34.06 -13.96
C GLY A 121 -19.68 34.79 -12.72
N GLU A 122 -20.70 35.65 -12.85
CA GLU A 122 -21.21 36.40 -11.70
C GLU A 122 -21.63 35.42 -10.61
N TYR A 123 -22.05 34.24 -11.03
CA TYR A 123 -22.46 33.17 -10.12
C TYR A 123 -22.10 31.84 -10.75
N PHE A 124 -21.80 30.84 -9.91
CA PHE A 124 -21.52 29.52 -10.42
C PHE A 124 -22.19 28.48 -9.52
N HIS A 125 -22.38 27.28 -10.07
CA HIS A 125 -23.04 26.19 -9.37
C HIS A 125 -22.07 25.15 -8.79
N VAL A 126 -22.27 24.82 -7.52
CA VAL A 126 -21.46 23.81 -6.83
C VAL A 126 -22.36 22.64 -6.45
N ASN A 127 -22.13 21.47 -7.04
CA ASN A 127 -22.93 20.29 -6.72
C ASN A 127 -22.58 19.76 -5.32
N ASP A 128 -23.60 19.33 -4.59
CA ASP A 128 -23.47 18.79 -3.23
C ASP A 128 -22.63 19.71 -2.34
N ALA A 129 -23.23 20.83 -1.94
CA ALA A 129 -22.54 21.81 -1.10
C ALA A 129 -21.87 21.23 0.15
N ASP A 130 -22.59 20.42 0.91
CA ASP A 130 -22.03 19.84 2.13
C ASP A 130 -20.83 18.92 1.90
N MET A 131 -20.78 18.28 0.74
CA MET A 131 -19.68 17.37 0.42
C MET A 131 -18.55 18.01 -0.35
N ASN A 132 -18.79 19.16 -0.99
CA ASN A 132 -17.76 19.79 -1.80
C ASN A 132 -17.29 21.21 -1.48
N LEU A 133 -17.58 21.69 -0.27
CA LEU A 133 -17.15 23.04 0.12
C LEU A 133 -16.43 23.04 1.47
N ALA A 134 -15.64 24.09 1.70
CA ALA A 134 -14.91 24.27 2.96
C ALA A 134 -14.96 25.76 3.33
N ILE A 135 -15.11 26.04 4.62
CA ILE A 135 -15.17 27.42 5.07
C ILE A 135 -13.81 28.10 4.90
N LEU A 136 -13.84 29.34 4.42
CA LEU A 136 -12.63 30.12 4.24
C LEU A 136 -12.31 30.78 5.59
N PRO A 137 -11.11 30.52 6.14
CA PRO A 137 -10.78 31.14 7.43
C PRO A 137 -10.86 32.67 7.34
N LYS A 138 -11.45 33.29 8.37
CA LYS A 138 -11.61 34.74 8.39
C LYS A 138 -10.34 35.55 8.18
N ASP A 139 -9.19 35.04 8.64
CA ASP A 139 -7.95 35.79 8.48
C ASP A 139 -7.09 35.40 7.29
N MET A 140 -7.59 34.50 6.45
CA MET A 140 -6.81 34.06 5.29
C MET A 140 -6.94 34.95 4.05
N PRO A 141 -5.80 35.48 3.56
CA PRO A 141 -5.81 36.33 2.37
C PRO A 141 -6.51 35.60 1.22
N LEU A 142 -7.39 36.30 0.52
CA LEU A 142 -8.12 35.68 -0.57
C LEU A 142 -7.22 35.09 -1.67
N GLU A 143 -6.16 35.80 -2.05
CA GLU A 143 -5.27 35.33 -3.11
C GLU A 143 -4.58 34.03 -2.71
N ASN A 144 -4.29 33.91 -1.41
CA ASN A 144 -3.63 32.70 -0.92
C ASN A 144 -4.60 31.53 -0.97
N ALA A 145 -5.83 31.75 -0.51
CA ALA A 145 -6.84 30.71 -0.49
C ALA A 145 -7.12 30.14 -1.88
N VAL A 146 -7.12 30.99 -2.90
CA VAL A 146 -7.37 30.56 -4.27
C VAL A 146 -6.36 29.51 -4.72
N MET A 147 -5.14 29.59 -4.18
CA MET A 147 -4.08 28.67 -4.54
C MET A 147 -4.33 27.24 -4.03
N ILE A 148 -5.21 27.10 -3.05
CA ILE A 148 -5.54 25.80 -2.49
C ILE A 148 -6.41 24.96 -3.43
N THR A 149 -7.34 25.62 -4.12
CA THR A 149 -8.29 24.97 -5.01
C THR A 149 -7.78 24.13 -6.16
N ASP A 150 -6.56 24.43 -6.63
CA ASP A 150 -6.01 23.69 -7.75
C ASP A 150 -4.49 23.47 -7.66
N MET A 151 -3.73 24.55 -7.52
CA MET A 151 -2.28 24.46 -7.47
C MET A 151 -1.76 23.57 -6.34
N MET A 152 -2.20 23.83 -5.11
CA MET A 152 -1.73 23.06 -3.96
C MET A 152 -2.21 21.60 -3.98
N THR A 153 -3.48 21.38 -4.28
CA THR A 153 -4.00 20.03 -4.30
C THR A 153 -3.38 19.22 -5.43
N THR A 154 -3.09 19.87 -6.56
CA THR A 154 -2.49 19.17 -7.70
C THR A 154 -1.03 18.86 -7.44
N GLY A 155 -0.25 19.87 -7.06
CA GLY A 155 1.16 19.66 -6.80
C GLY A 155 1.39 18.63 -5.70
N PHE A 156 0.58 18.72 -4.65
CA PHE A 156 0.68 17.79 -3.54
C PHE A 156 0.27 16.38 -3.96
N HIS A 157 -0.67 16.28 -4.90
CA HIS A 157 -1.10 14.97 -5.37
C HIS A 157 0.05 14.33 -6.11
N GLY A 158 0.83 15.15 -6.79
CA GLY A 158 1.99 14.65 -7.50
C GLY A 158 2.95 13.97 -6.53
N ALA A 159 3.14 14.59 -5.36
CA ALA A 159 4.03 14.03 -4.35
C ALA A 159 3.41 12.78 -3.71
N GLU A 160 2.08 12.79 -3.58
CA GLU A 160 1.39 11.66 -2.98
C GLU A 160 1.50 10.43 -3.88
N LEU A 161 1.19 10.60 -5.15
CA LEU A 161 1.26 9.48 -6.08
C LEU A 161 2.70 8.98 -6.20
N ALA A 162 3.67 9.88 -5.99
CA ALA A 162 5.08 9.52 -6.09
C ALA A 162 5.52 8.55 -4.98
N ASP A 163 4.67 8.37 -3.97
CA ASP A 163 4.97 7.46 -2.87
C ASP A 163 6.41 7.67 -2.40
N ILE A 164 6.69 8.90 -1.99
CA ILE A 164 8.01 9.29 -1.53
C ILE A 164 8.42 8.67 -0.20
N GLU A 165 9.68 8.32 -0.09
CA GLU A 165 10.21 7.72 1.13
C GLU A 165 11.14 8.74 1.78
N MET A 166 11.35 8.60 3.09
CA MET A 166 12.22 9.52 3.80
C MET A 166 13.60 9.53 3.17
N GLY A 167 13.97 10.66 2.58
CA GLY A 167 15.28 10.75 1.98
C GLY A 167 15.32 10.41 0.51
N SER A 168 14.17 10.20 -0.12
CA SER A 168 14.14 9.89 -1.54
C SER A 168 14.70 11.06 -2.34
N SER A 169 15.29 10.77 -3.50
CA SER A 169 15.79 11.81 -4.38
C SER A 169 14.65 12.01 -5.37
N VAL A 170 14.30 13.28 -5.60
CA VAL A 170 13.17 13.62 -6.46
C VAL A 170 13.48 14.71 -7.48
N VAL A 171 13.05 14.50 -8.73
CA VAL A 171 13.22 15.49 -9.78
C VAL A 171 11.82 15.98 -10.14
N VAL A 172 11.60 17.29 -10.13
CA VAL A 172 10.30 17.82 -10.50
C VAL A 172 10.49 18.52 -11.84
N ILE A 173 9.90 17.95 -12.89
CA ILE A 173 10.04 18.52 -14.23
C ILE A 173 8.98 19.61 -14.46
N GLY A 174 9.43 20.85 -14.48
CA GLY A 174 8.54 21.97 -14.67
C GLY A 174 8.38 22.69 -13.34
N ILE A 175 8.66 23.99 -13.31
CA ILE A 175 8.51 24.72 -12.06
C ILE A 175 7.52 25.88 -12.08
N GLY A 176 6.39 25.64 -12.74
CA GLY A 176 5.33 26.63 -12.77
C GLY A 176 4.60 26.36 -11.46
N ALA A 177 3.52 27.09 -11.18
CA ALA A 177 2.78 26.93 -9.94
C ALA A 177 2.60 25.46 -9.52
N VAL A 178 2.19 24.61 -10.45
CA VAL A 178 1.98 23.20 -10.14
C VAL A 178 3.28 22.49 -9.75
N GLY A 179 4.35 22.75 -10.50
CA GLY A 179 5.63 22.14 -10.19
C GLY A 179 6.15 22.62 -8.85
N LEU A 180 5.87 23.89 -8.52
CA LEU A 180 6.31 24.46 -7.26
C LEU A 180 5.61 23.78 -6.09
N MET A 181 4.31 23.51 -6.26
CA MET A 181 3.59 22.83 -5.21
C MET A 181 4.03 21.36 -5.19
N GLY A 182 4.55 20.88 -6.31
CA GLY A 182 5.05 19.51 -6.36
C GLY A 182 6.32 19.46 -5.51
N ILE A 183 7.15 20.49 -5.65
CA ILE A 183 8.38 20.58 -4.87
C ILE A 183 8.06 20.71 -3.38
N ALA A 184 7.12 21.57 -3.05
CA ALA A 184 6.73 21.76 -1.66
C ALA A 184 6.16 20.45 -1.10
N GLY A 185 5.30 19.79 -1.86
CA GLY A 185 4.72 18.54 -1.44
C GLY A 185 5.75 17.41 -1.26
N ALA A 186 6.75 17.37 -2.13
CA ALA A 186 7.78 16.36 -2.04
C ALA A 186 8.57 16.53 -0.73
N LYS A 187 8.95 17.76 -0.43
CA LYS A 187 9.68 18.04 0.82
C LYS A 187 8.79 17.63 2.01
N LEU A 188 7.50 17.90 1.89
CA LEU A 188 6.55 17.56 2.94
C LEU A 188 6.20 16.06 2.95
N ARG A 189 6.92 15.27 2.17
CA ARG A 189 6.71 13.82 2.17
C ARG A 189 8.03 13.17 2.58
N GLY A 190 8.99 14.01 2.96
CA GLY A 190 10.29 13.53 3.42
C GLY A 190 11.44 13.48 2.44
N ALA A 191 11.24 14.04 1.25
CA ALA A 191 12.28 14.03 0.25
C ALA A 191 13.60 14.64 0.73
N GLY A 192 14.70 14.06 0.26
CA GLY A 192 16.01 14.58 0.59
C GLY A 192 16.36 15.54 -0.52
N ARG A 193 17.03 15.04 -1.55
CA ARG A 193 17.41 15.89 -2.67
C ARG A 193 16.21 16.14 -3.59
N ILE A 194 15.99 17.41 -3.94
CA ILE A 194 14.89 17.77 -4.83
C ILE A 194 15.42 18.65 -5.95
N ILE A 195 15.46 18.10 -7.16
CA ILE A 195 15.95 18.80 -8.33
C ILE A 195 14.81 19.38 -9.15
N GLY A 196 14.75 20.71 -9.19
CA GLY A 196 13.71 21.37 -9.97
C GLY A 196 14.24 21.66 -11.37
N VAL A 197 13.39 21.49 -12.37
CA VAL A 197 13.81 21.73 -13.75
C VAL A 197 13.05 22.92 -14.32
N GLY A 198 13.74 24.04 -14.50
CA GLY A 198 13.13 25.25 -15.03
C GLY A 198 14.17 26.34 -15.21
N SER A 199 13.79 27.43 -15.88
CA SER A 199 14.74 28.52 -16.12
C SER A 199 14.18 29.89 -15.75
N ARG A 200 12.86 30.03 -15.80
CA ARG A 200 12.20 31.29 -15.47
C ARG A 200 12.66 31.80 -14.09
N PRO A 201 13.41 32.91 -14.07
CA PRO A 201 13.96 33.57 -12.87
C PRO A 201 13.11 33.57 -11.61
N ILE A 202 11.89 34.07 -11.70
CA ILE A 202 11.01 34.12 -10.53
C ILE A 202 10.63 32.71 -10.07
N CYS A 203 10.49 31.77 -11.01
CA CYS A 203 10.13 30.39 -10.66
C CYS A 203 11.32 29.70 -10.00
N VAL A 204 12.52 29.96 -10.52
CA VAL A 204 13.72 29.36 -9.95
C VAL A 204 13.87 29.73 -8.47
N GLU A 205 13.59 30.98 -8.14
CA GLU A 205 13.70 31.42 -6.75
C GLU A 205 12.62 30.83 -5.86
N ALA A 206 11.40 30.74 -6.38
CA ALA A 206 10.30 30.17 -5.61
C ALA A 206 10.56 28.69 -5.37
N ALA A 207 11.12 28.01 -6.36
CA ALA A 207 11.43 26.59 -6.25
C ALA A 207 12.41 26.32 -5.12
N LYS A 208 13.49 27.10 -5.05
CA LYS A 208 14.46 26.93 -4.00
C LYS A 208 13.77 27.23 -2.68
N PHE A 209 12.88 28.22 -2.69
CA PHE A 209 12.14 28.59 -1.50
C PHE A 209 11.26 27.44 -1.00
N TYR A 210 10.66 26.73 -1.94
CA TYR A 210 9.77 25.63 -1.57
C TYR A 210 10.48 24.33 -1.22
N GLY A 211 11.78 24.25 -1.48
CA GLY A 211 12.53 23.04 -1.13
C GLY A 211 13.56 22.52 -2.12
N ALA A 212 13.62 23.10 -3.31
CA ALA A 212 14.57 22.63 -4.32
C ALA A 212 16.00 22.80 -3.84
N THR A 213 16.80 21.74 -3.97
CA THR A 213 18.20 21.77 -3.55
C THR A 213 19.10 21.96 -4.76
N ASP A 214 18.55 21.69 -5.94
CA ASP A 214 19.26 21.82 -7.21
C ASP A 214 18.29 22.36 -8.25
N ILE A 215 18.81 23.13 -9.20
CA ILE A 215 17.99 23.67 -10.28
C ILE A 215 18.72 23.39 -11.59
N LEU A 216 17.99 22.87 -12.57
CA LEU A 216 18.57 22.56 -13.86
C LEU A 216 17.83 23.26 -14.99
N ASN A 217 18.55 23.55 -16.07
CA ASN A 217 17.98 24.23 -17.22
C ASN A 217 18.16 23.35 -18.46
N TYR A 218 17.10 23.22 -19.26
CA TYR A 218 17.18 22.40 -20.48
C TYR A 218 18.28 22.90 -21.40
N LYS A 219 18.37 24.21 -21.52
CA LYS A 219 19.36 24.83 -22.40
C LYS A 219 20.79 24.69 -21.88
N ASN A 220 21.10 23.51 -21.33
CA ASN A 220 22.42 23.21 -20.80
C ASN A 220 22.73 21.73 -21.04
N GLY A 221 22.00 21.12 -21.97
CA GLY A 221 22.20 19.71 -22.26
C GLY A 221 20.99 18.89 -21.87
N HIS A 222 20.82 17.72 -22.48
CA HIS A 222 19.69 16.86 -22.17
C HIS A 222 19.52 16.70 -20.66
N ILE A 223 18.33 17.02 -20.19
CA ILE A 223 18.02 16.95 -18.77
C ILE A 223 18.33 15.59 -18.14
N GLU A 224 18.01 14.50 -18.83
CA GLU A 224 18.26 13.18 -18.28
C GLU A 224 19.76 12.97 -18.08
N ASP A 225 20.57 13.48 -19.01
CA ASP A 225 22.02 13.35 -18.90
C ASP A 225 22.57 14.17 -17.73
N GLN A 226 22.07 15.40 -17.59
CA GLN A 226 22.51 16.27 -16.49
C GLN A 226 22.21 15.60 -15.16
N VAL A 227 21.01 15.05 -15.02
CA VAL A 227 20.62 14.39 -13.78
C VAL A 227 21.51 13.18 -13.52
N MET A 228 21.85 12.45 -14.56
CA MET A 228 22.72 11.29 -14.38
C MET A 228 24.07 11.75 -13.82
N LYS A 229 24.61 12.83 -14.35
CA LYS A 229 25.88 13.35 -13.86
C LYS A 229 25.75 13.72 -12.40
N LEU A 230 24.77 14.58 -12.09
CA LEU A 230 24.55 15.03 -10.72
C LEU A 230 24.43 13.89 -9.72
N THR A 231 23.81 12.80 -10.14
CA THR A 231 23.63 11.64 -9.28
C THR A 231 24.71 10.61 -9.54
N ASN A 232 25.79 11.07 -10.18
CA ASN A 232 26.92 10.24 -10.50
C ASN A 232 26.49 8.89 -11.06
N GLY A 233 25.73 8.94 -12.15
CA GLY A 233 25.27 7.75 -12.84
C GLY A 233 24.17 6.90 -12.20
N LYS A 234 23.77 7.21 -10.98
CA LYS A 234 22.74 6.42 -10.30
C LYS A 234 21.29 6.76 -10.64
N GLY A 235 21.01 8.03 -10.92
CA GLY A 235 19.65 8.42 -11.23
C GLY A 235 18.92 8.84 -9.97
N VAL A 236 17.62 9.09 -10.08
CA VAL A 236 16.86 9.51 -8.90
C VAL A 236 15.75 8.50 -8.58
N ASP A 237 15.24 8.56 -7.36
CA ASP A 237 14.19 7.64 -6.93
C ASP A 237 12.84 7.95 -7.53
N ARG A 238 12.54 9.23 -7.66
CA ARG A 238 11.23 9.64 -8.13
C ARG A 238 11.28 10.84 -9.06
N VAL A 239 10.29 10.92 -9.95
CA VAL A 239 10.20 12.03 -10.88
C VAL A 239 8.76 12.50 -10.90
N ILE A 240 8.54 13.79 -10.70
CA ILE A 240 7.18 14.33 -10.78
C ILE A 240 7.13 15.16 -12.07
N MET A 241 6.26 14.77 -13.00
CA MET A 241 6.11 15.50 -14.25
C MET A 241 5.05 16.57 -14.00
N ALA A 242 5.48 17.82 -13.96
CA ALA A 242 4.56 18.91 -13.69
C ALA A 242 4.28 19.79 -14.91
N GLY A 243 5.21 19.84 -15.85
CA GLY A 243 4.98 20.67 -17.03
C GLY A 243 5.88 20.33 -18.20
N GLY A 244 5.59 20.93 -19.35
CA GLY A 244 6.36 20.69 -20.56
C GLY A 244 5.61 19.80 -21.53
N GLY A 245 6.23 19.50 -22.66
CA GLY A 245 5.59 18.65 -23.64
C GLY A 245 5.56 17.19 -23.21
N SER A 246 4.97 16.34 -24.04
CA SER A 246 4.85 14.92 -23.74
C SER A 246 6.19 14.19 -23.74
N GLU A 247 7.20 14.76 -24.38
CA GLU A 247 8.51 14.12 -24.42
C GLU A 247 9.14 14.08 -23.03
N THR A 248 8.54 14.76 -22.07
CA THR A 248 9.08 14.74 -20.70
C THR A 248 8.93 13.34 -20.09
N LEU A 249 8.02 12.52 -20.61
CA LEU A 249 7.83 11.18 -20.07
C LEU A 249 9.09 10.36 -20.33
N SER A 250 9.62 10.48 -21.53
CA SER A 250 10.82 9.78 -21.93
C SER A 250 11.98 10.23 -21.06
N GLN A 251 12.04 11.54 -20.81
CA GLN A 251 13.08 12.11 -19.97
C GLN A 251 13.01 11.53 -18.57
N ALA A 252 11.79 11.45 -18.02
CA ALA A 252 11.58 10.91 -16.68
C ALA A 252 12.03 9.45 -16.60
N VAL A 253 11.68 8.66 -17.63
CA VAL A 253 12.03 7.25 -17.66
C VAL A 253 13.54 7.06 -17.69
N LYS A 254 14.23 7.94 -18.41
CA LYS A 254 15.67 7.84 -18.54
C LYS A 254 16.44 8.21 -17.28
N MET A 255 15.88 9.13 -16.50
CA MET A 255 16.56 9.56 -15.28
C MET A 255 16.15 8.80 -14.02
N VAL A 256 15.01 8.09 -14.05
CA VAL A 256 14.58 7.40 -12.85
C VAL A 256 15.25 6.02 -12.71
N LYS A 257 15.46 5.61 -11.46
CA LYS A 257 16.08 4.32 -11.18
C LYS A 257 15.12 3.17 -11.37
N PRO A 258 15.65 1.94 -11.54
CA PRO A 258 14.77 0.79 -11.70
C PRO A 258 14.03 0.75 -10.36
N GLY A 259 12.76 0.35 -10.37
CA GLY A 259 12.00 0.31 -9.12
C GLY A 259 11.43 1.67 -8.74
N GLY A 260 11.83 2.71 -9.46
CA GLY A 260 11.36 4.06 -9.17
C GLY A 260 9.94 4.33 -9.61
N ILE A 261 9.44 5.52 -9.30
CA ILE A 261 8.08 5.92 -9.65
C ILE A 261 8.03 7.28 -10.35
N ILE A 262 7.33 7.34 -11.48
CA ILE A 262 7.16 8.59 -12.22
C ILE A 262 5.72 9.02 -11.96
N SER A 263 5.56 10.23 -11.42
CA SER A 263 4.24 10.75 -11.08
C SER A 263 3.84 11.93 -11.96
N ASN A 264 2.89 11.71 -12.86
CA ASN A 264 2.43 12.77 -13.75
C ASN A 264 1.21 13.51 -13.25
N ILE A 265 1.32 14.83 -13.16
CA ILE A 265 0.19 15.66 -12.76
C ILE A 265 0.03 16.75 -13.80
N ASN A 266 0.79 16.60 -14.90
CA ASN A 266 0.75 17.54 -16.01
C ASN A 266 -0.42 17.18 -16.94
N TYR A 267 -1.19 18.18 -17.31
CA TYR A 267 -2.33 18.00 -18.21
C TYR A 267 -1.78 18.07 -19.63
N HIS A 268 -1.62 16.91 -20.28
CA HIS A 268 -1.09 16.88 -21.64
C HIS A 268 -2.22 17.18 -22.61
N GLY A 269 -2.14 18.36 -23.23
CA GLY A 269 -3.20 18.78 -24.12
C GLY A 269 -3.14 18.46 -25.61
N SER A 270 -2.01 18.00 -26.11
CA SER A 270 -1.95 17.70 -27.54
C SER A 270 -1.05 16.53 -27.87
N GLY A 271 -1.21 16.02 -29.09
CA GLY A 271 -0.42 14.90 -29.53
C GLY A 271 -1.23 13.64 -29.43
N ASP A 272 -0.93 12.68 -30.28
CA ASP A 272 -1.62 11.41 -30.30
C ASP A 272 -1.32 10.58 -29.06
N ALA A 273 -0.05 10.51 -28.69
CA ALA A 273 0.35 9.71 -27.55
C ALA A 273 1.58 10.24 -26.82
N LEU A 274 1.92 9.59 -25.71
CA LEU A 274 3.10 9.95 -24.93
C LEU A 274 4.04 8.76 -25.13
N LEU A 275 5.31 9.05 -25.40
CA LEU A 275 6.26 7.97 -25.67
C LEU A 275 7.09 7.46 -24.50
N ILE A 276 7.24 6.14 -24.43
CA ILE A 276 8.05 5.50 -23.40
C ILE A 276 9.24 4.85 -24.12
N PRO A 277 10.47 5.27 -23.79
CA PRO A 277 11.63 4.67 -24.44
C PRO A 277 11.79 3.22 -24.00
N ARG A 278 11.62 2.29 -24.94
CA ARG A 278 11.70 0.87 -24.66
C ARG A 278 12.94 0.41 -23.89
N VAL A 279 14.12 0.76 -24.40
CA VAL A 279 15.34 0.33 -23.74
C VAL A 279 15.44 0.77 -22.29
N GLU A 280 15.34 2.08 -22.07
CA GLU A 280 15.46 2.62 -20.71
C GLU A 280 14.34 2.21 -19.77
N TRP A 281 13.23 1.71 -20.31
CA TRP A 281 12.13 1.28 -19.45
C TRP A 281 12.38 -0.19 -19.15
N GLY A 282 13.63 -0.63 -19.39
CA GLY A 282 13.97 -2.02 -19.14
C GLY A 282 13.09 -2.97 -19.91
N CYS A 283 12.65 -2.55 -21.10
CA CYS A 283 11.79 -3.37 -21.93
C CYS A 283 10.49 -3.72 -21.21
N GLY A 284 10.16 -2.91 -20.21
CA GLY A 284 8.96 -3.10 -19.43
C GLY A 284 9.12 -3.99 -18.21
N MET A 285 10.37 -4.24 -17.81
CA MET A 285 10.63 -5.12 -16.66
C MET A 285 11.50 -4.49 -15.58
N ALA A 286 11.67 -3.17 -15.63
CA ALA A 286 12.51 -2.46 -14.68
C ALA A 286 11.77 -1.87 -13.46
N HIS A 287 10.50 -2.22 -13.31
CA HIS A 287 9.68 -1.72 -12.20
C HIS A 287 9.68 -0.20 -12.11
N LYS A 288 9.71 0.45 -13.28
CA LYS A 288 9.66 1.91 -13.34
C LYS A 288 8.17 2.23 -13.51
N THR A 289 7.48 2.35 -12.39
CA THR A 289 6.04 2.60 -12.38
C THR A 289 5.68 4.00 -12.89
N ILE A 290 4.62 4.07 -13.69
CA ILE A 290 4.16 5.35 -14.24
C ILE A 290 2.73 5.62 -13.77
N LYS A 291 2.56 6.72 -13.05
CA LYS A 291 1.24 7.11 -12.56
C LYS A 291 0.87 8.45 -13.20
N GLY A 292 -0.40 8.82 -13.12
CA GLY A 292 -0.85 10.08 -13.68
C GLY A 292 -2.27 10.33 -13.21
N GLY A 293 -2.47 11.36 -12.40
CA GLY A 293 -3.81 11.59 -11.91
C GLY A 293 -4.30 13.01 -11.70
N LEU A 294 -5.62 13.15 -11.77
CA LEU A 294 -6.32 14.41 -11.57
C LEU A 294 -6.30 14.72 -10.07
N CYS A 295 -6.14 15.99 -9.72
CA CYS A 295 -6.10 16.38 -8.32
C CYS A 295 -7.38 16.03 -7.57
N PRO A 296 -7.24 15.58 -6.31
CA PRO A 296 -8.39 15.22 -5.47
C PRO A 296 -9.17 16.50 -5.18
N GLY A 297 -10.45 16.35 -4.85
CA GLY A 297 -11.26 17.52 -4.54
C GLY A 297 -12.19 17.17 -3.40
N GLY A 298 -13.27 17.92 -3.24
CA GLY A 298 -14.21 17.63 -2.17
C GLY A 298 -13.88 18.34 -0.88
N ARG A 299 -14.85 18.35 0.03
CA ARG A 299 -14.68 19.02 1.31
C ARG A 299 -13.49 18.57 2.15
N LEU A 300 -13.36 17.26 2.38
CA LEU A 300 -12.25 16.77 3.19
C LEU A 300 -10.90 17.26 2.72
N ARG A 301 -10.62 17.07 1.43
CA ARG A 301 -9.36 17.51 0.86
C ARG A 301 -9.13 19.02 1.06
N ALA A 302 -10.14 19.83 0.77
CA ALA A 302 -10.01 21.27 0.92
C ALA A 302 -9.78 21.67 2.37
N GLU A 303 -10.47 21.03 3.31
CA GLU A 303 -10.30 21.35 4.73
C GLU A 303 -8.92 20.93 5.23
N ARG A 304 -8.44 19.78 4.78
CA ARG A 304 -7.11 19.31 5.19
C ARG A 304 -6.02 20.24 4.70
N LEU A 305 -6.11 20.64 3.43
CA LEU A 305 -5.13 21.53 2.83
C LEU A 305 -5.25 22.93 3.44
N ARG A 306 -6.49 23.36 3.68
CA ARG A 306 -6.74 24.65 4.29
C ARG A 306 -6.01 24.69 5.64
N ASP A 307 -6.20 23.62 6.42
CA ASP A 307 -5.57 23.55 7.73
C ASP A 307 -4.05 23.50 7.65
N MET A 308 -3.51 22.88 6.60
CA MET A 308 -2.05 22.85 6.45
C MET A 308 -1.55 24.28 6.25
N VAL A 309 -2.34 25.10 5.56
CA VAL A 309 -1.94 26.48 5.32
C VAL A 309 -2.04 27.27 6.62
N VAL A 310 -3.11 27.02 7.37
CA VAL A 310 -3.34 27.69 8.64
C VAL A 310 -2.19 27.41 9.61
N TYR A 311 -1.70 26.18 9.60
CA TYR A 311 -0.60 25.77 10.45
C TYR A 311 0.76 26.03 9.79
N ASN A 312 0.75 26.93 8.82
CA ASN A 312 1.95 27.32 8.08
C ASN A 312 2.86 26.19 7.61
N ARG A 313 2.28 25.12 7.07
CA ARG A 313 3.11 24.01 6.58
C ARG A 313 3.68 24.42 5.24
N VAL A 314 2.98 25.33 4.56
CA VAL A 314 3.41 25.83 3.27
C VAL A 314 2.95 27.28 3.15
N ASP A 315 3.74 28.10 2.48
CA ASP A 315 3.43 29.52 2.27
C ASP A 315 2.99 29.68 0.83
N LEU A 316 1.69 29.82 0.62
CA LEU A 316 1.14 29.95 -0.71
C LEU A 316 1.31 31.31 -1.36
N SER A 317 1.63 32.33 -0.55
CA SER A 317 1.78 33.69 -1.06
C SER A 317 2.82 33.84 -2.16
N LYS A 318 3.82 32.97 -2.18
CA LYS A 318 4.88 33.07 -3.18
C LYS A 318 4.41 32.70 -4.58
N LEU A 319 3.24 32.07 -4.68
CA LEU A 319 2.69 31.67 -5.96
C LEU A 319 2.03 32.83 -6.70
N VAL A 320 1.46 33.77 -5.95
CA VAL A 320 0.77 34.89 -6.58
C VAL A 320 1.70 36.05 -6.93
N THR A 321 1.98 36.19 -8.22
CA THR A 321 2.86 37.26 -8.70
C THR A 321 2.05 38.45 -9.22
N HIS A 322 0.81 38.21 -9.61
CA HIS A 322 -0.04 39.27 -10.14
C HIS A 322 -1.41 39.34 -9.50
N VAL A 323 -1.81 40.52 -9.06
CA VAL A 323 -3.11 40.71 -8.45
C VAL A 323 -3.87 41.83 -9.17
N TYR A 324 -5.12 41.56 -9.52
CA TYR A 324 -5.97 42.52 -10.21
C TYR A 324 -7.26 42.71 -9.41
N HIS A 325 -7.85 43.90 -9.51
CA HIS A 325 -9.10 44.18 -8.82
C HIS A 325 -10.16 44.54 -9.84
N GLY A 326 -11.21 43.73 -9.91
CA GLY A 326 -12.27 43.98 -10.88
C GLY A 326 -12.53 42.78 -11.75
N PHE A 327 -13.79 42.34 -11.76
CA PHE A 327 -14.22 41.18 -12.54
C PHE A 327 -13.73 41.23 -13.99
N ASP A 328 -13.70 42.43 -14.56
CA ASP A 328 -13.26 42.61 -15.95
C ASP A 328 -11.83 42.22 -16.29
N HIS A 329 -10.95 42.24 -15.29
CA HIS A 329 -9.55 41.89 -15.52
C HIS A 329 -9.35 40.42 -15.85
N ILE A 330 -10.38 39.60 -15.60
CA ILE A 330 -10.28 38.17 -15.88
C ILE A 330 -9.74 37.90 -17.28
N GLU A 331 -10.21 38.68 -18.25
CA GLU A 331 -9.77 38.51 -19.63
C GLU A 331 -8.26 38.70 -19.78
N GLU A 332 -7.77 39.82 -19.29
CA GLU A 332 -6.34 40.12 -19.35
C GLU A 332 -5.51 39.07 -18.62
N ALA A 333 -5.94 38.73 -17.41
CA ALA A 333 -5.23 37.73 -16.60
C ALA A 333 -5.14 36.39 -17.32
N LEU A 334 -6.26 35.89 -17.84
CA LEU A 334 -6.28 34.62 -18.54
C LEU A 334 -5.32 34.65 -19.73
N LEU A 335 -5.21 35.81 -20.37
CA LEU A 335 -4.31 35.93 -21.51
C LEU A 335 -2.85 35.85 -21.08
N LEU A 336 -2.56 36.28 -19.85
CA LEU A 336 -1.19 36.21 -19.36
C LEU A 336 -0.76 34.75 -19.26
N MET A 337 -1.69 33.87 -18.91
CA MET A 337 -1.37 32.45 -18.82
C MET A 337 -1.00 31.94 -20.20
N LYS A 338 -1.43 32.68 -21.21
CA LYS A 338 -1.16 32.34 -22.61
C LYS A 338 0.19 32.91 -23.03
N ASP A 339 0.44 34.16 -22.66
CA ASP A 339 1.67 34.85 -22.99
C ASP A 339 2.82 34.36 -22.11
N LYS A 340 2.55 34.24 -20.81
CA LYS A 340 3.52 33.77 -19.84
C LYS A 340 4.73 34.69 -19.70
N PRO A 341 4.52 35.92 -19.19
CA PRO A 341 5.66 36.82 -19.02
C PRO A 341 6.59 36.19 -17.98
N LYS A 342 7.89 36.43 -18.11
CA LYS A 342 8.87 35.86 -17.21
C LYS A 342 8.67 36.14 -15.72
N ASP A 343 7.90 37.17 -15.39
CA ASP A 343 7.67 37.50 -13.98
C ASP A 343 6.36 36.95 -13.43
N LEU A 344 5.68 36.11 -14.21
CA LEU A 344 4.42 35.56 -13.76
C LEU A 344 4.48 34.12 -13.29
N ILE A 345 3.72 33.82 -12.24
CA ILE A 345 3.60 32.47 -11.72
C ILE A 345 2.10 32.26 -11.74
N LYS A 346 1.38 32.97 -10.87
CA LYS A 346 -0.08 32.89 -10.83
C LYS A 346 -0.69 34.29 -10.64
N ALA A 347 -1.84 34.51 -11.27
CA ALA A 347 -2.51 35.80 -11.16
C ALA A 347 -3.86 35.58 -10.50
N VAL A 348 -4.25 36.50 -9.64
CA VAL A 348 -5.53 36.42 -8.96
C VAL A 348 -6.32 37.70 -9.24
N VAL A 349 -7.60 37.52 -9.55
CA VAL A 349 -8.47 38.66 -9.80
C VAL A 349 -9.42 38.72 -8.61
N ILE A 350 -9.38 39.82 -7.86
CA ILE A 350 -10.27 39.98 -6.72
C ILE A 350 -11.40 40.89 -7.20
N LEU A 351 -12.63 40.39 -7.09
CA LEU A 351 -13.80 41.14 -7.52
C LEU A 351 -14.17 42.25 -6.53
N MET B 1 33.41 -29.64 -19.85
CA MET B 1 31.96 -29.65 -19.69
C MET B 1 31.27 -29.19 -20.97
N LYS B 2 30.19 -29.87 -21.35
CA LYS B 2 29.46 -29.48 -22.56
C LYS B 2 28.13 -28.81 -22.22
N GLY B 3 27.65 -27.97 -23.13
CA GLY B 3 26.39 -27.28 -22.91
C GLY B 3 25.91 -26.50 -24.13
N PHE B 4 24.64 -26.64 -24.45
CA PHE B 4 24.04 -25.96 -25.60
C PHE B 4 24.10 -24.45 -25.40
N ALA B 5 24.89 -23.77 -26.23
CA ALA B 5 25.05 -22.32 -26.10
C ALA B 5 24.78 -21.56 -27.39
N MET B 6 24.79 -20.24 -27.28
CA MET B 6 24.58 -19.37 -28.44
C MET B 6 25.93 -19.09 -29.08
N LEU B 7 26.26 -19.86 -30.11
CA LEU B 7 27.53 -19.68 -30.81
C LEU B 7 27.61 -18.22 -31.22
N GLY B 8 26.48 -17.72 -31.76
CA GLY B 8 26.40 -16.34 -32.20
C GLY B 8 25.00 -16.10 -32.73
N ILE B 9 24.79 -14.95 -33.37
CA ILE B 9 23.48 -14.64 -33.92
C ILE B 9 22.97 -15.75 -34.83
N ASN B 10 21.74 -16.19 -34.59
CA ASN B 10 21.12 -17.23 -35.41
C ASN B 10 21.91 -18.54 -35.39
N LYS B 11 22.89 -18.63 -34.47
CA LYS B 11 23.71 -19.84 -34.35
C LYS B 11 23.62 -20.50 -32.98
N LEU B 12 23.25 -21.79 -32.99
CA LEU B 12 23.14 -22.56 -31.76
C LEU B 12 23.90 -23.87 -31.91
N GLY B 13 24.42 -24.38 -30.79
CA GLY B 13 25.16 -25.63 -30.84
C GLY B 13 25.87 -25.93 -29.54
N TRP B 14 26.12 -27.21 -29.29
CA TRP B 14 26.83 -27.62 -28.08
C TRP B 14 28.26 -27.14 -28.15
N ILE B 15 28.85 -26.84 -26.99
CA ILE B 15 30.23 -26.38 -26.92
C ILE B 15 30.92 -26.94 -25.68
N GLU B 16 32.25 -26.82 -25.65
CA GLU B 16 33.04 -27.29 -24.52
C GLU B 16 33.53 -26.11 -23.70
N LYS B 17 33.18 -26.09 -22.42
CA LYS B 17 33.60 -25.01 -21.53
C LYS B 17 34.04 -25.58 -20.19
N GLU B 18 34.94 -24.88 -19.52
CA GLU B 18 35.43 -25.36 -18.24
C GLU B 18 34.33 -25.29 -17.19
N ARG B 19 34.28 -26.30 -16.32
CA ARG B 19 33.28 -26.34 -15.28
C ARG B 19 33.47 -25.14 -14.34
N PRO B 20 32.38 -24.40 -14.07
CA PRO B 20 32.47 -23.24 -13.19
C PRO B 20 32.79 -23.64 -11.75
N VAL B 21 33.69 -22.91 -11.11
CA VAL B 21 34.06 -23.20 -9.74
C VAL B 21 33.15 -22.40 -8.82
N ALA B 22 32.92 -22.92 -7.62
CA ALA B 22 32.06 -22.26 -6.67
C ALA B 22 32.84 -21.34 -5.75
N GLY B 23 32.24 -20.21 -5.41
CA GLY B 23 32.86 -19.28 -4.49
C GLY B 23 32.44 -19.74 -3.12
N SER B 24 32.97 -19.09 -2.08
CA SER B 24 32.64 -19.47 -0.71
C SER B 24 31.15 -19.60 -0.39
N TYR B 25 30.32 -18.82 -1.06
CA TYR B 25 28.89 -18.87 -0.79
C TYR B 25 28.08 -19.45 -1.93
N ASP B 26 28.76 -19.98 -2.93
CA ASP B 26 28.05 -20.52 -4.09
C ASP B 26 27.89 -22.02 -4.11
N ALA B 27 27.13 -22.49 -5.09
CA ALA B 27 26.89 -23.92 -5.25
C ALA B 27 26.91 -24.25 -6.73
N ILE B 28 27.44 -25.41 -7.06
CA ILE B 28 27.46 -25.86 -8.44
C ILE B 28 26.32 -26.85 -8.51
N VAL B 29 25.51 -26.78 -9.56
CA VAL B 29 24.39 -27.67 -9.71
C VAL B 29 24.38 -28.36 -11.06
N ARG B 30 23.87 -29.60 -11.09
CA ARG B 30 23.76 -30.32 -12.35
C ARG B 30 22.26 -30.48 -12.58
N PRO B 31 21.77 -30.11 -13.77
CA PRO B 31 20.35 -30.21 -14.09
C PRO B 31 19.72 -31.59 -14.10
N LEU B 32 18.50 -31.68 -13.55
CA LEU B 32 17.75 -32.92 -13.52
C LEU B 32 16.63 -32.78 -14.56
N ALA B 33 16.22 -31.53 -14.81
CA ALA B 33 15.18 -31.20 -15.77
C ALA B 33 15.30 -29.71 -16.09
N VAL B 34 15.12 -29.37 -17.37
CA VAL B 34 15.22 -27.98 -17.80
C VAL B 34 14.13 -27.65 -18.81
N SER B 35 13.97 -26.37 -19.12
CA SER B 35 12.93 -25.96 -20.07
C SER B 35 13.34 -24.74 -20.87
N PRO B 36 13.19 -24.80 -22.20
CA PRO B 36 13.55 -23.66 -23.06
C PRO B 36 12.51 -22.56 -22.88
N CYS B 37 12.96 -21.31 -22.97
CA CYS B 37 12.06 -20.17 -22.80
C CYS B 37 12.01 -19.31 -24.05
N THR B 38 10.89 -18.61 -24.22
CA THR B 38 10.72 -17.74 -25.38
C THR B 38 11.83 -16.69 -25.36
N SER B 39 12.36 -16.42 -24.18
CA SER B 39 13.44 -15.44 -24.06
C SER B 39 14.76 -16.01 -24.58
N ASP B 40 14.88 -17.34 -24.60
CA ASP B 40 16.10 -17.97 -25.11
C ASP B 40 16.09 -17.73 -26.62
N ILE B 41 14.94 -17.98 -27.24
CA ILE B 41 14.76 -17.82 -28.68
C ILE B 41 14.96 -16.39 -29.15
N HIS B 42 14.63 -15.43 -28.29
CA HIS B 42 14.77 -14.02 -28.65
C HIS B 42 16.19 -13.50 -28.49
N THR B 43 16.92 -14.04 -27.51
CA THR B 43 18.30 -13.61 -27.30
C THR B 43 19.16 -14.02 -28.48
N VAL B 44 18.84 -15.17 -29.07
CA VAL B 44 19.58 -15.70 -30.20
C VAL B 44 19.06 -15.21 -31.56
N PHE B 45 17.87 -15.66 -31.93
CA PHE B 45 17.27 -15.29 -33.21
C PHE B 45 16.79 -13.84 -33.33
N GLU B 46 16.99 -13.03 -32.29
CA GLU B 46 16.57 -11.63 -32.32
C GLU B 46 17.59 -10.70 -31.67
N GLY B 47 18.68 -11.27 -31.17
CA GLY B 47 19.70 -10.46 -30.53
C GLY B 47 19.15 -9.54 -29.47
N ALA B 48 18.06 -9.97 -28.81
CA ALA B 48 17.42 -9.18 -27.76
C ALA B 48 18.37 -8.95 -26.60
N LEU B 49 19.57 -9.53 -26.70
CA LEU B 49 20.58 -9.40 -25.66
C LEU B 49 21.92 -9.09 -26.34
N GLY B 50 21.87 -8.26 -27.37
CA GLY B 50 23.06 -7.90 -28.09
C GLY B 50 23.75 -9.13 -28.66
N ASP B 51 25.06 -9.19 -28.52
CA ASP B 51 25.82 -10.33 -29.01
C ASP B 51 26.53 -11.01 -27.85
N ARG B 52 26.36 -12.33 -27.76
CA ARG B 52 26.99 -13.11 -26.69
C ARG B 52 27.92 -14.13 -27.34
N LYS B 53 29.17 -14.16 -26.89
CA LYS B 53 30.14 -15.12 -27.41
C LYS B 53 30.05 -16.40 -26.57
N ASN B 54 29.65 -17.50 -27.21
CA ASN B 54 29.55 -18.79 -26.54
C ASN B 54 28.89 -18.74 -25.16
N MET B 55 27.66 -18.26 -25.09
CA MET B 55 26.96 -18.20 -23.82
C MET B 55 26.00 -19.37 -23.73
N ILE B 56 26.17 -20.19 -22.70
CA ILE B 56 25.29 -21.33 -22.52
C ILE B 56 23.92 -20.76 -22.17
N LEU B 57 22.90 -21.25 -22.86
CA LEU B 57 21.54 -20.76 -22.65
C LEU B 57 20.75 -21.48 -21.58
N GLY B 58 19.51 -21.02 -21.37
CA GLY B 58 18.63 -21.60 -20.38
C GLY B 58 18.68 -20.96 -19.02
N HIS B 59 17.53 -20.89 -18.34
CA HIS B 59 17.47 -20.31 -17.01
C HIS B 59 16.30 -20.89 -16.24
N GLU B 60 15.82 -22.03 -16.70
CA GLU B 60 14.71 -22.72 -16.07
C GLU B 60 15.11 -24.16 -15.82
N ALA B 61 15.34 -24.49 -14.55
CA ALA B 61 15.76 -25.84 -14.22
C ALA B 61 15.64 -26.18 -12.75
N VAL B 62 15.61 -27.47 -12.46
CA VAL B 62 15.57 -27.98 -11.10
C VAL B 62 16.72 -28.99 -11.14
N GLY B 63 17.44 -29.20 -10.04
CA GLY B 63 18.54 -30.13 -10.12
C GLY B 63 19.12 -30.65 -8.82
N GLU B 64 20.32 -31.20 -8.92
CA GLU B 64 21.02 -31.74 -7.76
C GLU B 64 22.29 -30.97 -7.47
N VAL B 65 22.44 -30.53 -6.23
CA VAL B 65 23.65 -29.81 -5.85
C VAL B 65 24.78 -30.83 -5.88
N VAL B 66 25.92 -30.46 -6.46
CA VAL B 66 27.06 -31.37 -6.52
C VAL B 66 28.27 -30.81 -5.78
N GLU B 67 28.27 -29.50 -5.53
CA GLU B 67 29.37 -28.82 -4.85
C GLU B 67 28.89 -27.54 -4.18
N VAL B 68 29.49 -27.19 -3.03
CA VAL B 68 29.12 -25.95 -2.33
C VAL B 68 30.38 -25.33 -1.72
N GLY B 69 30.35 -24.01 -1.59
CA GLY B 69 31.48 -23.29 -1.02
C GLY B 69 31.56 -23.49 0.46
N SER B 70 32.72 -23.18 1.03
CA SER B 70 32.98 -23.35 2.45
C SER B 70 32.01 -22.64 3.38
N GLU B 71 31.41 -21.54 2.93
CA GLU B 71 30.48 -20.79 3.78
C GLU B 71 28.99 -21.11 3.59
N VAL B 72 28.69 -22.07 2.73
CA VAL B 72 27.30 -22.46 2.49
C VAL B 72 26.86 -23.33 3.67
N LYS B 73 25.77 -22.95 4.32
CA LYS B 73 25.28 -23.68 5.49
C LYS B 73 23.96 -24.43 5.37
N ASP B 74 23.10 -24.06 4.42
CA ASP B 74 21.82 -24.74 4.29
C ASP B 74 21.71 -25.77 3.18
N PHE B 75 22.71 -25.83 2.30
CA PHE B 75 22.67 -26.81 1.22
C PHE B 75 23.97 -27.58 1.11
N LYS B 76 23.89 -28.77 0.53
CA LYS B 76 25.07 -29.65 0.39
C LYS B 76 24.90 -30.56 -0.82
N PRO B 77 25.99 -31.22 -1.26
CA PRO B 77 25.92 -32.13 -2.41
C PRO B 77 24.87 -33.20 -2.16
N GLY B 78 24.10 -33.53 -3.21
CA GLY B 78 23.06 -34.52 -3.05
C GLY B 78 21.68 -33.89 -2.88
N ASP B 79 21.64 -32.64 -2.41
CA ASP B 79 20.35 -31.97 -2.25
C ASP B 79 19.68 -31.77 -3.60
N ARG B 80 18.37 -31.91 -3.66
CA ARG B 80 17.63 -31.71 -4.90
C ARG B 80 17.03 -30.31 -4.74
N VAL B 81 17.20 -29.45 -5.74
CA VAL B 81 16.70 -28.09 -5.59
C VAL B 81 15.95 -27.47 -6.76
N ILE B 82 15.10 -26.51 -6.40
CA ILE B 82 14.36 -25.74 -7.39
C ILE B 82 15.21 -24.48 -7.51
N VAL B 83 15.54 -24.10 -8.74
CA VAL B 83 16.36 -22.93 -8.96
C VAL B 83 15.56 -21.78 -9.59
N PRO B 84 15.18 -20.77 -8.80
CA PRO B 84 14.43 -19.65 -9.39
C PRO B 84 15.29 -19.02 -10.49
N CYS B 85 14.69 -18.60 -11.60
CA CYS B 85 15.48 -18.03 -12.70
C CYS B 85 16.19 -16.74 -12.30
N THR B 86 15.63 -16.05 -11.32
CA THR B 86 16.21 -14.81 -10.83
C THR B 86 16.99 -15.15 -9.55
N THR B 87 18.30 -14.95 -9.58
CA THR B 87 19.17 -15.25 -8.42
C THR B 87 19.97 -13.99 -8.13
N PRO B 88 19.38 -13.04 -7.42
CA PRO B 88 20.09 -11.80 -7.12
C PRO B 88 21.17 -11.80 -6.06
N ASP B 89 21.96 -10.73 -6.07
CA ASP B 89 23.00 -10.55 -5.08
C ASP B 89 22.20 -9.89 -3.97
N TRP B 90 22.11 -10.55 -2.83
CA TRP B 90 21.33 -10.00 -1.74
C TRP B 90 21.97 -8.85 -0.98
N ARG B 91 23.28 -8.69 -1.13
CA ARG B 91 23.98 -7.60 -0.47
C ARG B 91 24.13 -6.42 -1.44
N SER B 92 23.08 -5.59 -1.53
CA SER B 92 23.12 -4.43 -2.41
C SER B 92 22.12 -3.39 -1.91
N LEU B 93 22.30 -2.15 -2.33
CA LEU B 93 21.39 -1.10 -1.90
C LEU B 93 20.02 -1.24 -2.56
N GLU B 94 19.98 -1.82 -3.76
CA GLU B 94 18.69 -2.01 -4.44
C GLU B 94 17.84 -2.94 -3.59
N VAL B 95 18.49 -3.94 -2.97
CA VAL B 95 17.79 -4.88 -2.10
C VAL B 95 17.32 -4.12 -0.86
N GLN B 96 18.19 -3.29 -0.30
CA GLN B 96 17.79 -2.53 0.86
C GLN B 96 16.64 -1.61 0.47
N ALA B 97 16.59 -1.21 -0.80
CA ALA B 97 15.52 -0.32 -1.29
C ALA B 97 14.24 -1.04 -1.69
N GLY B 98 14.25 -2.38 -1.63
CA GLY B 98 13.07 -3.15 -1.97
C GLY B 98 12.95 -3.79 -3.35
N PHE B 99 14.04 -3.79 -4.12
CA PHE B 99 13.99 -4.36 -5.45
C PHE B 99 15.12 -5.34 -5.77
N GLN B 100 14.96 -6.58 -5.29
CA GLN B 100 15.94 -7.64 -5.51
C GLN B 100 16.26 -7.87 -6.99
N GLN B 101 15.23 -7.76 -7.82
CA GLN B 101 15.38 -7.99 -9.25
C GLN B 101 16.43 -7.09 -9.93
N HIS B 102 16.68 -5.93 -9.34
CA HIS B 102 17.63 -4.98 -9.91
C HIS B 102 18.87 -4.76 -9.05
N SER B 103 19.22 -5.77 -8.26
CA SER B 103 20.39 -5.70 -7.40
C SER B 103 21.65 -5.51 -8.24
N ASN B 104 22.37 -4.43 -7.99
CA ASN B 104 23.59 -4.10 -8.73
C ASN B 104 23.31 -3.76 -10.20
N GLY B 105 22.11 -3.32 -10.51
CA GLY B 105 21.82 -2.98 -11.89
C GLY B 105 20.45 -3.40 -12.40
N MET B 106 19.97 -2.71 -13.43
CA MET B 106 18.67 -2.98 -14.02
C MET B 106 18.63 -4.42 -14.53
N LEU B 107 17.65 -5.17 -14.01
CA LEU B 107 17.45 -6.59 -14.34
C LEU B 107 18.67 -7.46 -14.05
N ALA B 108 19.59 -6.97 -13.22
CA ALA B 108 20.80 -7.74 -12.92
C ALA B 108 20.53 -8.96 -12.04
N GLY B 109 19.34 -9.02 -11.47
CA GLY B 109 19.01 -10.17 -10.65
C GLY B 109 18.88 -11.41 -11.52
N TRP B 110 18.58 -11.18 -12.80
CA TRP B 110 18.43 -12.27 -13.76
C TRP B 110 19.80 -12.49 -14.40
N LYS B 111 20.48 -13.55 -13.98
CA LYS B 111 21.83 -13.84 -14.49
C LYS B 111 21.93 -14.93 -15.54
N PHE B 112 21.32 -16.08 -15.27
CA PHE B 112 21.37 -17.20 -16.20
C PHE B 112 21.07 -16.80 -17.64
N SER B 113 22.05 -17.01 -18.52
CA SER B 113 21.92 -16.69 -19.94
C SER B 113 21.62 -15.21 -20.20
N ASN B 114 22.32 -14.35 -19.47
CA ASN B 114 22.15 -12.91 -19.62
C ASN B 114 23.53 -12.29 -19.57
N PHE B 115 24.36 -12.82 -18.69
CA PHE B 115 25.73 -12.39 -18.51
C PHE B 115 26.42 -13.43 -17.63
N LYS B 116 25.81 -14.61 -17.61
CA LYS B 116 26.30 -15.75 -16.85
C LYS B 116 25.79 -16.98 -17.60
N ASP B 117 26.65 -17.98 -17.78
CA ASP B 117 26.22 -19.18 -18.48
C ASP B 117 24.94 -19.72 -17.87
N GLY B 118 24.07 -20.22 -18.74
CA GLY B 118 22.78 -20.75 -18.31
C GLY B 118 22.78 -22.17 -17.78
N VAL B 119 21.57 -22.73 -17.66
CA VAL B 119 21.39 -24.06 -17.12
C VAL B 119 21.42 -25.20 -18.12
N PHE B 120 21.58 -24.88 -19.41
CA PHE B 120 21.65 -25.92 -20.44
C PHE B 120 23.09 -26.43 -20.52
N GLY B 121 23.60 -26.91 -19.39
CA GLY B 121 24.96 -27.44 -19.35
C GLY B 121 25.00 -28.56 -18.34
N GLU B 122 26.02 -29.41 -18.40
CA GLU B 122 26.14 -30.51 -17.47
C GLU B 122 26.14 -29.98 -16.04
N TYR B 123 26.68 -28.78 -15.87
CA TYR B 123 26.73 -28.15 -14.56
C TYR B 123 26.53 -26.66 -14.74
N PHE B 124 26.02 -25.99 -13.71
CA PHE B 124 25.86 -24.55 -13.76
C PHE B 124 26.09 -23.96 -12.38
N HIS B 125 26.43 -22.69 -12.37
CA HIS B 125 26.74 -21.95 -11.16
C HIS B 125 25.57 -21.19 -10.54
N VAL B 126 25.41 -21.32 -9.23
CA VAL B 126 24.35 -20.60 -8.52
C VAL B 126 25.01 -19.73 -7.45
N ASN B 127 24.88 -18.41 -7.58
CA ASN B 127 25.44 -17.49 -6.59
C ASN B 127 24.63 -17.50 -5.30
N ASP B 128 25.33 -17.45 -4.17
CA ASP B 128 24.73 -17.43 -2.83
C ASP B 128 23.65 -18.51 -2.71
N ALA B 129 24.10 -19.75 -2.57
CA ALA B 129 23.22 -20.90 -2.46
C ALA B 129 22.18 -20.81 -1.35
N ASP B 130 22.60 -20.38 -0.16
CA ASP B 130 21.69 -20.28 0.96
C ASP B 130 20.53 -19.31 0.73
N MET B 131 20.75 -18.28 -0.09
CA MET B 131 19.71 -17.29 -0.35
C MET B 131 18.94 -17.48 -1.65
N ASN B 132 19.48 -18.28 -2.58
CA ASN B 132 18.82 -18.46 -3.87
C ASN B 132 18.36 -19.86 -4.27
N LEU B 133 18.33 -20.80 -3.33
CA LEU B 133 17.87 -22.14 -3.66
C LEU B 133 16.77 -22.59 -2.72
N ALA B 134 15.98 -23.56 -3.17
CA ALA B 134 14.90 -24.14 -2.37
C ALA B 134 14.89 -25.64 -2.64
N ILE B 135 14.75 -26.44 -1.59
CA ILE B 135 14.73 -27.88 -1.74
C ILE B 135 13.55 -28.35 -2.58
N LEU B 136 13.82 -29.28 -3.49
CA LEU B 136 12.77 -29.85 -4.36
C LEU B 136 12.06 -30.95 -3.58
N PRO B 137 10.74 -30.81 -3.37
CA PRO B 137 9.99 -31.83 -2.63
C PRO B 137 10.20 -33.21 -3.25
N LYS B 138 10.28 -34.21 -2.38
CA LYS B 138 10.48 -35.60 -2.77
C LYS B 138 9.60 -36.10 -3.91
N ASP B 139 8.29 -36.05 -3.71
CA ASP B 139 7.37 -36.56 -4.72
C ASP B 139 6.79 -35.55 -5.71
N MET B 140 7.52 -34.46 -5.97
CA MET B 140 7.03 -33.47 -6.92
C MET B 140 7.55 -33.81 -8.32
N PRO B 141 6.63 -34.02 -9.29
CA PRO B 141 7.07 -34.34 -10.64
C PRO B 141 8.02 -33.25 -11.13
N LEU B 142 9.12 -33.65 -11.75
CA LEU B 142 10.12 -32.71 -12.23
C LEU B 142 9.63 -31.68 -13.25
N GLU B 143 8.72 -32.09 -14.13
CA GLU B 143 8.21 -31.18 -15.15
C GLU B 143 7.47 -30.03 -14.50
N ASN B 144 6.66 -30.34 -13.49
CA ASN B 144 5.88 -29.31 -12.81
C ASN B 144 6.80 -28.37 -12.05
N ALA B 145 7.80 -28.93 -11.38
CA ALA B 145 8.75 -28.15 -10.60
C ALA B 145 9.47 -27.11 -11.46
N VAL B 146 9.84 -27.48 -12.67
CA VAL B 146 10.54 -26.55 -13.56
C VAL B 146 9.66 -25.34 -13.90
N MET B 147 8.35 -25.55 -13.93
CA MET B 147 7.41 -24.47 -14.25
C MET B 147 7.42 -23.39 -13.16
N ILE B 148 7.96 -23.72 -11.99
CA ILE B 148 8.03 -22.76 -10.88
C ILE B 148 9.10 -21.70 -11.12
N THR B 149 10.24 -22.14 -11.63
CA THR B 149 11.39 -21.28 -11.83
C THR B 149 11.16 -19.99 -12.61
N ASP B 150 10.19 -19.98 -13.53
CA ASP B 150 9.93 -18.76 -14.28
C ASP B 150 8.47 -18.54 -14.64
N MET B 151 7.81 -19.53 -15.22
CA MET B 151 6.42 -19.34 -15.61
C MET B 151 5.50 -18.95 -14.44
N MET B 152 5.59 -19.68 -13.34
CA MET B 152 4.75 -19.39 -12.19
C MET B 152 5.10 -18.07 -11.51
N THR B 153 6.38 -17.86 -11.21
CA THR B 153 6.79 -16.64 -10.56
C THR B 153 6.53 -15.39 -11.40
N THR B 154 6.67 -15.50 -12.71
CA THR B 154 6.44 -14.36 -13.59
C THR B 154 4.94 -14.07 -13.73
N GLY B 155 4.17 -15.11 -14.04
CA GLY B 155 2.74 -14.95 -14.18
C GLY B 155 2.11 -14.45 -12.90
N PHE B 156 2.52 -15.03 -11.76
CA PHE B 156 1.98 -14.62 -10.46
C PHE B 156 2.41 -13.19 -10.15
N HIS B 157 3.61 -12.82 -10.55
CA HIS B 157 4.09 -11.46 -10.32
C HIS B 157 3.24 -10.46 -11.11
N GLY B 158 2.72 -10.89 -12.24
CA GLY B 158 1.87 -10.01 -13.03
C GLY B 158 0.61 -9.73 -12.22
N ALA B 159 0.09 -10.78 -11.58
CA ALA B 159 -1.12 -10.66 -10.77
C ALA B 159 -0.84 -9.84 -9.51
N GLU B 160 0.36 -9.97 -8.95
CA GLU B 160 0.74 -9.22 -7.76
C GLU B 160 0.86 -7.74 -8.06
N LEU B 161 1.57 -7.40 -9.15
CA LEU B 161 1.73 -6.01 -9.53
C LEU B 161 0.39 -5.36 -9.84
N ALA B 162 -0.54 -6.15 -10.35
CA ALA B 162 -1.85 -5.64 -10.71
C ALA B 162 -2.65 -5.19 -9.47
N ASP B 163 -2.23 -5.62 -8.28
CA ASP B 163 -2.91 -5.24 -7.05
C ASP B 163 -4.42 -5.45 -7.22
N ILE B 164 -4.76 -6.70 -7.51
CA ILE B 164 -6.12 -7.14 -7.74
C ILE B 164 -6.96 -7.15 -6.47
N GLU B 165 -8.21 -6.74 -6.60
CA GLU B 165 -9.15 -6.70 -5.50
C GLU B 165 -10.15 -7.83 -5.70
N MET B 166 -10.82 -8.21 -4.62
CA MET B 166 -11.81 -9.28 -4.66
C MET B 166 -12.97 -8.90 -5.58
N GLY B 167 -13.19 -9.69 -6.62
CA GLY B 167 -14.26 -9.40 -7.55
C GLY B 167 -13.84 -8.53 -8.71
N SER B 168 -12.57 -8.12 -8.75
CA SER B 168 -12.04 -7.28 -9.83
C SER B 168 -12.18 -7.99 -11.18
N SER B 169 -12.39 -7.22 -12.25
CA SER B 169 -12.48 -7.81 -13.58
C SER B 169 -11.04 -7.69 -14.12
N VAL B 170 -10.54 -8.75 -14.72
CA VAL B 170 -9.17 -8.77 -15.22
C VAL B 170 -9.05 -9.27 -16.64
N VAL B 171 -8.23 -8.59 -17.44
CA VAL B 171 -7.97 -9.01 -18.81
C VAL B 171 -6.50 -9.41 -18.88
N VAL B 172 -6.23 -10.60 -19.39
CA VAL B 172 -4.85 -11.03 -19.54
C VAL B 172 -4.61 -11.12 -21.03
N ILE B 173 -3.76 -10.25 -21.55
CA ILE B 173 -3.46 -10.24 -22.97
C ILE B 173 -2.29 -11.16 -23.24
N GLY B 174 -2.58 -12.28 -23.91
CA GLY B 174 -1.56 -13.26 -24.21
C GLY B 174 -1.74 -14.46 -23.29
N ILE B 175 -2.00 -15.62 -23.88
CA ILE B 175 -2.20 -16.82 -23.09
C ILE B 175 -1.18 -17.91 -23.33
N GLY B 176 0.08 -17.50 -23.48
CA GLY B 176 1.17 -18.46 -23.60
C GLY B 176 1.35 -18.87 -22.14
N ALA B 177 2.38 -19.65 -21.85
CA ALA B 177 2.63 -20.10 -20.48
C ALA B 177 2.63 -18.99 -19.43
N VAL B 178 3.24 -17.85 -19.73
CA VAL B 178 3.29 -16.75 -18.78
C VAL B 178 1.88 -16.17 -18.54
N GLY B 179 1.12 -15.98 -19.62
CA GLY B 179 -0.24 -15.47 -19.50
C GLY B 179 -1.16 -16.43 -18.75
N LEU B 180 -0.93 -17.72 -18.90
CA LEU B 180 -1.74 -18.73 -18.22
C LEU B 180 -1.50 -18.64 -16.71
N MET B 181 -0.25 -18.38 -16.33
CA MET B 181 0.06 -18.24 -14.92
C MET B 181 -0.45 -16.88 -14.43
N GLY B 182 -0.61 -15.95 -15.37
CA GLY B 182 -1.15 -14.64 -15.02
C GLY B 182 -2.63 -14.84 -14.70
N ILE B 183 -3.29 -15.70 -15.49
CA ILE B 183 -4.69 -16.00 -15.29
C ILE B 183 -4.84 -16.73 -13.94
N ALA B 184 -4.04 -17.76 -13.72
CA ALA B 184 -4.10 -18.50 -12.46
C ALA B 184 -3.83 -17.57 -11.27
N GLY B 185 -2.81 -16.74 -11.41
CA GLY B 185 -2.47 -15.80 -10.34
C GLY B 185 -3.59 -14.82 -10.06
N ALA B 186 -4.28 -14.35 -11.09
CA ALA B 186 -5.37 -13.40 -10.91
C ALA B 186 -6.52 -14.07 -10.17
N LYS B 187 -6.79 -15.33 -10.50
CA LYS B 187 -7.85 -16.07 -9.82
C LYS B 187 -7.42 -16.23 -8.35
N LEU B 188 -6.11 -16.41 -8.14
CA LEU B 188 -5.60 -16.59 -6.79
C LEU B 188 -5.48 -15.28 -6.00
N ARG B 189 -5.88 -14.17 -6.60
CA ARG B 189 -5.88 -12.89 -5.92
C ARG B 189 -7.33 -12.46 -5.76
N GLY B 190 -8.23 -13.36 -6.15
CA GLY B 190 -9.66 -13.13 -6.01
C GLY B 190 -10.43 -12.49 -7.14
N ALA B 191 -9.84 -12.45 -8.32
CA ALA B 191 -10.53 -11.82 -9.45
C ALA B 191 -11.85 -12.51 -9.73
N GLY B 192 -12.81 -11.74 -10.24
CA GLY B 192 -14.09 -12.29 -10.59
C GLY B 192 -13.96 -12.69 -12.04
N ARG B 193 -14.31 -11.79 -12.95
CA ARG B 193 -14.22 -12.06 -14.36
C ARG B 193 -12.78 -11.98 -14.87
N ILE B 194 -12.35 -13.00 -15.61
CA ILE B 194 -11.01 -13.03 -16.19
C ILE B 194 -11.14 -13.32 -17.68
N ILE B 195 -10.78 -12.32 -18.49
CA ILE B 195 -10.84 -12.42 -19.94
C ILE B 195 -9.46 -12.74 -20.51
N GLY B 196 -9.30 -13.91 -21.10
CA GLY B 196 -8.02 -14.27 -21.68
C GLY B 196 -7.99 -13.92 -23.16
N VAL B 197 -6.86 -13.44 -23.64
CA VAL B 197 -6.69 -13.07 -25.04
C VAL B 197 -5.66 -13.94 -25.73
N GLY B 198 -6.09 -14.66 -26.77
CA GLY B 198 -5.19 -15.54 -27.51
C GLY B 198 -5.96 -16.27 -28.60
N SER B 199 -5.30 -17.13 -29.37
CA SER B 199 -6.00 -17.85 -30.44
C SER B 199 -5.71 -19.36 -30.52
N ARG B 200 -4.52 -19.77 -30.10
CA ARG B 200 -4.17 -21.18 -30.16
C ARG B 200 -5.05 -22.03 -29.22
N PRO B 201 -5.77 -23.02 -29.79
CA PRO B 201 -6.68 -23.93 -29.08
C PRO B 201 -6.13 -24.56 -27.80
N ILE B 202 -4.90 -25.03 -27.83
CA ILE B 202 -4.32 -25.66 -26.65
C ILE B 202 -4.25 -24.62 -25.51
N CYS B 203 -3.92 -23.39 -25.84
CA CYS B 203 -3.83 -22.32 -24.83
C CYS B 203 -5.22 -21.90 -24.36
N VAL B 204 -6.15 -21.79 -25.30
CA VAL B 204 -7.51 -21.40 -24.96
C VAL B 204 -8.12 -22.36 -23.91
N GLU B 205 -7.91 -23.66 -24.09
CA GLU B 205 -8.44 -24.61 -23.13
C GLU B 205 -7.72 -24.49 -21.79
N ALA B 206 -6.40 -24.33 -21.84
CA ALA B 206 -5.62 -24.17 -20.63
C ALA B 206 -6.08 -22.91 -19.87
N ALA B 207 -6.33 -21.84 -20.61
CA ALA B 207 -6.76 -20.58 -20.00
C ALA B 207 -8.05 -20.78 -19.22
N LYS B 208 -9.01 -21.48 -19.81
CA LYS B 208 -10.28 -21.74 -19.13
C LYS B 208 -10.00 -22.60 -17.89
N PHE B 209 -9.08 -23.55 -18.03
CA PHE B 209 -8.74 -24.43 -16.91
C PHE B 209 -8.22 -23.61 -15.72
N TYR B 210 -7.38 -22.61 -15.99
CA TYR B 210 -6.81 -21.79 -14.92
C TYR B 210 -7.70 -20.68 -14.36
N GLY B 211 -8.85 -20.42 -15.00
CA GLY B 211 -9.74 -19.40 -14.49
C GLY B 211 -10.43 -18.47 -15.47
N ALA B 212 -10.02 -18.50 -16.73
CA ALA B 212 -10.63 -17.62 -17.71
C ALA B 212 -12.13 -17.84 -17.84
N THR B 213 -12.89 -16.75 -17.72
CA THR B 213 -14.34 -16.81 -17.83
C THR B 213 -14.76 -16.41 -19.25
N ASP B 214 -13.89 -15.68 -19.94
CA ASP B 214 -14.15 -15.25 -21.32
C ASP B 214 -12.88 -15.34 -22.12
N ILE B 215 -13.02 -15.62 -23.42
CA ILE B 215 -11.86 -15.70 -24.31
C ILE B 215 -12.09 -14.79 -25.51
N LEU B 216 -11.06 -14.04 -25.87
CA LEU B 216 -11.13 -13.13 -27.01
C LEU B 216 -10.02 -13.46 -27.98
N ASN B 217 -10.36 -13.50 -29.26
CA ASN B 217 -9.38 -13.78 -30.30
C ASN B 217 -8.94 -12.42 -30.83
N TYR B 218 -7.69 -12.05 -30.57
CA TYR B 218 -7.17 -10.75 -31.01
C TYR B 218 -7.20 -10.55 -32.52
N LYS B 219 -7.29 -11.64 -33.28
CA LYS B 219 -7.33 -11.56 -34.75
C LYS B 219 -8.72 -11.20 -35.28
N ASN B 220 -9.75 -11.29 -34.45
CA ASN B 220 -11.11 -11.00 -34.92
C ASN B 220 -11.74 -9.68 -34.44
N GLY B 221 -10.93 -8.62 -34.38
CA GLY B 221 -11.45 -7.33 -33.94
C GLY B 221 -10.60 -6.68 -32.87
N HIS B 222 -10.50 -5.36 -32.92
CA HIS B 222 -9.70 -4.64 -31.93
C HIS B 222 -10.06 -5.09 -30.53
N ILE B 223 -9.07 -5.61 -29.84
CA ILE B 223 -9.26 -6.12 -28.49
C ILE B 223 -9.99 -5.16 -27.54
N GLU B 224 -9.63 -3.87 -27.55
CA GLU B 224 -10.28 -2.91 -26.66
C GLU B 224 -11.76 -2.80 -26.97
N ASP B 225 -12.10 -2.87 -28.26
CA ASP B 225 -13.49 -2.79 -28.69
C ASP B 225 -14.24 -4.04 -28.24
N GLN B 226 -13.61 -5.20 -28.38
CA GLN B 226 -14.27 -6.42 -27.95
C GLN B 226 -14.50 -6.37 -26.43
N VAL B 227 -13.49 -5.93 -25.68
CA VAL B 227 -13.65 -5.85 -24.24
C VAL B 227 -14.80 -4.90 -23.86
N MET B 228 -14.94 -3.79 -24.58
CA MET B 228 -16.02 -2.85 -24.28
C MET B 228 -17.38 -3.51 -24.53
N LYS B 229 -17.45 -4.40 -25.51
CA LYS B 229 -18.69 -5.10 -25.82
C LYS B 229 -19.03 -6.07 -24.68
N LEU B 230 -18.01 -6.74 -24.14
CA LEU B 230 -18.24 -7.68 -23.05
C LEU B 230 -18.63 -6.98 -21.75
N THR B 231 -18.18 -5.74 -21.61
CA THR B 231 -18.43 -4.98 -20.39
C THR B 231 -19.39 -3.79 -20.52
N ASN B 232 -20.26 -3.83 -21.52
CA ASN B 232 -21.24 -2.76 -21.70
C ASN B 232 -20.58 -1.39 -21.65
N GLY B 233 -19.44 -1.27 -22.31
CA GLY B 233 -18.71 -0.02 -22.34
C GLY B 233 -18.09 0.44 -21.04
N LYS B 234 -18.05 -0.43 -20.04
CA LYS B 234 -17.49 -0.03 -18.74
C LYS B 234 -15.99 -0.30 -18.57
N GLY B 235 -15.43 -1.18 -19.40
CA GLY B 235 -14.02 -1.49 -19.28
C GLY B 235 -13.75 -2.45 -18.12
N VAL B 236 -12.48 -2.75 -17.87
CA VAL B 236 -12.12 -3.67 -16.80
C VAL B 236 -11.24 -2.98 -15.73
N ASP B 237 -11.18 -3.58 -14.55
CA ASP B 237 -10.40 -3.04 -13.44
C ASP B 237 -8.89 -3.15 -13.61
N ARG B 238 -8.45 -4.26 -14.19
CA ARG B 238 -7.03 -4.51 -14.34
C ARG B 238 -6.69 -5.20 -15.66
N VAL B 239 -5.47 -5.00 -16.11
CA VAL B 239 -5.00 -5.64 -17.33
C VAL B 239 -3.60 -6.18 -17.09
N ILE B 240 -3.36 -7.44 -17.45
CA ILE B 240 -2.03 -8.02 -17.32
C ILE B 240 -1.54 -8.25 -18.75
N MET B 241 -0.43 -7.62 -19.11
CA MET B 241 0.17 -7.73 -20.44
C MET B 241 1.18 -8.86 -20.40
N ALA B 242 0.83 -9.97 -21.03
CA ALA B 242 1.68 -11.15 -21.04
C ALA B 242 1.99 -11.68 -22.44
N GLY B 243 1.76 -10.86 -23.47
CA GLY B 243 2.03 -11.32 -24.82
C GLY B 243 1.64 -10.32 -25.89
N GLY B 244 2.05 -10.58 -27.13
CA GLY B 244 1.71 -9.67 -28.22
C GLY B 244 2.71 -8.53 -28.35
N GLY B 245 2.45 -7.62 -29.28
CA GLY B 245 3.35 -6.50 -29.50
C GLY B 245 3.21 -5.37 -28.51
N SER B 246 4.01 -4.33 -28.65
CA SER B 246 3.95 -3.21 -27.73
C SER B 246 2.67 -2.38 -27.87
N GLU B 247 1.95 -2.56 -28.98
CA GLU B 247 0.70 -1.80 -29.17
C GLU B 247 -0.29 -2.29 -28.13
N THR B 248 0.03 -3.42 -27.49
CA THR B 248 -0.83 -3.97 -26.47
C THR B 248 -0.95 -3.00 -25.29
N LEU B 249 0.05 -2.13 -25.10
CA LEU B 249 -0.04 -1.15 -24.02
C LEU B 249 -1.20 -0.19 -24.33
N SER B 250 -1.24 0.30 -25.56
CA SER B 250 -2.30 1.21 -25.98
C SER B 250 -3.64 0.50 -25.82
N GLN B 251 -3.69 -0.77 -26.23
CA GLN B 251 -4.93 -1.52 -26.10
C GLN B 251 -5.30 -1.66 -24.62
N ALA B 252 -4.30 -1.84 -23.76
CA ALA B 252 -4.55 -1.99 -22.33
C ALA B 252 -5.11 -0.69 -21.73
N VAL B 253 -4.54 0.44 -22.10
CA VAL B 253 -5.02 1.72 -21.60
C VAL B 253 -6.45 2.01 -22.07
N LYS B 254 -6.78 1.57 -23.28
CA LYS B 254 -8.12 1.83 -23.80
C LYS B 254 -9.22 0.97 -23.15
N MET B 255 -8.86 -0.21 -22.66
CA MET B 255 -9.86 -1.09 -22.06
C MET B 255 -9.99 -1.00 -20.55
N VAL B 256 -8.97 -0.45 -19.89
CA VAL B 256 -9.01 -0.36 -18.43
C VAL B 256 -9.75 0.89 -17.93
N LYS B 257 -10.40 0.73 -16.78
CA LYS B 257 -11.14 1.81 -16.16
C LYS B 257 -10.22 2.87 -15.57
N PRO B 258 -10.74 4.10 -15.41
CA PRO B 258 -9.92 5.16 -14.83
C PRO B 258 -9.65 4.64 -13.41
N GLY B 259 -8.45 4.86 -12.89
CA GLY B 259 -8.15 4.36 -11.55
C GLY B 259 -7.63 2.93 -11.58
N GLY B 260 -7.73 2.30 -12.75
CA GLY B 260 -7.27 0.93 -12.90
C GLY B 260 -5.77 0.76 -12.96
N ILE B 261 -5.32 -0.49 -13.08
CA ILE B 261 -3.89 -0.77 -13.13
C ILE B 261 -3.54 -1.74 -14.24
N ILE B 262 -2.46 -1.42 -14.95
CA ILE B 262 -1.95 -2.23 -16.05
C ILE B 262 -0.62 -2.81 -15.58
N SER B 263 -0.50 -4.12 -15.64
CA SER B 263 0.69 -4.82 -15.18
C SER B 263 1.40 -5.56 -16.30
N ASN B 264 2.60 -5.11 -16.64
CA ASN B 264 3.36 -5.74 -17.69
C ASN B 264 4.37 -6.77 -17.22
N ILE B 265 4.32 -7.96 -17.80
CA ILE B 265 5.28 -9.01 -17.50
C ILE B 265 5.81 -9.56 -18.81
N ASN B 266 5.54 -8.85 -19.90
CA ASN B 266 5.97 -9.23 -21.24
C ASN B 266 7.26 -8.51 -21.65
N TYR B 267 8.20 -9.24 -22.24
CA TYR B 267 9.45 -8.64 -22.67
C TYR B 267 9.27 -7.98 -24.04
N HIS B 268 9.40 -6.66 -24.07
CA HIS B 268 9.26 -5.90 -25.29
C HIS B 268 10.64 -5.75 -25.94
N GLY B 269 10.81 -6.36 -27.11
CA GLY B 269 12.11 -6.30 -27.77
C GLY B 269 12.22 -5.64 -29.13
N SER B 270 11.15 -5.02 -29.65
CA SER B 270 11.25 -4.39 -30.96
C SER B 270 10.76 -2.94 -30.95
N GLY B 271 11.33 -2.12 -31.84
CA GLY B 271 10.95 -0.73 -31.90
C GLY B 271 11.68 0.09 -30.86
N ASP B 272 11.65 1.41 -30.99
CA ASP B 272 12.33 2.28 -30.05
C ASP B 272 11.48 2.67 -28.85
N ALA B 273 10.17 2.43 -28.91
CA ALA B 273 9.33 2.81 -27.78
C ALA B 273 7.93 2.20 -27.75
N LEU B 274 7.25 2.40 -26.63
CA LEU B 274 5.88 1.92 -26.46
C LEU B 274 5.07 3.19 -26.38
N LEU B 275 3.81 3.15 -26.80
CA LEU B 275 3.01 4.36 -26.80
C LEU B 275 1.80 4.33 -25.85
N ILE B 276 1.54 5.48 -25.25
CA ILE B 276 0.39 5.66 -24.36
C ILE B 276 -0.57 6.58 -25.10
N PRO B 277 -1.76 6.10 -25.48
CA PRO B 277 -2.70 6.96 -26.20
C PRO B 277 -3.12 8.09 -25.25
N ARG B 278 -2.83 9.32 -25.62
CA ARG B 278 -3.13 10.48 -24.78
C ARG B 278 -4.56 10.61 -24.27
N VAL B 279 -5.52 10.59 -25.19
CA VAL B 279 -6.92 10.74 -24.82
C VAL B 279 -7.40 9.68 -23.84
N GLU B 280 -7.22 8.42 -24.19
CA GLU B 280 -7.67 7.34 -23.33
C GLU B 280 -6.92 7.28 -22.00
N TRP B 281 -5.77 7.95 -21.91
CA TRP B 281 -5.03 7.96 -20.65
C TRP B 281 -5.44 9.21 -19.87
N GLY B 282 -6.62 9.71 -20.22
CA GLY B 282 -7.15 10.89 -19.56
C GLY B 282 -6.18 12.04 -19.56
N CYS B 283 -5.44 12.21 -20.65
CA CYS B 283 -4.45 13.29 -20.78
C CYS B 283 -3.42 13.19 -19.67
N GLY B 284 -3.28 11.98 -19.12
CA GLY B 284 -2.31 11.75 -18.05
C GLY B 284 -2.88 11.99 -16.67
N MET B 285 -4.19 12.00 -16.55
CA MET B 285 -4.85 12.24 -15.27
C MET B 285 -5.97 11.24 -14.96
N ALA B 286 -5.98 10.11 -15.68
CA ALA B 286 -7.01 9.10 -15.48
C ALA B 286 -6.68 8.08 -14.38
N HIS B 287 -5.58 8.30 -13.66
CA HIS B 287 -5.15 7.35 -12.62
C HIS B 287 -5.07 5.92 -13.17
N LYS B 288 -4.60 5.79 -14.41
CA LYS B 288 -4.44 4.46 -14.99
C LYS B 288 -2.95 4.16 -14.81
N THR B 289 -2.65 3.49 -13.71
CA THR B 289 -1.27 3.15 -13.38
C THR B 289 -0.67 2.05 -14.24
N ILE B 290 0.56 2.28 -14.70
CA ILE B 290 1.27 1.33 -15.54
C ILE B 290 2.46 0.77 -14.80
N LYS B 291 2.51 -0.55 -14.66
CA LYS B 291 3.61 -1.22 -13.95
C LYS B 291 4.24 -2.27 -14.85
N GLY B 292 5.46 -2.67 -14.53
CA GLY B 292 6.13 -3.68 -15.33
C GLY B 292 7.37 -4.11 -14.60
N GLY B 293 7.57 -5.42 -14.48
CA GLY B 293 8.76 -5.88 -13.78
C GLY B 293 9.17 -7.33 -13.97
N LEU B 294 10.47 -7.55 -13.85
CA LEU B 294 11.07 -8.87 -13.95
C LEU B 294 10.57 -9.66 -12.72
N CYS B 295 10.34 -10.95 -12.88
CA CYS B 295 9.85 -11.80 -11.80
C CYS B 295 10.82 -11.86 -10.61
N PRO B 296 10.29 -11.97 -9.39
CA PRO B 296 11.16 -12.03 -8.20
C PRO B 296 11.83 -13.40 -8.21
N GLY B 297 12.99 -13.48 -7.58
CA GLY B 297 13.71 -14.73 -7.51
C GLY B 297 14.10 -14.98 -6.06
N GLY B 298 15.13 -15.79 -5.84
CA GLY B 298 15.54 -16.05 -4.47
C GLY B 298 14.84 -17.22 -3.81
N ARG B 299 15.42 -17.66 -2.70
CA ARG B 299 14.90 -18.80 -1.95
C ARG B 299 13.49 -18.62 -1.37
N LEU B 300 13.21 -17.47 -0.77
CA LEU B 300 11.88 -17.26 -0.20
C LEU B 300 10.80 -17.39 -1.26
N ARG B 301 11.00 -16.70 -2.38
CA ARG B 301 10.05 -16.75 -3.49
C ARG B 301 9.83 -18.20 -3.94
N ALA B 302 10.93 -18.93 -4.13
CA ALA B 302 10.86 -20.32 -4.57
C ALA B 302 10.16 -21.23 -3.55
N GLU B 303 10.45 -21.08 -2.26
CA GLU B 303 9.79 -21.91 -1.25
C GLU B 303 8.30 -21.59 -1.14
N ARG B 304 7.95 -20.31 -1.24
CA ARG B 304 6.56 -19.94 -1.15
C ARG B 304 5.74 -20.49 -2.31
N LEU B 305 6.28 -20.42 -3.52
CA LEU B 305 5.54 -20.91 -4.69
C LEU B 305 5.50 -22.42 -4.65
N ARG B 306 6.62 -23.02 -4.24
CA ARG B 306 6.73 -24.46 -4.12
C ARG B 306 5.65 -24.97 -3.19
N ASP B 307 5.49 -24.29 -2.05
CA ASP B 307 4.48 -24.74 -1.11
C ASP B 307 3.06 -24.56 -1.66
N MET B 308 2.85 -23.56 -2.51
CA MET B 308 1.54 -23.38 -3.09
C MET B 308 1.24 -24.60 -3.96
N VAL B 309 2.27 -25.10 -4.64
CA VAL B 309 2.09 -26.29 -5.47
C VAL B 309 1.86 -27.51 -4.59
N VAL B 310 2.56 -27.56 -3.46
CA VAL B 310 2.41 -28.68 -2.53
C VAL B 310 0.99 -28.73 -1.98
N TYR B 311 0.42 -27.57 -1.70
CA TYR B 311 -0.93 -27.54 -1.17
C TYR B 311 -1.97 -27.43 -2.29
N ASN B 312 -1.59 -27.87 -3.48
CA ASN B 312 -2.48 -27.89 -4.64
C ASN B 312 -3.21 -26.59 -4.93
N ARG B 313 -2.54 -25.45 -4.80
CA ARG B 313 -3.21 -24.19 -5.08
C ARG B 313 -3.29 -23.96 -6.58
N VAL B 314 -2.41 -24.61 -7.31
CA VAL B 314 -2.38 -24.50 -8.76
C VAL B 314 -1.78 -25.79 -9.35
N ASP B 315 -2.37 -26.27 -10.43
CA ASP B 315 -1.93 -27.48 -11.10
C ASP B 315 -1.05 -27.04 -12.27
N LEU B 316 0.26 -27.24 -12.13
CA LEU B 316 1.20 -26.82 -13.16
C LEU B 316 1.37 -27.80 -14.34
N SER B 317 0.79 -28.99 -14.23
CA SER B 317 0.93 -29.98 -15.28
C SER B 317 0.32 -29.57 -16.62
N LYS B 318 -0.68 -28.69 -16.57
CA LYS B 318 -1.34 -28.24 -17.80
C LYS B 318 -0.43 -27.38 -18.67
N LEU B 319 0.66 -26.89 -18.11
CA LEU B 319 1.61 -26.06 -18.87
C LEU B 319 2.57 -26.91 -19.70
N VAL B 320 2.79 -28.15 -19.29
CA VAL B 320 3.72 -29.02 -19.98
C VAL B 320 3.03 -29.92 -20.99
N THR B 321 3.32 -29.68 -22.26
CA THR B 321 2.74 -30.45 -23.36
C THR B 321 3.77 -31.37 -24.02
N HIS B 322 5.04 -31.12 -23.75
CA HIS B 322 6.11 -31.93 -24.33
C HIS B 322 7.18 -32.32 -23.31
N VAL B 323 7.30 -33.61 -23.07
CA VAL B 323 8.29 -34.12 -22.11
C VAL B 323 9.29 -35.01 -22.82
N TYR B 324 10.55 -34.60 -22.83
CA TYR B 324 11.60 -35.38 -23.48
C TYR B 324 12.48 -36.04 -22.42
N HIS B 325 12.93 -37.26 -22.69
CA HIS B 325 13.80 -37.98 -21.77
C HIS B 325 15.16 -38.17 -22.40
N GLY B 326 16.07 -37.24 -22.13
CA GLY B 326 17.41 -37.30 -22.70
C GLY B 326 18.05 -35.93 -22.73
N PHE B 327 19.28 -35.86 -22.25
CA PHE B 327 20.05 -34.61 -22.18
C PHE B 327 20.25 -33.91 -23.53
N ASP B 328 20.34 -34.68 -24.61
CA ASP B 328 20.57 -34.11 -25.94
C ASP B 328 19.33 -33.48 -26.59
N HIS B 329 18.14 -33.86 -26.13
CA HIS B 329 16.91 -33.31 -26.70
C HIS B 329 16.72 -31.83 -26.36
N ILE B 330 17.77 -31.18 -25.86
CA ILE B 330 17.69 -29.77 -25.51
C ILE B 330 17.66 -28.89 -26.76
N GLU B 331 18.49 -29.23 -27.74
CA GLU B 331 18.54 -28.48 -29.00
C GLU B 331 17.24 -28.59 -29.76
N GLU B 332 16.62 -29.76 -29.71
CA GLU B 332 15.36 -30.01 -30.40
C GLU B 332 14.25 -29.18 -29.75
N ALA B 333 14.20 -29.23 -28.42
CA ALA B 333 13.21 -28.49 -27.65
C ALA B 333 13.31 -26.98 -27.87
N LEU B 334 14.53 -26.45 -27.83
CA LEU B 334 14.73 -25.02 -28.02
C LEU B 334 14.23 -24.57 -29.39
N LEU B 335 14.51 -25.36 -30.41
CA LEU B 335 14.06 -25.03 -31.76
C LEU B 335 12.55 -25.22 -31.80
N LEU B 336 12.07 -26.17 -31.00
CA LEU B 336 10.65 -26.47 -30.90
C LEU B 336 9.94 -25.23 -30.35
N MET B 337 10.71 -24.37 -29.67
CA MET B 337 10.17 -23.12 -29.12
C MET B 337 10.19 -22.04 -30.17
N LYS B 338 10.97 -22.24 -31.23
CA LYS B 338 11.04 -21.26 -32.30
C LYS B 338 9.92 -21.53 -33.30
N ASP B 339 9.90 -22.74 -33.85
CA ASP B 339 8.88 -23.13 -34.82
C ASP B 339 7.50 -23.15 -34.18
N LYS B 340 7.48 -23.03 -32.86
CA LYS B 340 6.26 -23.01 -32.07
C LYS B 340 5.02 -23.64 -32.71
N PRO B 341 4.85 -24.96 -32.54
CA PRO B 341 3.69 -25.67 -33.09
C PRO B 341 2.43 -25.24 -32.34
N LYS B 342 1.26 -25.57 -32.89
CA LYS B 342 0.00 -25.20 -32.28
C LYS B 342 -0.37 -26.03 -31.05
N ASP B 343 0.30 -27.16 -30.86
CA ASP B 343 0.00 -28.03 -29.72
C ASP B 343 0.99 -27.88 -28.56
N LEU B 344 1.85 -26.87 -28.64
CA LEU B 344 2.87 -26.64 -27.61
C LEU B 344 2.66 -25.43 -26.72
N ILE B 345 2.88 -25.62 -25.42
CA ILE B 345 2.79 -24.53 -24.45
C ILE B 345 4.22 -24.46 -23.89
N LYS B 346 4.64 -25.48 -23.15
CA LYS B 346 6.00 -25.52 -22.60
C LYS B 346 6.58 -26.92 -22.78
N ALA B 347 7.88 -26.98 -23.07
CA ALA B 347 8.56 -28.26 -23.26
C ALA B 347 9.55 -28.47 -22.11
N VAL B 348 9.60 -29.69 -21.60
CA VAL B 348 10.52 -30.03 -20.51
C VAL B 348 11.40 -31.22 -20.88
N VAL B 349 12.70 -31.05 -20.70
CA VAL B 349 13.67 -32.10 -20.98
C VAL B 349 14.15 -32.70 -19.65
N ILE B 350 13.81 -33.96 -19.40
CA ILE B 350 14.22 -34.62 -18.18
C ILE B 350 15.48 -35.45 -18.46
N LEU B 351 16.64 -34.83 -18.27
CA LEU B 351 17.91 -35.52 -18.51
C LEU B 351 18.29 -36.38 -17.31
N MET C 1 -47.39 -3.30 9.79
CA MET C 1 -46.72 -4.55 9.45
C MET C 1 -46.12 -5.21 10.67
N LYS C 2 -45.88 -6.52 10.58
CA LYS C 2 -45.31 -7.29 11.67
C LYS C 2 -43.78 -7.42 11.58
N GLY C 3 -43.23 -8.47 12.18
CA GLY C 3 -41.79 -8.66 12.14
C GLY C 3 -41.18 -8.94 13.50
N PHE C 4 -39.97 -9.51 13.49
CA PHE C 4 -39.27 -9.84 14.73
C PHE C 4 -38.35 -8.69 15.13
N ALA C 5 -38.39 -8.30 16.41
CA ALA C 5 -37.56 -7.20 16.88
C ALA C 5 -36.97 -7.40 18.26
N MET C 6 -36.09 -6.47 18.64
CA MET C 6 -35.43 -6.50 19.94
C MET C 6 -36.17 -5.54 20.87
N LEU C 7 -37.20 -6.04 21.53
CA LEU C 7 -37.98 -5.24 22.47
C LEU C 7 -37.17 -5.05 23.74
N GLY C 8 -36.01 -4.42 23.61
CA GLY C 8 -35.15 -4.19 24.76
C GLY C 8 -34.08 -5.26 24.88
N ILE C 9 -33.09 -5.03 25.72
CA ILE C 9 -32.00 -5.99 25.91
C ILE C 9 -32.45 -7.26 26.63
N ASN C 10 -32.22 -8.40 25.96
CA ASN C 10 -32.55 -9.72 26.46
C ASN C 10 -34.00 -10.14 26.26
N LYS C 11 -34.78 -9.31 25.56
CA LYS C 11 -36.19 -9.64 25.32
C LYS C 11 -36.56 -9.56 23.83
N LEU C 12 -37.07 -10.65 23.30
CA LEU C 12 -37.47 -10.72 21.88
C LEU C 12 -38.98 -10.79 21.71
N GLY C 13 -39.44 -10.71 20.46
CA GLY C 13 -40.86 -10.76 20.18
C GLY C 13 -41.26 -9.93 18.96
N TRP C 14 -42.41 -10.26 18.38
CA TRP C 14 -42.90 -9.56 17.20
C TRP C 14 -43.69 -8.31 17.55
N ILE C 15 -43.26 -7.16 17.04
CA ILE C 15 -43.95 -5.89 17.32
C ILE C 15 -44.62 -5.34 16.07
N GLU C 16 -45.59 -4.45 16.26
CA GLU C 16 -46.30 -3.82 15.16
C GLU C 16 -45.78 -2.41 14.91
N LYS C 17 -45.26 -2.20 13.71
CA LYS C 17 -44.73 -0.88 13.36
C LYS C 17 -45.31 -0.45 12.03
N GLU C 18 -45.21 0.85 11.75
CA GLU C 18 -45.71 1.39 10.49
C GLU C 18 -44.76 1.03 9.36
N ARG C 19 -45.29 0.36 8.33
CA ARG C 19 -44.49 -0.02 7.18
C ARG C 19 -43.62 1.16 6.80
N PRO C 20 -42.31 0.92 6.62
CA PRO C 20 -41.40 2.01 6.26
C PRO C 20 -41.74 2.67 4.93
N VAL C 21 -41.52 3.98 4.86
CA VAL C 21 -41.77 4.73 3.63
C VAL C 21 -40.44 5.14 3.03
N ALA C 22 -40.33 5.02 1.71
CA ALA C 22 -39.08 5.36 1.01
C ALA C 22 -38.92 6.84 0.69
N GLY C 23 -37.71 7.34 0.89
CA GLY C 23 -37.41 8.73 0.59
C GLY C 23 -36.97 8.85 -0.85
N SER C 24 -36.79 10.07 -1.33
CA SER C 24 -36.37 10.32 -2.71
C SER C 24 -35.33 9.35 -3.26
N TYR C 25 -34.35 9.01 -2.43
CA TYR C 25 -33.28 8.11 -2.86
C TYR C 25 -33.34 6.72 -2.29
N ASP C 26 -34.43 6.37 -1.60
CA ASP C 26 -34.53 5.05 -0.98
C ASP C 26 -35.44 4.05 -1.69
N ALA C 27 -35.46 2.84 -1.12
CA ALA C 27 -36.27 1.76 -1.66
C ALA C 27 -36.80 0.87 -0.54
N ILE C 28 -38.03 0.39 -0.70
CA ILE C 28 -38.64 -0.49 0.27
C ILE C 28 -38.57 -1.86 -0.35
N VAL C 29 -38.09 -2.83 0.42
CA VAL C 29 -37.94 -4.18 -0.11
C VAL C 29 -38.66 -5.22 0.73
N ARG C 30 -39.19 -6.22 0.03
CA ARG C 30 -39.89 -7.34 0.66
C ARG C 30 -38.92 -8.51 0.65
N PRO C 31 -38.61 -9.08 1.82
CA PRO C 31 -37.68 -10.22 1.90
C PRO C 31 -38.14 -11.51 1.21
N LEU C 32 -37.23 -12.13 0.48
CA LEU C 32 -37.52 -13.38 -0.21
C LEU C 32 -36.85 -14.52 0.56
N ALA C 33 -35.80 -14.16 1.30
CA ALA C 33 -35.07 -15.11 2.12
C ALA C 33 -34.17 -14.31 3.03
N VAL C 34 -34.04 -14.74 4.27
CA VAL C 34 -33.21 -14.07 5.25
C VAL C 34 -32.46 -15.09 6.06
N SER C 35 -31.54 -14.64 6.89
CA SER C 35 -30.76 -15.53 7.73
C SER C 35 -30.40 -14.82 9.03
N PRO C 36 -30.42 -15.57 10.15
CA PRO C 36 -30.08 -15.00 11.46
C PRO C 36 -28.57 -15.04 11.68
N CYS C 37 -28.03 -14.02 12.34
CA CYS C 37 -26.59 -13.98 12.61
C CYS C 37 -26.28 -13.93 14.10
N THR C 38 -25.21 -14.62 14.48
CA THR C 38 -24.77 -14.67 15.87
C THR C 38 -24.68 -13.25 16.41
N SER C 39 -24.30 -12.32 15.55
CA SER C 39 -24.15 -10.90 15.90
C SER C 39 -25.37 -10.31 16.61
N ASP C 40 -26.57 -10.75 16.22
CA ASP C 40 -27.79 -10.24 16.83
C ASP C 40 -27.98 -10.86 18.22
N ILE C 41 -27.55 -12.11 18.38
CA ILE C 41 -27.67 -12.77 19.66
C ILE C 41 -26.92 -11.92 20.69
N HIS C 42 -25.77 -11.39 20.26
CA HIS C 42 -24.95 -10.55 21.13
C HIS C 42 -25.73 -9.29 21.51
N THR C 43 -25.95 -8.41 20.54
CA THR C 43 -26.66 -7.16 20.78
C THR C 43 -27.85 -7.35 21.73
N VAL C 44 -28.52 -8.50 21.61
CA VAL C 44 -29.67 -8.81 22.44
C VAL C 44 -29.29 -9.35 23.82
N PHE C 45 -28.98 -10.65 23.90
CA PHE C 45 -28.63 -11.28 25.17
C PHE C 45 -27.22 -10.94 25.65
N GLU C 46 -26.74 -9.74 25.33
CA GLU C 46 -25.41 -9.33 25.74
C GLU C 46 -25.30 -7.81 25.76
N GLY C 47 -26.18 -7.15 25.00
CA GLY C 47 -26.17 -5.69 24.94
C GLY C 47 -24.82 -5.12 24.54
N ALA C 48 -24.13 -5.81 23.63
CA ALA C 48 -22.82 -5.36 23.18
C ALA C 48 -22.89 -4.02 22.44
N LEU C 49 -24.09 -3.63 22.04
CA LEU C 49 -24.30 -2.38 21.31
C LEU C 49 -24.85 -1.30 22.23
N GLY C 50 -25.29 -1.72 23.41
CA GLY C 50 -25.86 -0.80 24.37
C GLY C 50 -27.32 -1.20 24.49
N ASP C 51 -28.21 -0.24 24.74
CA ASP C 51 -29.62 -0.58 24.84
C ASP C 51 -30.40 -0.10 23.63
N ARG C 52 -31.34 -0.92 23.18
CA ARG C 52 -32.16 -0.58 22.02
C ARG C 52 -33.64 -0.78 22.33
N LYS C 53 -34.47 0.13 21.82
CA LYS C 53 -35.91 0.07 22.04
C LYS C 53 -36.68 -0.29 20.76
N ASN C 54 -37.28 -1.47 20.76
CA ASN C 54 -38.07 -1.96 19.63
C ASN C 54 -37.38 -1.86 18.27
N MET C 55 -36.26 -2.56 18.13
CA MET C 55 -35.50 -2.54 16.88
C MET C 55 -35.68 -3.88 16.17
N ILE C 56 -36.32 -3.85 15.00
CA ILE C 56 -36.52 -5.08 14.23
C ILE C 56 -35.12 -5.62 13.93
N LEU C 57 -34.94 -6.92 14.11
CA LEU C 57 -33.63 -7.54 13.89
C LEU C 57 -33.40 -8.11 12.49
N GLY C 58 -32.20 -8.66 12.29
CA GLY C 58 -31.84 -9.23 11.00
C GLY C 58 -31.22 -8.26 10.02
N HIS C 59 -30.12 -8.67 9.39
CA HIS C 59 -29.45 -7.83 8.40
C HIS C 59 -28.88 -8.66 7.25
N GLU C 60 -29.42 -9.85 7.07
CA GLU C 60 -28.98 -10.74 6.00
C GLU C 60 -30.21 -11.11 5.17
N ALA C 61 -30.38 -10.42 4.05
CA ALA C 61 -31.53 -10.70 3.21
C ALA C 61 -31.37 -10.43 1.73
N VAL C 62 -32.19 -11.13 0.97
CA VAL C 62 -32.28 -11.02 -0.47
C VAL C 62 -33.78 -10.79 -0.65
N GLY C 63 -34.19 -9.83 -1.47
CA GLY C 63 -35.62 -9.60 -1.63
C GLY C 63 -36.07 -8.95 -2.92
N GLU C 64 -37.33 -8.53 -2.94
CA GLU C 64 -37.91 -7.88 -4.10
C GLU C 64 -38.18 -6.40 -3.81
N VAL C 65 -37.79 -5.54 -4.72
CA VAL C 65 -38.04 -4.11 -4.53
C VAL C 65 -39.53 -3.89 -4.81
N VAL C 66 -40.19 -3.13 -3.95
CA VAL C 66 -41.62 -2.87 -4.13
C VAL C 66 -41.92 -1.39 -4.19
N GLU C 67 -40.96 -0.56 -3.82
CA GLU C 67 -41.17 0.87 -3.81
C GLU C 67 -39.84 1.62 -3.85
N VAL C 68 -39.77 2.67 -4.65
CA VAL C 68 -38.56 3.48 -4.75
C VAL C 68 -38.92 4.96 -4.74
N GLY C 69 -37.97 5.78 -4.30
CA GLY C 69 -38.19 7.21 -4.26
C GLY C 69 -38.11 7.80 -5.65
N SER C 70 -38.52 9.06 -5.78
CA SER C 70 -38.52 9.74 -7.06
C SER C 70 -37.15 9.93 -7.70
N GLU C 71 -36.08 9.62 -6.97
CA GLU C 71 -34.74 9.80 -7.51
C GLU C 71 -33.97 8.52 -7.85
N VAL C 72 -34.54 7.36 -7.50
CA VAL C 72 -33.90 6.08 -7.79
C VAL C 72 -33.90 5.82 -9.30
N LYS C 73 -32.73 5.63 -9.89
CA LYS C 73 -32.64 5.41 -11.33
C LYS C 73 -32.31 4.00 -11.79
N ASP C 74 -31.59 3.22 -10.98
CA ASP C 74 -31.20 1.88 -11.42
C ASP C 74 -31.99 0.71 -10.85
N PHE C 75 -32.93 0.99 -9.97
CA PHE C 75 -33.72 -0.08 -9.41
C PHE C 75 -35.19 0.31 -9.49
N LYS C 76 -36.07 -0.66 -9.68
CA LYS C 76 -37.50 -0.39 -9.79
C LYS C 76 -38.32 -1.50 -9.15
N PRO C 77 -39.61 -1.24 -8.90
CA PRO C 77 -40.47 -2.26 -8.30
C PRO C 77 -40.40 -3.54 -9.12
N GLY C 78 -40.26 -4.69 -8.44
CA GLY C 78 -40.19 -5.95 -9.15
C GLY C 78 -38.78 -6.51 -9.22
N ASP C 79 -37.78 -5.63 -9.17
CA ASP C 79 -36.40 -6.09 -9.22
C ASP C 79 -36.09 -6.95 -8.00
N ARG C 80 -35.33 -8.02 -8.22
CA ARG C 80 -34.93 -8.90 -7.13
C ARG C 80 -33.53 -8.41 -6.79
N VAL C 81 -33.24 -8.20 -5.53
CA VAL C 81 -31.94 -7.66 -5.13
C VAL C 81 -31.19 -8.34 -4.00
N ILE C 82 -29.88 -8.16 -4.00
CA ILE C 82 -28.99 -8.67 -2.98
C ILE C 82 -28.78 -7.44 -2.08
N VAL C 83 -29.04 -7.59 -0.79
CA VAL C 83 -28.88 -6.46 0.11
C VAL C 83 -27.69 -6.64 1.03
N PRO C 84 -26.61 -5.86 0.83
CA PRO C 84 -25.46 -6.01 1.73
C PRO C 84 -25.86 -5.59 3.15
N CYS C 85 -25.36 -6.32 4.15
CA CYS C 85 -25.69 -6.01 5.54
C CYS C 85 -25.22 -4.61 5.89
N THR C 86 -24.22 -4.13 5.16
CA THR C 86 -23.69 -2.80 5.37
C THR C 86 -24.16 -1.89 4.26
N THR C 87 -24.92 -0.87 4.64
CA THR C 87 -25.49 0.11 3.70
C THR C 87 -25.11 1.52 4.14
N PRO C 88 -23.91 1.97 3.77
CA PRO C 88 -23.37 3.29 4.12
C PRO C 88 -24.10 4.50 3.57
N ASP C 89 -23.70 5.65 4.09
CA ASP C 89 -24.20 6.93 3.64
C ASP C 89 -22.99 7.36 2.84
N TRP C 90 -23.10 7.31 1.52
CA TRP C 90 -21.97 7.67 0.69
C TRP C 90 -21.61 9.13 0.73
N ARG C 91 -22.51 9.94 1.28
CA ARG C 91 -22.27 11.37 1.42
C ARG C 91 -21.81 11.69 2.84
N SER C 92 -20.61 11.24 3.19
CA SER C 92 -20.05 11.49 4.51
C SER C 92 -18.55 11.74 4.38
N LEU C 93 -17.97 12.40 5.38
CA LEU C 93 -16.54 12.67 5.35
C LEU C 93 -15.73 11.41 5.57
N GLU C 94 -16.33 10.42 6.23
CA GLU C 94 -15.63 9.16 6.48
C GLU C 94 -15.43 8.46 5.14
N VAL C 95 -16.43 8.58 4.27
CA VAL C 95 -16.33 7.98 2.93
C VAL C 95 -15.23 8.73 2.19
N GLN C 96 -15.24 10.05 2.29
CA GLN C 96 -14.21 10.85 1.64
C GLN C 96 -12.84 10.42 2.17
N ALA C 97 -12.83 9.93 3.41
CA ALA C 97 -11.60 9.49 4.07
C ALA C 97 -11.23 8.04 3.74
N GLY C 98 -12.13 7.34 3.04
CA GLY C 98 -11.86 5.97 2.66
C GLY C 98 -12.42 4.89 3.56
N PHE C 99 -13.42 5.24 4.37
CA PHE C 99 -13.99 4.26 5.28
C PHE C 99 -15.51 4.29 5.30
N GLN C 100 -16.11 3.64 4.29
CA GLN C 100 -17.55 3.55 4.14
C GLN C 100 -18.22 2.95 5.37
N GLN C 101 -17.56 1.96 5.95
CA GLN C 101 -18.08 1.26 7.11
C GLN C 101 -18.39 2.15 8.31
N HIS C 102 -17.74 3.32 8.38
CA HIS C 102 -17.97 4.23 9.50
C HIS C 102 -18.52 5.59 9.08
N SER C 103 -19.31 5.59 8.01
CA SER C 103 -19.91 6.82 7.52
C SER C 103 -20.84 7.38 8.59
N ASN C 104 -20.55 8.60 9.04
CA ASN C 104 -21.33 9.29 10.06
C ASN C 104 -21.25 8.66 11.44
N GLY C 105 -20.19 7.91 11.71
CA GLY C 105 -20.03 7.28 13.00
C GLY C 105 -19.37 5.91 12.97
N MET C 106 -18.76 5.53 14.08
CA MET C 106 -18.10 4.24 14.18
C MET C 106 -19.14 3.14 13.97
N LEU C 107 -18.94 2.32 12.94
CA LEU C 107 -19.84 1.22 12.60
C LEU C 107 -21.19 1.68 12.05
N ALA C 108 -21.37 2.98 11.90
CA ALA C 108 -22.63 3.54 11.41
C ALA C 108 -22.97 3.14 9.98
N GLY C 109 -21.97 2.64 9.24
CA GLY C 109 -22.21 2.21 7.89
C GLY C 109 -23.08 0.98 7.93
N TRP C 110 -23.03 0.29 9.07
CA TRP C 110 -23.83 -0.91 9.28
C TRP C 110 -25.07 -0.47 10.03
N LYS C 111 -26.21 -0.49 9.34
CA LYS C 111 -27.47 -0.03 9.93
C LYS C 111 -28.42 -1.11 10.43
N PHE C 112 -28.81 -2.03 9.56
CA PHE C 112 -29.73 -3.10 9.92
C PHE C 112 -29.37 -3.81 11.22
N SER C 113 -30.27 -3.71 12.19
CA SER C 113 -30.10 -4.34 13.49
C SER C 113 -28.94 -3.79 14.31
N ASN C 114 -28.48 -2.59 13.95
CA ASN C 114 -27.44 -1.92 14.70
C ASN C 114 -28.18 -0.80 15.41
N PHE C 115 -28.78 0.07 14.61
CA PHE C 115 -29.57 1.19 15.13
C PHE C 115 -30.78 1.45 14.24
N LYS C 116 -30.85 0.74 13.11
CA LYS C 116 -31.95 0.87 12.15
C LYS C 116 -32.75 -0.45 12.14
N ASP C 117 -34.06 -0.38 11.94
CA ASP C 117 -34.88 -1.59 11.90
C ASP C 117 -34.34 -2.57 10.87
N GLY C 118 -34.26 -3.85 11.25
CA GLY C 118 -33.73 -4.88 10.36
C GLY C 118 -34.63 -5.45 9.28
N VAL C 119 -34.24 -6.61 8.76
CA VAL C 119 -34.97 -7.27 7.68
C VAL C 119 -35.92 -8.38 8.12
N PHE C 120 -36.07 -8.57 9.42
CA PHE C 120 -36.98 -9.59 9.92
C PHE C 120 -38.38 -8.99 10.03
N GLY C 121 -38.84 -8.40 8.93
CA GLY C 121 -40.15 -7.80 8.90
C GLY C 121 -40.74 -7.89 7.51
N GLU C 122 -42.06 -7.82 7.41
CA GLU C 122 -42.74 -7.92 6.13
C GLU C 122 -42.07 -7.02 5.09
N TYR C 123 -41.54 -5.89 5.54
CA TYR C 123 -40.86 -4.95 4.64
C TYR C 123 -39.77 -4.21 5.39
N PHE C 124 -38.71 -3.81 4.68
CA PHE C 124 -37.65 -3.04 5.31
C PHE C 124 -37.17 -1.91 4.42
N HIS C 125 -36.55 -0.92 5.04
CA HIS C 125 -36.05 0.26 4.36
C HIS C 125 -34.57 0.15 4.01
N VAL C 126 -34.23 0.52 2.77
CA VAL C 126 -32.85 0.50 2.30
C VAL C 126 -32.48 1.91 1.87
N ASN C 127 -31.53 2.52 2.58
CA ASN C 127 -31.09 3.86 2.25
C ASN C 127 -30.25 3.89 0.98
N ASP C 128 -30.55 4.85 0.11
CA ASP C 128 -29.84 5.03 -1.16
C ASP C 128 -29.77 3.73 -1.95
N ALA C 129 -30.88 3.40 -2.61
CA ALA C 129 -30.99 2.18 -3.40
C ALA C 129 -29.94 2.02 -4.48
N ASP C 130 -29.73 3.07 -5.29
CA ASP C 130 -28.76 3.00 -6.38
C ASP C 130 -27.33 2.72 -5.92
N MET C 131 -27.02 3.14 -4.70
CA MET C 131 -25.68 2.98 -4.15
C MET C 131 -25.49 1.75 -3.25
N ASN C 132 -26.59 1.20 -2.74
CA ASN C 132 -26.50 0.07 -1.83
C ASN C 132 -27.19 -1.24 -2.20
N LEU C 133 -27.66 -1.37 -3.44
CA LEU C 133 -28.30 -2.62 -3.85
C LEU C 133 -27.61 -3.24 -5.07
N ALA C 134 -27.81 -4.54 -5.25
CA ALA C 134 -27.27 -5.27 -6.39
C ALA C 134 -28.33 -6.24 -6.88
N ILE C 135 -28.43 -6.40 -8.20
CA ILE C 135 -29.41 -7.31 -8.79
C ILE C 135 -29.07 -8.77 -8.50
N LEU C 136 -30.10 -9.52 -8.11
CA LEU C 136 -29.95 -10.94 -7.81
C LEU C 136 -30.05 -11.71 -9.12
N PRO C 137 -29.01 -12.48 -9.48
CA PRO C 137 -29.11 -13.23 -10.74
C PRO C 137 -30.32 -14.13 -10.69
N LYS C 138 -31.02 -14.30 -11.81
CA LYS C 138 -32.22 -15.13 -11.80
C LYS C 138 -31.97 -16.61 -11.54
N ASP C 139 -30.78 -17.11 -11.89
CA ASP C 139 -30.48 -18.53 -11.66
C ASP C 139 -29.92 -18.85 -10.27
N MET C 140 -29.40 -17.83 -9.58
CA MET C 140 -28.81 -18.03 -8.26
C MET C 140 -29.78 -18.40 -7.15
N PRO C 141 -29.54 -19.53 -6.46
CA PRO C 141 -30.39 -19.98 -5.36
C PRO C 141 -30.48 -18.92 -4.28
N LEU C 142 -31.67 -18.72 -3.74
CA LEU C 142 -31.88 -17.72 -2.70
C LEU C 142 -31.02 -17.93 -1.45
N GLU C 143 -30.94 -19.17 -0.97
CA GLU C 143 -30.16 -19.46 0.23
C GLU C 143 -28.69 -19.12 0.04
N ASN C 144 -28.19 -19.33 -1.18
CA ASN C 144 -26.79 -19.03 -1.46
C ASN C 144 -26.57 -17.53 -1.50
N ALA C 145 -27.45 -16.81 -2.19
CA ALA C 145 -27.35 -15.36 -2.29
C ALA C 145 -27.31 -14.68 -0.92
N VAL C 146 -28.05 -15.23 0.04
CA VAL C 146 -28.10 -14.62 1.37
C VAL C 146 -26.73 -14.65 2.04
N MET C 147 -25.94 -15.68 1.74
CA MET C 147 -24.62 -15.82 2.32
C MET C 147 -23.66 -14.72 1.90
N ILE C 148 -23.99 -14.03 0.81
CA ILE C 148 -23.16 -12.94 0.29
C ILE C 148 -23.24 -11.69 1.16
N THR C 149 -24.47 -11.39 1.57
CA THR C 149 -24.78 -10.20 2.33
C THR C 149 -23.94 -9.92 3.58
N ASP C 150 -23.47 -10.97 4.24
CA ASP C 150 -22.68 -10.79 5.45
C ASP C 150 -21.54 -11.79 5.62
N MET C 151 -21.84 -13.07 5.54
CA MET C 151 -20.82 -14.10 5.70
C MET C 151 -19.66 -13.98 4.73
N MET C 152 -19.97 -13.86 3.44
CA MET C 152 -18.91 -13.77 2.43
C MET C 152 -18.12 -12.48 2.54
N THR C 153 -18.80 -11.34 2.56
CA THR C 153 -18.12 -10.06 2.65
C THR C 153 -17.30 -9.93 3.93
N THR C 154 -17.78 -10.50 5.03
CA THR C 154 -17.05 -10.41 6.28
C THR C 154 -15.81 -11.31 6.28
N GLY C 155 -15.98 -12.58 5.89
CA GLY C 155 -14.86 -13.50 5.85
C GLY C 155 -13.78 -13.03 4.88
N PHE C 156 -14.20 -12.58 3.70
CA PHE C 156 -13.25 -12.09 2.70
C PHE C 156 -12.55 -10.83 3.18
N HIS C 157 -13.29 -9.94 3.84
CA HIS C 157 -12.69 -8.71 4.35
C HIS C 157 -11.59 -9.10 5.35
N GLY C 158 -11.78 -10.23 6.02
CA GLY C 158 -10.77 -10.69 6.96
C GLY C 158 -9.51 -11.03 6.20
N ALA C 159 -9.68 -11.66 5.03
CA ALA C 159 -8.55 -12.04 4.19
C ALA C 159 -7.91 -10.80 3.55
N GLU C 160 -8.73 -9.81 3.23
CA GLU C 160 -8.25 -8.57 2.62
C GLU C 160 -7.40 -7.79 3.61
N LEU C 161 -7.93 -7.60 4.80
CA LEU C 161 -7.23 -6.88 5.86
C LEU C 161 -5.87 -7.52 6.18
N ALA C 162 -5.83 -8.85 6.10
CA ALA C 162 -4.61 -9.60 6.37
C ALA C 162 -3.47 -9.34 5.39
N ASP C 163 -3.78 -8.75 4.24
CA ASP C 163 -2.77 -8.42 3.23
C ASP C 163 -1.91 -9.65 2.99
N ILE C 164 -2.54 -10.70 2.51
CA ILE C 164 -1.89 -11.98 2.26
C ILE C 164 -1.02 -11.96 1.01
N GLU C 165 0.13 -12.62 1.07
CA GLU C 165 1.02 -12.69 -0.08
C GLU C 165 0.96 -14.09 -0.63
N MET C 166 1.36 -14.25 -1.89
CA MET C 166 1.35 -15.56 -2.55
C MET C 166 2.22 -16.52 -1.76
N GLY C 167 1.62 -17.61 -1.30
CA GLY C 167 2.39 -18.58 -0.53
C GLY C 167 2.42 -18.36 0.97
N SER C 168 1.79 -17.29 1.47
CA SER C 168 1.76 -17.01 2.91
C SER C 168 1.14 -18.17 3.69
N SER C 169 1.58 -18.36 4.93
CA SER C 169 0.99 -19.39 5.77
C SER C 169 -0.06 -18.62 6.57
N VAL C 170 -1.24 -19.18 6.71
CA VAL C 170 -2.31 -18.50 7.41
C VAL C 170 -3.05 -19.38 8.41
N VAL C 171 -3.39 -18.78 9.56
CA VAL C 171 -4.15 -19.47 10.58
C VAL C 171 -5.47 -18.72 10.74
N VAL C 172 -6.59 -19.43 10.66
CA VAL C 172 -7.90 -18.81 10.82
C VAL C 172 -8.48 -19.36 12.12
N ILE C 173 -8.53 -18.53 13.16
CA ILE C 173 -9.07 -18.98 14.45
C ILE C 173 -10.61 -18.91 14.45
N GLY C 174 -11.24 -20.06 14.47
CA GLY C 174 -12.69 -20.11 14.46
C GLY C 174 -13.19 -20.50 13.09
N ILE C 175 -13.98 -21.56 13.01
CA ILE C 175 -14.49 -21.99 11.72
C ILE C 175 -16.00 -22.03 11.56
N GLY C 176 -16.65 -21.01 12.13
CA GLY C 176 -18.09 -20.89 11.95
C GLY C 176 -18.18 -20.28 10.57
N ALA C 177 -19.38 -19.95 10.10
CA ALA C 177 -19.55 -19.37 8.78
C ALA C 177 -18.52 -18.29 8.42
N VAL C 178 -18.36 -17.29 9.29
CA VAL C 178 -17.40 -16.22 9.03
C VAL C 178 -15.98 -16.75 8.82
N GLY C 179 -15.56 -17.65 9.71
CA GLY C 179 -14.22 -18.22 9.59
C GLY C 179 -14.05 -19.04 8.33
N LEU C 180 -15.11 -19.76 7.95
CA LEU C 180 -15.09 -20.58 6.75
C LEU C 180 -14.87 -19.68 5.53
N MET C 181 -15.50 -18.51 5.53
CA MET C 181 -15.31 -17.59 4.43
C MET C 181 -13.91 -16.97 4.52
N GLY C 182 -13.41 -16.84 5.75
CA GLY C 182 -12.06 -16.31 5.94
C GLY C 182 -11.04 -17.25 5.32
N ILE C 183 -11.32 -18.56 5.42
CA ILE C 183 -10.45 -19.59 4.84
C ILE C 183 -10.55 -19.56 3.32
N ALA C 184 -11.78 -19.49 2.81
CA ALA C 184 -12.00 -19.44 1.37
C ALA C 184 -11.33 -18.18 0.83
N GLY C 185 -11.49 -17.08 1.55
CA GLY C 185 -10.90 -15.82 1.14
C GLY C 185 -9.38 -15.82 1.18
N ALA C 186 -8.80 -16.47 2.18
CA ALA C 186 -7.35 -16.54 2.32
C ALA C 186 -6.81 -17.32 1.13
N LYS C 187 -7.53 -18.38 0.74
CA LYS C 187 -7.10 -19.20 -0.39
C LYS C 187 -7.17 -18.36 -1.67
N LEU C 188 -8.19 -17.53 -1.76
CA LEU C 188 -8.38 -16.67 -2.94
C LEU C 188 -7.46 -15.45 -2.94
N ARG C 189 -6.51 -15.40 -2.01
CA ARG C 189 -5.55 -14.31 -1.95
C ARG C 189 -4.16 -14.89 -2.16
N GLY C 190 -4.11 -16.20 -2.39
CA GLY C 190 -2.85 -16.87 -2.67
C GLY C 190 -2.18 -17.64 -1.55
N ALA C 191 -2.86 -17.75 -0.40
CA ALA C 191 -2.29 -18.44 0.76
C ALA C 191 -1.82 -19.86 0.43
N GLY C 192 -0.75 -20.28 1.10
CA GLY C 192 -0.25 -21.64 0.91
C GLY C 192 -0.93 -22.47 1.97
N ARG C 193 -0.25 -22.64 3.10
CA ARG C 193 -0.80 -23.41 4.22
C ARG C 193 -1.88 -22.60 4.93
N ILE C 194 -3.02 -23.23 5.17
CA ILE C 194 -4.12 -22.58 5.88
C ILE C 194 -4.54 -23.50 7.02
N ILE C 195 -4.27 -23.06 8.25
CA ILE C 195 -4.58 -23.84 9.44
C ILE C 195 -5.89 -23.34 10.05
N GLY C 196 -6.89 -24.20 10.10
CA GLY C 196 -8.16 -23.82 10.69
C GLY C 196 -8.29 -24.30 12.11
N VAL C 197 -8.87 -23.48 12.98
CA VAL C 197 -9.03 -23.86 14.39
C VAL C 197 -10.51 -24.00 14.75
N GLY C 198 -10.89 -25.22 15.16
CA GLY C 198 -12.27 -25.47 15.53
C GLY C 198 -12.48 -26.97 15.73
N SER C 199 -13.67 -27.38 16.14
CA SER C 199 -13.93 -28.80 16.37
C SER C 199 -15.23 -29.37 15.80
N ARG C 200 -16.27 -28.54 15.66
CA ARG C 200 -17.52 -29.03 15.11
C ARG C 200 -17.24 -29.79 13.82
N PRO C 201 -17.61 -31.08 13.77
CA PRO C 201 -17.38 -31.93 12.60
C PRO C 201 -17.84 -31.33 11.27
N ILE C 202 -19.08 -30.84 11.22
CA ILE C 202 -19.61 -30.25 9.99
C ILE C 202 -18.78 -29.05 9.54
N CYS C 203 -18.31 -28.25 10.49
CA CYS C 203 -17.49 -27.07 10.17
C CYS C 203 -16.10 -27.49 9.72
N VAL C 204 -15.54 -28.51 10.36
CA VAL C 204 -14.22 -29.01 10.01
C VAL C 204 -14.21 -29.51 8.57
N GLU C 205 -15.25 -30.24 8.17
CA GLU C 205 -15.31 -30.74 6.81
C GLU C 205 -15.48 -29.57 5.82
N ALA C 206 -16.19 -28.54 6.24
CA ALA C 206 -16.40 -27.37 5.39
C ALA C 206 -15.10 -26.57 5.29
N ALA C 207 -14.31 -26.61 6.37
CA ALA C 207 -13.05 -25.89 6.41
C ALA C 207 -12.10 -26.44 5.35
N LYS C 208 -12.01 -27.76 5.30
CA LYS C 208 -11.15 -28.44 4.34
C LYS C 208 -11.64 -28.17 2.92
N PHE C 209 -12.95 -28.24 2.72
CA PHE C 209 -13.51 -27.98 1.40
C PHE C 209 -13.14 -26.59 0.89
N TYR C 210 -13.19 -25.60 1.77
CA TYR C 210 -12.85 -24.24 1.38
C TYR C 210 -11.35 -23.96 1.29
N GLY C 211 -10.52 -24.93 1.65
CA GLY C 211 -9.08 -24.72 1.53
C GLY C 211 -8.15 -25.02 2.68
N ALA C 212 -8.68 -25.29 3.87
CA ALA C 212 -7.85 -25.60 5.02
C ALA C 212 -6.95 -26.82 4.78
N THR C 213 -5.66 -26.67 5.06
CA THR C 213 -4.69 -27.76 4.88
C THR C 213 -4.43 -28.49 6.20
N ASP C 214 -4.78 -27.85 7.32
CA ASP C 214 -4.59 -28.47 8.63
C ASP C 214 -5.74 -28.02 9.51
N ILE C 215 -6.12 -28.87 10.45
CA ILE C 215 -7.20 -28.55 11.36
C ILE C 215 -6.68 -28.74 12.77
N LEU C 216 -6.98 -27.80 13.66
CA LEU C 216 -6.54 -27.86 15.06
C LEU C 216 -7.72 -27.62 15.99
N ASN C 217 -7.82 -28.43 17.03
CA ASN C 217 -8.89 -28.31 18.01
C ASN C 217 -8.33 -27.48 19.18
N TYR C 218 -8.91 -26.31 19.46
CA TYR C 218 -8.37 -25.49 20.55
C TYR C 218 -8.53 -26.14 21.93
N LYS C 219 -9.43 -27.13 22.03
CA LYS C 219 -9.66 -27.81 23.30
C LYS C 219 -8.51 -28.76 23.66
N ASN C 220 -7.70 -29.11 22.67
CA ASN C 220 -6.56 -30.00 22.87
C ASN C 220 -5.38 -29.34 23.60
N GLY C 221 -5.29 -28.02 23.49
CA GLY C 221 -4.20 -27.30 24.13
C GLY C 221 -4.01 -25.91 23.52
N HIS C 222 -3.23 -25.07 24.20
CA HIS C 222 -2.97 -23.71 23.73
C HIS C 222 -2.72 -23.76 22.21
N ILE C 223 -3.57 -23.08 21.46
CA ILE C 223 -3.42 -23.10 20.01
C ILE C 223 -2.08 -22.55 19.54
N GLU C 224 -1.57 -21.53 20.23
CA GLU C 224 -0.29 -20.98 19.82
C GLU C 224 0.79 -22.05 19.93
N ASP C 225 0.69 -22.91 20.95
CA ASP C 225 1.68 -23.97 21.09
C ASP C 225 1.48 -25.02 20.00
N GLN C 226 0.23 -25.34 19.69
CA GLN C 226 -0.02 -26.31 18.62
C GLN C 226 0.51 -25.77 17.29
N VAL C 227 0.23 -24.52 16.99
CA VAL C 227 0.69 -23.91 15.75
C VAL C 227 2.21 -23.91 15.65
N MET C 228 2.90 -23.54 16.73
CA MET C 228 4.36 -23.55 16.71
C MET C 228 4.90 -24.94 16.44
N LYS C 229 4.22 -25.96 16.95
CA LYS C 229 4.64 -27.35 16.73
C LYS C 229 4.50 -27.70 15.24
N LEU C 230 3.35 -27.36 14.66
CA LEU C 230 3.08 -27.62 13.25
C LEU C 230 4.07 -26.94 12.32
N THR C 231 4.51 -25.75 12.70
CA THR C 231 5.44 -24.99 11.87
C THR C 231 6.88 -25.06 12.35
N ASN C 232 7.21 -26.11 13.08
CA ASN C 232 8.57 -26.30 13.58
C ASN C 232 9.10 -25.04 14.28
N GLY C 233 8.26 -24.40 15.08
CA GLY C 233 8.65 -23.20 15.80
C GLY C 233 8.80 -21.93 15.00
N LYS C 234 8.45 -21.97 13.71
CA LYS C 234 8.60 -20.76 12.89
C LYS C 234 7.41 -19.82 12.90
N GLY C 235 6.26 -20.31 13.32
CA GLY C 235 5.07 -19.47 13.35
C GLY C 235 4.44 -19.35 11.97
N VAL C 236 3.43 -18.49 11.82
CA VAL C 236 2.77 -18.30 10.54
C VAL C 236 2.85 -16.86 10.10
N ASP C 237 2.61 -16.61 8.82
CA ASP C 237 2.70 -15.25 8.28
C ASP C 237 1.53 -14.37 8.69
N ARG C 238 0.33 -14.96 8.75
CA ARG C 238 -0.87 -14.20 9.06
C ARG C 238 -1.88 -14.95 9.92
N VAL C 239 -2.73 -14.18 10.61
CA VAL C 239 -3.76 -14.79 11.45
C VAL C 239 -5.06 -14.01 11.25
N ILE C 240 -6.16 -14.73 11.07
CA ILE C 240 -7.47 -14.13 10.93
C ILE C 240 -8.30 -14.54 12.16
N MET C 241 -8.68 -13.56 12.97
CA MET C 241 -9.48 -13.81 14.17
C MET C 241 -10.96 -13.77 13.79
N ALA C 242 -11.59 -14.94 13.79
CA ALA C 242 -12.98 -15.08 13.39
C ALA C 242 -13.84 -15.86 14.38
N GLY C 243 -13.31 -16.10 15.57
CA GLY C 243 -14.05 -16.84 16.58
C GLY C 243 -13.30 -16.89 17.90
N GLY C 244 -14.01 -17.26 18.96
CA GLY C 244 -13.36 -17.32 20.26
C GLY C 244 -13.50 -16.00 21.02
N GLY C 245 -12.89 -15.93 22.20
CA GLY C 245 -12.98 -14.72 23.01
C GLY C 245 -11.81 -13.79 22.81
N SER C 246 -11.76 -12.72 23.59
CA SER C 246 -10.70 -11.73 23.46
C SER C 246 -9.31 -12.29 23.74
N GLU C 247 -9.22 -13.46 24.36
CA GLU C 247 -7.90 -14.01 24.62
C GLU C 247 -7.27 -14.51 23.34
N THR C 248 -8.06 -14.67 22.28
CA THR C 248 -7.52 -15.15 21.02
C THR C 248 -6.50 -14.15 20.45
N LEU C 249 -6.57 -12.90 20.89
CA LEU C 249 -5.63 -11.89 20.40
C LEU C 249 -4.23 -12.23 20.86
N SER C 250 -4.10 -12.59 22.12
CA SER C 250 -2.81 -12.95 22.66
C SER C 250 -2.27 -14.17 21.92
N GLN C 251 -3.14 -15.16 21.71
CA GLN C 251 -2.73 -16.36 21.01
C GLN C 251 -2.23 -16.02 19.60
N ALA C 252 -2.93 -15.11 18.93
CA ALA C 252 -2.56 -14.69 17.59
C ALA C 252 -1.16 -14.06 17.63
N VAL C 253 -0.94 -13.13 18.55
CA VAL C 253 0.38 -12.51 18.64
C VAL C 253 1.49 -13.54 18.88
N LYS C 254 1.20 -14.53 19.71
CA LYS C 254 2.20 -15.54 20.03
C LYS C 254 2.51 -16.53 18.90
N MET C 255 1.59 -16.70 17.96
CA MET C 255 1.81 -17.63 16.87
C MET C 255 2.23 -16.98 15.55
N VAL C 256 2.09 -15.66 15.44
CA VAL C 256 2.45 -14.98 14.20
C VAL C 256 3.90 -14.51 14.20
N LYS C 257 4.53 -14.52 13.03
CA LYS C 257 5.92 -14.12 12.88
C LYS C 257 6.09 -12.61 12.99
N PRO C 258 7.32 -12.17 13.30
CA PRO C 258 7.57 -10.72 13.40
C PRO C 258 7.33 -10.20 11.98
N GLY C 259 6.72 -9.03 11.85
CA GLY C 259 6.43 -8.52 10.53
C GLY C 259 5.12 -9.05 9.99
N GLY C 260 4.49 -9.96 10.73
CA GLY C 260 3.23 -10.52 10.28
C GLY C 260 2.04 -9.63 10.56
N ILE C 261 0.86 -10.06 10.14
CA ILE C 261 -0.35 -9.28 10.34
C ILE C 261 -1.48 -10.11 10.95
N ILE C 262 -2.17 -9.52 11.92
CA ILE C 262 -3.30 -10.16 12.59
C ILE C 262 -4.57 -9.39 12.18
N SER C 263 -5.51 -10.11 11.60
CA SER C 263 -6.74 -9.55 11.10
C SER C 263 -7.98 -10.03 11.85
N ASN C 264 -8.63 -9.11 12.55
CA ASN C 264 -9.81 -9.45 13.32
C ASN C 264 -11.14 -9.10 12.65
N ILE C 265 -12.02 -10.08 12.54
CA ILE C 265 -13.34 -9.82 11.97
C ILE C 265 -14.34 -10.40 12.96
N ASN C 266 -13.82 -10.79 14.11
CA ASN C 266 -14.61 -11.35 15.19
C ASN C 266 -15.17 -10.21 16.04
N TYR C 267 -16.49 -10.22 16.23
CA TYR C 267 -17.18 -9.19 17.00
C TYR C 267 -17.12 -9.50 18.50
N HIS C 268 -16.23 -8.79 19.19
CA HIS C 268 -16.02 -8.96 20.63
C HIS C 268 -17.03 -8.15 21.42
N GLY C 269 -18.11 -8.80 21.85
CA GLY C 269 -19.13 -8.11 22.61
C GLY C 269 -19.10 -8.34 24.11
N SER C 270 -17.97 -8.82 24.62
CA SER C 270 -17.85 -9.07 26.05
C SER C 270 -16.46 -8.78 26.59
N GLY C 271 -16.36 -8.51 27.89
CA GLY C 271 -15.08 -8.21 28.50
C GLY C 271 -14.70 -6.74 28.44
N ASP C 272 -13.78 -6.34 29.31
CA ASP C 272 -13.34 -4.94 29.35
C ASP C 272 -12.34 -4.61 28.27
N ALA C 273 -11.41 -5.53 27.99
CA ALA C 273 -10.40 -5.29 26.98
C ALA C 273 -9.68 -6.55 26.54
N LEU C 274 -8.99 -6.44 25.41
CA LEU C 274 -8.22 -7.54 24.85
C LEU C 274 -6.76 -7.24 25.20
N LEU C 275 -5.99 -8.29 25.51
CA LEU C 275 -4.60 -8.10 25.89
C LEU C 275 -3.61 -8.50 24.81
N ILE C 276 -2.54 -7.72 24.72
CA ILE C 276 -1.46 -7.98 23.77
C ILE C 276 -0.28 -8.39 24.67
N PRO C 277 0.26 -9.61 24.48
CA PRO C 277 1.39 -10.04 25.30
C PRO C 277 2.64 -9.25 24.97
N ARG C 278 3.15 -8.53 25.97
CA ARG C 278 4.33 -7.67 25.81
C ARG C 278 5.55 -8.30 25.14
N VAL C 279 6.04 -9.39 25.72
CA VAL C 279 7.22 -10.06 25.19
C VAL C 279 7.04 -10.59 23.77
N GLU C 280 5.95 -11.29 23.52
CA GLU C 280 5.71 -11.85 22.19
C GLU C 280 5.40 -10.78 21.14
N TRP C 281 5.08 -9.58 21.57
CA TRP C 281 4.81 -8.49 20.64
C TRP C 281 6.10 -7.69 20.47
N GLY C 282 7.21 -8.35 20.81
CA GLY C 282 8.53 -7.72 20.71
C GLY C 282 8.57 -6.39 21.46
N CYS C 283 7.87 -6.33 22.59
CA CYS C 283 7.81 -5.12 23.40
C CYS C 283 7.25 -3.96 22.56
N GLY C 284 6.49 -4.31 21.52
CA GLY C 284 5.90 -3.31 20.65
C GLY C 284 6.73 -2.92 19.45
N MET C 285 7.79 -3.69 19.17
CA MET C 285 8.66 -3.37 18.05
C MET C 285 8.84 -4.51 17.06
N ALA C 286 7.98 -5.53 17.17
CA ALA C 286 8.06 -6.70 16.29
C ALA C 286 7.31 -6.57 14.97
N HIS C 287 6.78 -5.39 14.69
CA HIS C 287 6.03 -5.16 13.46
C HIS C 287 4.91 -6.20 13.29
N LYS C 288 4.25 -6.56 14.38
CA LYS C 288 3.14 -7.49 14.32
C LYS C 288 1.90 -6.59 14.31
N THR C 289 1.48 -6.22 13.11
CA THR C 289 0.33 -5.35 12.91
C THR C 289 -0.98 -6.00 13.28
N ILE C 290 -1.85 -5.24 13.93
CA ILE C 290 -3.14 -5.74 14.36
C ILE C 290 -4.22 -4.88 13.74
N LYS C 291 -5.09 -5.52 12.98
CA LYS C 291 -6.17 -4.81 12.31
C LYS C 291 -7.48 -5.42 12.74
N GLY C 292 -8.57 -4.71 12.46
CA GLY C 292 -9.88 -5.21 12.82
C GLY C 292 -10.92 -4.28 12.24
N GLY C 293 -11.80 -4.81 11.40
CA GLY C 293 -12.82 -3.96 10.82
C GLY C 293 -14.13 -4.62 10.43
N LEU C 294 -15.17 -3.79 10.39
CA LEU C 294 -16.52 -4.20 10.02
C LEU C 294 -16.48 -4.44 8.52
N CYS C 295 -17.29 -5.39 8.03
CA CYS C 295 -17.31 -5.71 6.61
C CYS C 295 -17.79 -4.57 5.72
N PRO C 296 -17.25 -4.48 4.49
CA PRO C 296 -17.65 -3.43 3.56
C PRO C 296 -19.03 -3.79 3.00
N GLY C 297 -19.78 -2.77 2.61
CA GLY C 297 -21.10 -2.98 2.05
C GLY C 297 -21.24 -2.14 0.80
N GLY C 298 -22.47 -1.85 0.41
CA GLY C 298 -22.68 -1.04 -0.78
C GLY C 298 -22.80 -1.87 -2.03
N ARG C 299 -23.27 -1.23 -3.09
CA ARG C 299 -23.48 -1.87 -4.38
C ARG C 299 -22.23 -2.49 -5.02
N LEU C 300 -21.15 -1.73 -5.07
CA LEU C 300 -19.94 -2.23 -5.71
C LEU C 300 -19.46 -3.52 -5.09
N ARG C 301 -19.43 -3.54 -3.76
CA ARG C 301 -19.00 -4.72 -3.02
C ARG C 301 -19.95 -5.89 -3.33
N ALA C 302 -21.25 -5.64 -3.22
CA ALA C 302 -22.24 -6.68 -3.48
C ALA C 302 -22.15 -7.24 -4.90
N GLU C 303 -22.01 -6.36 -5.90
CA GLU C 303 -21.91 -6.79 -7.29
C GLU C 303 -20.62 -7.60 -7.54
N ARG C 304 -19.51 -7.17 -6.94
CA ARG C 304 -18.25 -7.87 -7.11
C ARG C 304 -18.28 -9.27 -6.50
N LEU C 305 -18.80 -9.37 -5.27
CA LEU C 305 -18.87 -10.67 -4.63
C LEU C 305 -19.89 -11.54 -5.36
N ARG C 306 -20.99 -10.92 -5.80
CA ARG C 306 -22.03 -11.64 -6.53
C ARG C 306 -21.40 -12.26 -7.76
N ASP C 307 -20.63 -11.47 -8.49
CA ASP C 307 -20.00 -11.95 -9.69
C ASP C 307 -19.00 -13.06 -9.40
N MET C 308 -18.33 -12.99 -8.25
CA MET C 308 -17.39 -14.04 -7.90
C MET C 308 -18.19 -15.36 -7.78
N VAL C 309 -19.35 -15.28 -7.15
CA VAL C 309 -20.19 -16.47 -6.99
C VAL C 309 -20.65 -16.97 -8.35
N VAL C 310 -21.16 -16.06 -9.19
CA VAL C 310 -21.61 -16.45 -10.52
C VAL C 310 -20.50 -17.16 -11.29
N TYR C 311 -19.25 -16.71 -11.09
CA TYR C 311 -18.11 -17.31 -11.77
C TYR C 311 -17.51 -18.48 -10.98
N ASN C 312 -18.25 -18.94 -9.99
CA ASN C 312 -17.84 -20.06 -9.17
C ASN C 312 -16.47 -19.95 -8.49
N ARG C 313 -16.10 -18.76 -8.03
CA ARG C 313 -14.83 -18.61 -7.33
C ARG C 313 -14.98 -19.25 -5.94
N VAL C 314 -16.21 -19.26 -5.43
CA VAL C 314 -16.53 -19.86 -4.14
C VAL C 314 -17.94 -20.45 -4.15
N ASP C 315 -18.08 -21.62 -3.57
CA ASP C 315 -19.38 -22.32 -3.49
C ASP C 315 -19.99 -22.06 -2.11
N LEU C 316 -20.94 -21.15 -2.06
CA LEU C 316 -21.59 -20.79 -0.80
C LEU C 316 -22.60 -21.79 -0.26
N SER C 317 -22.98 -22.79 -1.07
CA SER C 317 -23.97 -23.76 -0.62
C SER C 317 -23.55 -24.51 0.64
N LYS C 318 -22.26 -24.64 0.86
CA LYS C 318 -21.77 -25.36 2.03
C LYS C 318 -22.02 -24.65 3.38
N LEU C 319 -22.38 -23.37 3.33
CA LEU C 319 -22.62 -22.64 4.58
C LEU C 319 -24.05 -22.85 5.10
N VAL C 320 -24.97 -23.15 4.20
CA VAL C 320 -26.37 -23.35 4.55
C VAL C 320 -26.68 -24.79 4.91
N THR C 321 -26.83 -25.06 6.21
CA THR C 321 -27.12 -26.40 6.68
C THR C 321 -28.59 -26.55 7.08
N HIS C 322 -29.26 -25.43 7.31
CA HIS C 322 -30.67 -25.45 7.70
C HIS C 322 -31.52 -24.55 6.82
N VAL C 323 -32.60 -25.10 6.27
CA VAL C 323 -33.51 -24.33 5.43
C VAL C 323 -34.95 -24.51 5.87
N TYR C 324 -35.61 -23.39 6.16
CA TYR C 324 -37.00 -23.41 6.58
C TYR C 324 -37.82 -22.70 5.51
N HIS C 325 -39.15 -22.79 5.62
CA HIS C 325 -40.03 -22.14 4.65
C HIS C 325 -41.22 -21.53 5.35
N GLY C 326 -41.07 -20.27 5.78
CA GLY C 326 -42.16 -19.60 6.45
C GLY C 326 -41.69 -18.42 7.29
N PHE C 327 -42.20 -17.24 6.96
CA PHE C 327 -41.84 -16.03 7.68
C PHE C 327 -41.95 -16.21 9.20
N ASP C 328 -42.75 -17.18 9.61
CA ASP C 328 -42.95 -17.47 11.03
C ASP C 328 -41.81 -18.26 11.65
N HIS C 329 -40.91 -18.79 10.81
CA HIS C 329 -39.79 -19.56 11.29
C HIS C 329 -38.62 -18.68 11.73
N ILE C 330 -38.63 -17.43 11.27
CA ILE C 330 -37.58 -16.47 11.61
C ILE C 330 -37.22 -16.58 13.08
N GLU C 331 -38.23 -16.48 13.94
CA GLU C 331 -38.06 -16.56 15.39
C GLU C 331 -37.27 -17.82 15.77
N GLU C 332 -37.73 -18.97 15.28
CA GLU C 332 -37.08 -20.25 15.56
C GLU C 332 -35.63 -20.25 15.09
N ALA C 333 -35.40 -19.76 13.88
CA ALA C 333 -34.07 -19.70 13.29
C ALA C 333 -33.06 -18.98 14.17
N LEU C 334 -33.38 -17.75 14.55
CA LEU C 334 -32.49 -16.94 15.39
C LEU C 334 -32.09 -17.67 16.67
N LEU C 335 -32.99 -18.51 17.18
CA LEU C 335 -32.71 -19.26 18.40
C LEU C 335 -31.61 -20.30 18.19
N LEU C 336 -31.43 -20.71 16.94
CA LEU C 336 -30.40 -21.69 16.60
C LEU C 336 -29.03 -21.05 16.75
N MET C 337 -28.95 -19.76 16.44
CA MET C 337 -27.70 -19.02 16.55
C MET C 337 -27.39 -18.72 18.01
N LYS C 338 -28.27 -19.16 18.90
CA LYS C 338 -28.10 -18.95 20.33
C LYS C 338 -27.59 -20.22 20.99
N ASP C 339 -28.35 -21.30 20.81
CA ASP C 339 -27.99 -22.59 21.37
C ASP C 339 -26.90 -23.19 20.48
N LYS C 340 -27.18 -23.18 19.18
CA LYS C 340 -26.26 -23.67 18.16
C LYS C 340 -25.88 -25.14 18.27
N PRO C 341 -26.67 -26.02 17.63
CA PRO C 341 -26.38 -27.46 17.67
C PRO C 341 -25.09 -27.71 16.89
N LYS C 342 -24.47 -28.87 17.08
CA LYS C 342 -23.22 -29.17 16.41
C LYS C 342 -23.30 -29.56 14.92
N ASP C 343 -24.47 -29.43 14.31
CA ASP C 343 -24.62 -29.78 12.90
C ASP C 343 -25.10 -28.59 12.08
N LEU C 344 -25.03 -27.41 12.70
CA LEU C 344 -25.48 -26.18 12.06
C LEU C 344 -24.38 -25.17 11.77
N ILE C 345 -24.47 -24.54 10.61
CA ILE C 345 -23.53 -23.49 10.23
C ILE C 345 -24.37 -22.22 10.09
N LYS C 346 -25.24 -22.19 9.09
CA LYS C 346 -26.13 -21.04 8.88
C LYS C 346 -27.50 -21.55 8.48
N ALA C 347 -28.54 -20.80 8.85
CA ALA C 347 -29.90 -21.20 8.50
C ALA C 347 -30.51 -20.13 7.61
N VAL C 348 -31.34 -20.57 6.67
CA VAL C 348 -32.01 -19.65 5.75
C VAL C 348 -33.51 -19.89 5.78
N VAL C 349 -34.27 -18.84 6.06
CA VAL C 349 -35.71 -18.95 6.09
C VAL C 349 -36.24 -18.29 4.83
N ILE C 350 -36.78 -19.11 3.93
CA ILE C 350 -37.33 -18.62 2.69
C ILE C 350 -38.79 -18.22 2.90
N LEU C 351 -39.19 -17.09 2.35
CA LEU C 351 -40.56 -16.62 2.49
C LEU C 351 -41.37 -16.91 1.24
N MET D 1 40.94 -4.35 25.65
CA MET D 1 40.39 -3.01 25.66
C MET D 1 39.40 -2.81 26.81
N LYS D 2 39.02 -1.55 27.01
CA LYS D 2 38.10 -1.20 28.08
C LYS D 2 36.72 -0.92 27.48
N GLY D 3 35.68 -1.23 28.25
CA GLY D 3 34.33 -0.99 27.80
C GLY D 3 33.38 -0.86 28.97
N PHE D 4 32.35 -0.03 28.81
CA PHE D 4 31.38 0.16 29.86
C PHE D 4 30.24 -0.81 29.58
N ALA D 5 30.16 -1.86 30.38
CA ALA D 5 29.15 -2.89 30.17
C ALA D 5 28.16 -3.08 31.29
N MET D 6 27.16 -3.92 31.01
CA MET D 6 26.15 -4.28 31.99
C MET D 6 26.68 -5.53 32.68
N LEU D 7 26.92 -5.43 33.98
CA LEU D 7 27.41 -6.56 34.77
C LEU D 7 26.21 -7.33 35.28
N GLY D 8 25.36 -7.78 34.37
CA GLY D 8 24.17 -8.50 34.75
C GLY D 8 23.01 -7.55 34.95
N ILE D 9 21.80 -8.10 34.98
CA ILE D 9 20.60 -7.30 35.15
C ILE D 9 20.63 -6.49 36.46
N ASN D 10 20.44 -5.19 36.35
CA ASN D 10 20.44 -4.26 37.50
C ASN D 10 21.83 -3.84 37.95
N LYS D 11 22.84 -4.10 37.13
CA LYS D 11 24.21 -3.73 37.47
C LYS D 11 25.08 -3.41 36.25
N LEU D 12 26.00 -2.48 36.42
CA LEU D 12 26.90 -2.08 35.33
C LEU D 12 28.24 -1.56 35.86
N GLY D 13 29.19 -1.38 34.96
CA GLY D 13 30.50 -0.89 35.33
C GLY D 13 31.51 -1.11 34.21
N TRP D 14 32.70 -0.53 34.35
CA TRP D 14 33.74 -0.72 33.34
C TRP D 14 34.40 -2.07 33.47
N ILE D 15 34.61 -2.73 32.34
CA ILE D 15 35.25 -4.04 32.34
C ILE D 15 36.36 -4.11 31.30
N GLU D 16 37.14 -5.18 31.35
CA GLU D 16 38.23 -5.41 30.43
C GLU D 16 37.74 -6.48 29.46
N LYS D 17 37.85 -6.21 28.16
CA LYS D 17 37.39 -7.16 27.16
C LYS D 17 38.38 -7.23 26.01
N GLU D 18 38.48 -8.41 25.40
CA GLU D 18 39.36 -8.64 24.26
C GLU D 18 38.85 -7.81 23.07
N ARG D 19 39.76 -7.15 22.36
CA ARG D 19 39.34 -6.35 21.20
C ARG D 19 38.79 -7.25 20.09
N PRO D 20 37.58 -6.95 19.62
CA PRO D 20 36.97 -7.76 18.55
C PRO D 20 37.78 -7.73 17.26
N VAL D 21 37.68 -8.80 16.48
CA VAL D 21 38.40 -8.87 15.21
C VAL D 21 37.37 -8.88 14.10
N ALA D 22 37.69 -8.21 13.00
CA ALA D 22 36.79 -8.12 11.88
C ALA D 22 36.76 -9.37 11.00
N GLY D 23 35.56 -9.78 10.62
CA GLY D 23 35.43 -10.92 9.75
C GLY D 23 35.73 -10.42 8.35
N SER D 24 35.69 -11.32 7.39
CA SER D 24 35.96 -10.95 6.00
C SER D 24 35.15 -9.74 5.51
N TYR D 25 33.91 -9.61 6.00
CA TYR D 25 33.03 -8.53 5.58
C TYR D 25 32.76 -7.46 6.64
N ASP D 26 33.44 -7.54 7.77
CA ASP D 26 33.19 -6.59 8.86
C ASP D 26 34.23 -5.48 8.98
N ALA D 27 33.98 -4.59 9.93
CA ALA D 27 34.89 -3.49 10.20
C ALA D 27 34.95 -3.23 11.70
N ILE D 28 36.12 -2.81 12.18
CA ILE D 28 36.28 -2.49 13.58
C ILE D 28 36.29 -0.98 13.61
N VAL D 29 35.50 -0.40 14.49
CA VAL D 29 35.38 1.04 14.58
C VAL D 29 35.61 1.55 15.99
N ARG D 30 36.27 2.70 16.11
CA ARG D 30 36.49 3.29 17.42
C ARG D 30 35.57 4.50 17.45
N PRO D 31 34.81 4.66 18.53
CA PRO D 31 33.88 5.78 18.65
C PRO D 31 34.54 7.15 18.73
N LEU D 32 33.93 8.12 18.06
CA LEU D 32 34.40 9.49 18.06
C LEU D 32 33.38 10.24 18.92
N ALA D 33 32.16 9.69 18.95
CA ALA D 33 31.08 10.29 19.72
C ALA D 33 29.98 9.27 19.96
N VAL D 34 29.46 9.24 21.18
CA VAL D 34 28.40 8.29 21.52
C VAL D 34 27.32 8.94 22.37
N SER D 35 26.19 8.24 22.49
CA SER D 35 25.06 8.75 23.27
C SER D 35 24.34 7.62 23.99
N PRO D 36 23.94 7.85 25.25
CA PRO D 36 23.22 6.82 26.01
C PRO D 36 21.73 6.84 25.64
N CYS D 37 21.10 5.68 25.70
CA CYS D 37 19.69 5.59 25.35
C CYS D 37 18.84 5.09 26.51
N THR D 38 17.59 5.55 26.55
CA THR D 38 16.67 5.13 27.60
C THR D 38 16.44 3.63 27.48
N SER D 39 16.55 3.10 26.26
CA SER D 39 16.35 1.67 26.03
C SER D 39 17.38 0.84 26.82
N ASP D 40 18.60 1.35 26.95
CA ASP D 40 19.64 0.65 27.70
C ASP D 40 19.33 0.61 29.19
N ILE D 41 18.44 1.48 29.64
CA ILE D 41 18.06 1.48 31.06
C ILE D 41 16.98 0.42 31.26
N HIS D 42 16.18 0.18 30.22
CA HIS D 42 15.15 -0.84 30.27
C HIS D 42 15.83 -2.20 30.32
N THR D 43 16.82 -2.36 29.46
CA THR D 43 17.56 -3.60 29.36
C THR D 43 18.34 -3.96 30.61
N VAL D 44 18.88 -2.95 31.28
CA VAL D 44 19.65 -3.17 32.49
C VAL D 44 18.82 -3.33 33.76
N PHE D 45 18.19 -2.25 34.19
CA PHE D 45 17.39 -2.25 35.42
C PHE D 45 15.99 -2.84 35.32
N GLU D 46 15.63 -3.35 34.14
CA GLU D 46 14.32 -3.95 33.94
C GLU D 46 14.47 -5.34 33.32
N GLY D 47 15.60 -5.56 32.67
CA GLY D 47 15.85 -6.84 32.03
C GLY D 47 14.72 -7.18 31.07
N ALA D 48 14.17 -6.14 30.46
CA ALA D 48 13.05 -6.28 29.52
C ALA D 48 13.39 -7.17 28.32
N LEU D 49 14.68 -7.40 28.08
CA LEU D 49 15.12 -8.23 26.96
C LEU D 49 15.75 -9.54 27.43
N GLY D 50 15.62 -9.82 28.72
CA GLY D 50 16.19 -11.02 29.27
C GLY D 50 17.48 -10.67 29.98
N ASP D 51 18.12 -11.67 30.58
CA ASP D 51 19.36 -11.42 31.30
C ASP D 51 20.57 -11.36 30.38
N ARG D 52 21.65 -10.76 30.88
CA ARG D 52 22.89 -10.61 30.14
C ARG D 52 24.02 -10.50 31.17
N LYS D 53 25.25 -10.69 30.72
CA LYS D 53 26.40 -10.58 31.62
C LYS D 53 27.62 -10.10 30.86
N ASN D 54 28.20 -8.99 31.33
CA ASN D 54 29.38 -8.40 30.71
C ASN D 54 29.15 -7.97 29.27
N MET D 55 27.99 -7.39 28.99
CA MET D 55 27.69 -6.92 27.63
C MET D 55 27.94 -5.41 27.57
N ILE D 56 28.89 -4.99 26.75
CA ILE D 56 29.18 -3.57 26.60
C ILE D 56 27.95 -2.88 26.05
N LEU D 57 27.50 -1.83 26.73
CA LEU D 57 26.30 -1.10 26.33
C LEU D 57 26.44 -0.06 25.22
N GLY D 58 25.32 0.57 24.88
CA GLY D 58 25.34 1.61 23.85
C GLY D 58 25.18 1.15 22.40
N HIS D 59 24.42 1.91 21.64
CA HIS D 59 24.19 1.62 20.23
C HIS D 59 23.98 2.87 19.41
N GLU D 60 24.51 3.99 19.89
CA GLU D 60 24.39 5.25 19.17
C GLU D 60 25.78 5.85 19.06
N ALA D 61 26.38 5.73 17.89
CA ALA D 61 27.71 6.26 17.72
C ALA D 61 28.11 6.60 16.29
N VAL D 62 29.10 7.47 16.21
CA VAL D 62 29.70 7.88 14.96
C VAL D 62 31.16 7.61 15.28
N GLY D 63 31.92 7.10 14.32
CA GLY D 63 33.31 6.83 14.63
C GLY D 63 34.22 6.81 13.43
N GLU D 64 35.43 6.29 13.64
CA GLU D 64 36.41 6.19 12.59
C GLU D 64 36.73 4.72 12.38
N VAL D 65 36.72 4.30 11.12
CA VAL D 65 37.03 2.91 10.79
C VAL D 65 38.52 2.67 11.03
N VAL D 66 38.82 1.63 11.79
CA VAL D 66 40.19 1.29 12.14
C VAL D 66 40.67 0.04 11.42
N GLU D 67 39.73 -0.84 11.10
CA GLU D 67 40.06 -2.11 10.46
C GLU D 67 38.89 -2.61 9.64
N VAL D 68 39.18 -3.20 8.48
CA VAL D 68 38.13 -3.76 7.62
C VAL D 68 38.55 -5.13 7.10
N GLY D 69 37.56 -5.99 6.86
CA GLY D 69 37.84 -7.32 6.33
C GLY D 69 38.33 -7.27 4.90
N SER D 70 38.93 -8.37 4.43
CA SER D 70 39.46 -8.44 3.08
C SER D 70 38.44 -8.25 1.98
N GLU D 71 37.16 -8.49 2.29
CA GLU D 71 36.14 -8.33 1.26
C GLU D 71 35.39 -6.99 1.29
N VAL D 72 35.76 -6.12 2.23
CA VAL D 72 35.12 -4.81 2.33
C VAL D 72 35.64 -3.96 1.17
N LYS D 73 34.74 -3.37 0.40
CA LYS D 73 35.13 -2.58 -0.75
C LYS D 73 34.88 -1.07 -0.67
N ASP D 74 33.82 -0.67 0.04
CA ASP D 74 33.47 0.74 0.12
C ASP D 74 33.94 1.52 1.33
N PHE D 75 34.60 0.86 2.27
CA PHE D 75 35.09 1.53 3.47
C PHE D 75 36.52 1.11 3.78
N LYS D 76 37.29 2.03 4.36
CA LYS D 76 38.68 1.77 4.66
C LYS D 76 39.09 2.50 5.94
N PRO D 77 40.24 2.11 6.51
CA PRO D 77 40.72 2.75 7.73
C PRO D 77 40.84 4.26 7.50
N GLY D 78 40.38 5.05 8.47
CA GLY D 78 40.45 6.49 8.32
C GLY D 78 39.09 7.10 8.00
N ASP D 79 38.20 6.31 7.41
CA ASP D 79 36.87 6.81 7.07
C ASP D 79 36.11 7.10 8.34
N ARG D 80 35.39 8.22 8.35
CA ARG D 80 34.58 8.57 9.50
C ARG D 80 33.18 8.14 9.07
N VAL D 81 32.49 7.40 9.92
CA VAL D 81 31.18 6.89 9.55
C VAL D 81 30.07 7.03 10.58
N ILE D 82 28.84 7.02 10.07
CA ILE D 82 27.65 7.09 10.88
C ILE D 82 27.22 5.62 11.00
N VAL D 83 26.95 5.17 12.21
CA VAL D 83 26.57 3.79 12.44
C VAL D 83 25.12 3.64 12.90
N PRO D 84 24.23 3.13 12.04
CA PRO D 84 22.85 2.98 12.50
C PRO D 84 22.82 1.98 13.66
N CYS D 85 21.89 2.16 14.60
CA CYS D 85 21.81 1.25 15.73
C CYS D 85 21.35 -0.13 15.26
N THR D 86 20.68 -0.15 14.11
CA THR D 86 20.22 -1.40 13.55
C THR D 86 21.15 -1.79 12.41
N THR D 87 21.85 -2.91 12.59
CA THR D 87 22.78 -3.44 11.60
C THR D 87 22.39 -4.90 11.28
N PRO D 88 21.37 -5.06 10.42
CA PRO D 88 20.84 -6.37 10.01
C PRO D 88 21.80 -7.30 9.27
N ASP D 89 21.41 -8.56 9.20
CA ASP D 89 22.17 -9.55 8.44
C ASP D 89 21.34 -9.54 7.17
N TRP D 90 21.86 -8.89 6.13
CA TRP D 90 21.14 -8.77 4.88
C TRP D 90 20.88 -10.06 4.14
N ARG D 91 21.62 -11.10 4.50
CA ARG D 91 21.43 -12.39 3.87
C ARG D 91 20.57 -13.25 4.79
N SER D 92 19.29 -12.90 4.86
CA SER D 92 18.33 -13.62 5.69
C SER D 92 16.97 -13.66 4.99
N LEU D 93 16.18 -14.67 5.32
CA LEU D 93 14.86 -14.79 4.71
C LEU D 93 13.95 -13.65 5.15
N GLU D 94 14.22 -13.06 6.31
CA GLU D 94 13.41 -11.95 6.77
C GLU D 94 13.63 -10.75 5.87
N VAL D 95 14.86 -10.54 5.43
CA VAL D 95 15.16 -9.44 4.52
C VAL D 95 14.40 -9.69 3.22
N GLN D 96 14.43 -10.94 2.76
CA GLN D 96 13.71 -11.30 1.55
C GLN D 96 12.20 -11.06 1.74
N ALA D 97 11.73 -11.11 2.98
CA ALA D 97 10.31 -10.90 3.28
C ALA D 97 9.94 -9.43 3.52
N GLY D 98 10.93 -8.55 3.51
CA GLY D 98 10.67 -7.12 3.70
C GLY D 98 10.86 -6.57 5.10
N PHE D 99 11.49 -7.34 5.98
CA PHE D 99 11.69 -6.87 7.35
C PHE D 99 13.12 -7.04 7.82
N GLN D 100 13.96 -6.08 7.43
CA GLN D 100 15.37 -6.08 7.79
C GLN D 100 15.59 -6.05 9.30
N GLN D 101 14.69 -5.40 10.04
CA GLN D 101 14.81 -5.28 11.48
C GLN D 101 14.78 -6.63 12.21
N HIS D 102 14.22 -7.63 11.56
CA HIS D 102 14.12 -8.94 12.19
C HIS D 102 14.91 -10.02 11.45
N SER D 103 16.04 -9.63 10.89
CA SER D 103 16.89 -10.58 10.18
C SER D 103 17.38 -11.61 11.19
N ASN D 104 17.03 -12.87 10.95
CA ASN D 104 17.41 -14.00 11.81
C ASN D 104 16.77 -13.99 13.20
N GLY D 105 15.60 -13.38 13.34
CA GLY D 105 14.95 -13.37 14.63
C GLY D 105 14.28 -12.06 14.98
N MET D 106 13.28 -12.14 15.86
CA MET D 106 12.54 -10.96 16.29
C MET D 106 13.51 -9.96 16.93
N LEU D 107 13.63 -8.78 16.31
CA LEU D 107 14.50 -7.70 16.78
C LEU D 107 16.00 -7.94 16.55
N ALA D 108 16.32 -9.11 16.01
CA ALA D 108 17.71 -9.49 15.78
C ALA D 108 18.49 -8.59 14.82
N GLY D 109 17.80 -7.65 14.18
CA GLY D 109 18.49 -6.74 13.28
C GLY D 109 19.22 -5.70 14.11
N TRP D 110 18.72 -5.47 15.32
CA TRP D 110 19.34 -4.55 16.25
C TRP D 110 20.21 -5.40 17.18
N LYS D 111 21.52 -5.30 16.98
CA LYS D 111 22.49 -6.07 17.74
C LYS D 111 23.11 -5.33 18.92
N PHE D 112 23.77 -4.21 18.63
CA PHE D 112 24.43 -3.39 19.66
C PHE D 112 23.64 -3.22 20.95
N SER D 113 24.20 -3.76 22.03
CA SER D 113 23.59 -3.66 23.35
C SER D 113 22.25 -4.38 23.47
N ASN D 114 21.90 -5.18 22.46
CA ASN D 114 20.69 -6.00 22.52
C ASN D 114 21.26 -7.34 22.98
N PHE D 115 22.23 -7.84 22.24
CA PHE D 115 22.90 -9.09 22.55
C PHE D 115 24.36 -9.07 22.08
N LYS D 116 24.75 -7.99 21.42
CA LYS D 116 26.11 -7.83 20.91
C LYS D 116 26.79 -6.69 21.66
N ASP D 117 28.07 -6.82 21.98
CA ASP D 117 28.77 -5.74 22.68
C ASP D 117 28.55 -4.42 21.94
N GLY D 118 28.18 -3.39 22.70
CA GLY D 118 27.88 -2.08 22.14
C GLY D 118 29.03 -1.16 21.77
N VAL D 119 28.69 0.11 21.56
CA VAL D 119 29.65 1.11 21.15
C VAL D 119 30.40 1.80 22.29
N PHE D 120 30.04 1.50 23.54
CA PHE D 120 30.73 2.10 24.69
C PHE D 120 32.01 1.35 25.01
N GLY D 121 32.88 1.23 24.01
CA GLY D 121 34.14 0.54 24.20
C GLY D 121 35.17 1.24 23.34
N GLU D 122 36.45 1.03 23.62
CA GLU D 122 37.49 1.69 22.84
C GLU D 122 37.33 1.35 21.36
N TYR D 123 36.73 0.20 21.08
CA TYR D 123 36.50 -0.25 19.71
C TYR D 123 35.24 -1.10 19.71
N PHE D 124 34.56 -1.17 18.56
CA PHE D 124 33.38 -2.04 18.48
C PHE D 124 33.33 -2.70 17.11
N HIS D 125 32.50 -3.73 16.99
CA HIS D 125 32.39 -4.49 15.75
C HIS D 125 31.13 -4.20 14.95
N VAL D 126 31.28 -3.97 13.65
CA VAL D 126 30.15 -3.72 12.78
C VAL D 126 30.08 -4.84 11.75
N ASN D 127 29.00 -5.63 11.77
CA ASN D 127 28.86 -6.70 10.79
C ASN D 127 28.51 -6.10 9.42
N ASP D 128 29.12 -6.67 8.36
CA ASP D 128 28.92 -6.26 6.98
C ASP D 128 29.06 -4.75 6.76
N ALA D 129 30.30 -4.25 6.83
CA ALA D 129 30.61 -2.84 6.68
C ALA D 129 29.94 -2.17 5.48
N ASP D 130 30.14 -2.75 4.30
CA ASP D 130 29.58 -2.19 3.08
C ASP D 130 28.07 -2.04 3.10
N MET D 131 27.40 -2.93 3.81
CA MET D 131 25.94 -2.87 3.88
C MET D 131 25.37 -2.13 5.08
N ASN D 132 26.18 -1.91 6.12
CA ASN D 132 25.67 -1.26 7.33
C ASN D 132 26.33 0.04 7.79
N LEU D 133 27.17 0.65 6.96
CA LEU D 133 27.81 1.90 7.35
C LEU D 133 27.52 3.02 6.36
N ALA D 134 27.68 4.26 6.81
CA ALA D 134 27.47 5.42 5.97
C ALA D 134 28.55 6.44 6.32
N ILE D 135 29.10 7.10 5.32
CA ILE D 135 30.13 8.11 5.53
C ILE D 135 29.54 9.35 6.23
N LEU D 136 30.29 9.85 7.21
CA LEU D 136 29.89 11.04 7.96
C LEU D 136 30.38 12.28 7.21
N PRO D 137 29.47 13.18 6.80
CA PRO D 137 29.90 14.38 6.09
C PRO D 137 30.96 15.14 6.91
N LYS D 138 31.96 15.72 6.24
CA LYS D 138 33.02 16.42 6.95
C LYS D 138 32.58 17.61 7.80
N ASP D 139 31.58 18.34 7.34
CA ASP D 139 31.14 19.52 8.08
C ASP D 139 30.02 19.25 9.09
N MET D 140 29.63 17.99 9.23
CA MET D 140 28.56 17.65 10.16
C MET D 140 29.02 17.50 11.61
N PRO D 141 28.40 18.26 12.54
CA PRO D 141 28.75 18.22 13.96
C PRO D 141 28.53 16.81 14.49
N LEU D 142 29.51 16.28 15.19
CA LEU D 142 29.42 14.92 15.74
C LEU D 142 28.15 14.66 16.55
N GLU D 143 27.82 15.58 17.46
CA GLU D 143 26.63 15.44 18.30
C GLU D 143 25.35 15.31 17.48
N ASN D 144 25.28 16.04 16.37
CA ASN D 144 24.11 16.00 15.51
C ASN D 144 24.02 14.65 14.80
N ALA D 145 25.14 14.21 14.23
CA ALA D 145 25.22 12.96 13.51
C ALA D 145 24.80 11.76 14.35
N VAL D 146 25.18 11.77 15.63
CA VAL D 146 24.84 10.67 16.53
C VAL D 146 23.32 10.53 16.66
N MET D 147 22.61 11.65 16.52
CA MET D 147 21.16 11.63 16.62
C MET D 147 20.50 10.88 15.46
N ILE D 148 21.20 10.74 14.35
CA ILE D 148 20.68 10.02 13.20
C ILE D 148 20.57 8.52 13.49
N THR D 149 21.61 7.98 14.12
CA THR D 149 21.70 6.54 14.42
C THR D 149 20.51 5.86 15.09
N ASP D 150 19.78 6.58 15.93
CA ASP D 150 18.64 5.96 16.59
C ASP D 150 17.41 6.89 16.72
N MET D 151 17.61 8.06 17.31
CA MET D 151 16.50 8.99 17.51
C MET D 151 15.77 9.36 16.22
N MET D 152 16.53 9.78 15.21
CA MET D 152 15.93 10.19 13.94
C MET D 152 15.28 9.02 13.21
N THR D 153 16.01 7.93 13.03
CA THR D 153 15.44 6.78 12.33
C THR D 153 14.23 6.21 13.06
N THR D 154 14.23 6.25 14.39
CA THR D 154 13.11 5.72 15.17
C THR D 154 11.86 6.61 15.13
N GLY D 155 12.07 7.91 15.34
CA GLY D 155 10.95 8.84 15.32
C GLY D 155 10.32 8.91 13.95
N PHE D 156 11.14 8.94 12.90
CA PHE D 156 10.62 8.99 11.54
C PHE D 156 9.87 7.70 11.21
N HIS D 157 10.41 6.57 11.66
CA HIS D 157 9.75 5.30 11.40
C HIS D 157 8.36 5.34 12.05
N GLY D 158 8.25 6.08 13.13
CA GLY D 158 6.96 6.20 13.80
C GLY D 158 6.00 6.92 12.85
N ALA D 159 6.51 7.95 12.16
CA ALA D 159 5.71 8.72 11.22
C ALA D 159 5.42 7.89 9.96
N GLU D 160 6.38 7.07 9.56
CA GLU D 160 6.24 6.21 8.37
C GLU D 160 5.19 5.15 8.60
N LEU D 161 5.25 4.47 9.75
CA LEU D 161 4.30 3.42 10.07
C LEU D 161 2.89 4.01 10.24
N ALA D 162 2.83 5.28 10.62
CA ALA D 162 1.56 5.95 10.81
C ALA D 162 0.82 6.17 9.48
N ASP D 163 1.55 6.06 8.36
CA ASP D 163 0.95 6.24 7.03
C ASP D 163 0.09 7.51 7.02
N ILE D 164 0.75 8.62 7.33
CA ILE D 164 0.14 9.94 7.41
C ILE D 164 -0.28 10.52 6.06
N GLU D 165 -1.42 11.19 6.03
CA GLU D 165 -1.93 11.79 4.81
C GLU D 165 -1.78 13.31 4.89
N MET D 166 -1.70 13.96 3.73
CA MET D 166 -1.57 15.41 3.67
C MET D 166 -2.69 16.03 4.47
N GLY D 167 -2.35 16.66 5.59
CA GLY D 167 -3.37 17.28 6.41
C GLY D 167 -3.88 16.44 7.55
N SER D 168 -3.35 15.23 7.73
CA SER D 168 -3.79 14.38 8.84
C SER D 168 -3.57 15.10 10.16
N SER D 169 -4.43 14.83 11.14
CA SER D 169 -4.26 15.41 12.46
C SER D 169 -3.49 14.31 13.18
N VAL D 170 -2.49 14.69 13.96
CA VAL D 170 -1.68 13.69 14.64
C VAL D 170 -1.37 14.02 16.10
N VAL D 171 -1.41 12.99 16.94
CA VAL D 171 -1.09 13.11 18.36
C VAL D 171 0.16 12.27 18.58
N VAL D 172 1.16 12.86 19.21
CA VAL D 172 2.39 12.15 19.52
C VAL D 172 2.44 12.11 21.03
N ILE D 173 2.29 10.92 21.60
CA ILE D 173 2.31 10.75 23.04
C ILE D 173 3.74 10.55 23.51
N GLY D 174 4.25 11.56 24.22
CA GLY D 174 5.62 11.50 24.71
C GLY D 174 6.48 12.39 23.86
N ILE D 175 7.13 13.37 24.47
CA ILE D 175 7.98 14.27 23.73
C ILE D 175 9.45 14.21 24.12
N GLY D 176 9.91 12.99 24.41
CA GLY D 176 11.31 12.79 24.70
C GLY D 176 11.95 12.83 23.33
N ALA D 177 13.25 12.55 23.23
CA ALA D 177 13.93 12.59 21.94
C ALA D 177 13.21 11.82 20.83
N VAL D 178 12.77 10.60 21.12
CA VAL D 178 12.06 9.81 20.11
C VAL D 178 10.75 10.48 19.70
N GLY D 179 10.01 10.98 20.69
CA GLY D 179 8.75 11.65 20.42
C GLY D 179 8.92 12.94 19.63
N LEU D 180 10.04 13.63 19.84
CA LEU D 180 10.33 14.87 19.13
C LEU D 180 10.59 14.57 17.67
N MET D 181 11.27 13.45 17.42
CA MET D 181 11.55 13.05 16.05
C MET D 181 10.28 12.50 15.43
N GLY D 182 9.36 12.02 16.25
CA GLY D 182 8.09 11.53 15.73
C GLY D 182 7.31 12.75 15.22
N ILE D 183 7.40 13.84 15.97
CA ILE D 183 6.73 15.07 15.61
C ILE D 183 7.32 15.61 14.31
N ALA D 184 8.65 15.70 14.25
CA ALA D 184 9.33 16.19 13.07
C ALA D 184 8.99 15.32 11.86
N GLY D 185 9.00 14.01 12.07
CA GLY D 185 8.69 13.09 10.99
C GLY D 185 7.26 13.25 10.50
N ALA D 186 6.33 13.44 11.43
CA ALA D 186 4.93 13.60 11.09
C ALA D 186 4.75 14.85 10.24
N LYS D 187 5.45 15.92 10.60
CA LYS D 187 5.38 17.16 9.85
C LYS D 187 5.95 16.94 8.46
N LEU D 188 7.02 16.13 8.37
CA LEU D 188 7.64 15.84 7.09
C LEU D 188 6.85 14.78 6.29
N ARG D 189 5.66 14.45 6.75
CA ARG D 189 4.82 13.50 6.03
C ARG D 189 3.53 14.23 5.63
N GLY D 190 3.49 15.52 5.94
CA GLY D 190 2.35 16.35 5.57
C GLY D 190 1.28 16.60 6.62
N ALA D 191 1.54 16.20 7.87
CA ALA D 191 0.52 16.39 8.91
C ALA D 191 0.07 17.83 9.08
N GLY D 192 -1.19 18.01 9.43
CA GLY D 192 -1.71 19.34 9.64
C GLY D 192 -1.47 19.65 11.10
N ARG D 193 -2.48 19.39 11.92
CA ARG D 193 -2.39 19.61 13.35
C ARG D 193 -1.52 18.51 13.98
N ILE D 194 -0.60 18.91 14.87
CA ILE D 194 0.22 17.93 15.58
C ILE D 194 0.16 18.24 17.06
N ILE D 195 -0.43 17.33 17.82
CA ILE D 195 -0.59 17.49 19.26
C ILE D 195 0.45 16.67 20.03
N GLY D 196 1.39 17.37 20.66
CA GLY D 196 2.42 16.69 21.43
C GLY D 196 2.03 16.61 22.89
N VAL D 197 2.27 15.47 23.52
CA VAL D 197 1.93 15.30 24.93
C VAL D 197 3.17 15.16 25.79
N GLY D 198 3.33 16.06 26.76
CA GLY D 198 4.48 16.03 27.64
C GLY D 198 4.47 17.21 28.59
N SER D 199 5.43 17.27 29.50
CA SER D 199 5.49 18.37 30.46
C SER D 199 6.85 19.04 30.62
N ARG D 200 7.91 18.26 30.53
CA ARG D 200 9.26 18.80 30.67
C ARG D 200 9.44 20.00 29.72
N PRO D 201 9.46 21.22 30.29
CA PRO D 201 9.60 22.49 29.56
C PRO D 201 10.57 22.47 28.38
N ILE D 202 11.78 21.95 28.58
CA ILE D 202 12.75 21.92 27.51
C ILE D 202 12.20 21.13 26.31
N CYS D 203 11.52 20.02 26.60
CA CYS D 203 10.94 19.19 25.55
C CYS D 203 9.77 19.90 24.90
N VAL D 204 9.03 20.68 25.69
CA VAL D 204 7.88 21.41 25.16
C VAL D 204 8.33 22.40 24.10
N GLU D 205 9.42 23.11 24.36
CA GLU D 205 9.92 24.08 23.40
C GLU D 205 10.42 23.40 22.14
N ALA D 206 11.09 22.27 22.31
CA ALA D 206 11.59 21.54 21.16
C ALA D 206 10.41 21.00 20.34
N ALA D 207 9.38 20.54 21.04
CA ALA D 207 8.20 19.99 20.39
C ALA D 207 7.60 20.98 19.39
N LYS D 208 7.50 22.23 19.81
CA LYS D 208 6.95 23.28 18.96
C LYS D 208 7.93 23.57 17.84
N PHE D 209 9.21 23.57 18.18
CA PHE D 209 10.25 23.83 17.19
C PHE D 209 10.17 22.80 16.07
N TYR D 210 9.86 21.56 16.41
CA TYR D 210 9.79 20.51 15.39
C TYR D 210 8.45 20.43 14.66
N GLY D 211 7.45 21.14 15.16
CA GLY D 211 6.19 21.14 14.44
C GLY D 211 4.90 21.06 15.21
N ALA D 212 4.96 20.81 16.52
CA ALA D 212 3.73 20.71 17.31
C ALA D 212 2.91 21.99 17.23
N THR D 213 1.61 21.82 17.05
CA THR D 213 0.68 22.94 16.96
C THR D 213 -0.06 23.09 18.28
N ASP D 214 -0.05 22.00 19.07
CA ASP D 214 -0.69 21.98 20.37
C ASP D 214 0.17 21.15 21.32
N ILE D 215 0.15 21.50 22.60
CA ILE D 215 0.91 20.78 23.62
C ILE D 215 -0.05 20.51 24.76
N LEU D 216 -0.13 19.27 25.19
CA LEU D 216 -1.01 18.89 26.29
C LEU D 216 -0.18 18.26 27.40
N ASN D 217 -0.59 18.52 28.64
CA ASN D 217 0.09 18.00 29.82
C ASN D 217 -0.73 16.86 30.39
N TYR D 218 -0.12 15.68 30.49
CA TYR D 218 -0.78 14.49 31.01
C TYR D 218 -1.02 14.59 32.52
N LYS D 219 -1.46 15.76 32.98
CA LYS D 219 -1.73 16.00 34.39
C LYS D 219 -2.80 17.08 34.55
N ASN D 220 -3.61 17.26 33.51
CA ASN D 220 -4.70 18.24 33.50
C ASN D 220 -5.99 17.54 33.09
N GLY D 221 -6.03 16.23 33.27
CA GLY D 221 -7.20 15.45 32.91
C GLY D 221 -6.79 14.37 31.92
N HIS D 222 -7.57 13.30 31.84
CA HIS D 222 -7.26 12.21 30.92
C HIS D 222 -6.94 12.77 29.54
N ILE D 223 -5.78 12.38 29.01
CA ILE D 223 -5.37 12.85 27.70
C ILE D 223 -6.40 12.61 26.60
N GLU D 224 -7.11 11.48 26.65
CA GLU D 224 -8.12 11.19 25.64
C GLU D 224 -9.14 12.31 25.62
N ASP D 225 -9.66 12.64 26.79
CA ASP D 225 -10.67 13.67 26.94
C ASP D 225 -10.18 15.01 26.41
N GLN D 226 -8.97 15.39 26.79
CA GLN D 226 -8.43 16.66 26.34
C GLN D 226 -8.40 16.70 24.81
N VAL D 227 -7.91 15.62 24.20
CA VAL D 227 -7.82 15.54 22.76
C VAL D 227 -9.20 15.67 22.12
N MET D 228 -10.20 14.98 22.67
CA MET D 228 -11.56 15.04 22.14
C MET D 228 -12.10 16.46 22.23
N LYS D 229 -11.78 17.13 23.33
CA LYS D 229 -12.24 18.50 23.53
C LYS D 229 -11.65 19.38 22.42
N LEU D 230 -10.34 19.28 22.23
CA LEU D 230 -9.64 20.07 21.21
C LEU D 230 -10.12 19.80 19.80
N THR D 231 -10.58 18.57 19.55
CA THR D 231 -11.04 18.19 18.22
C THR D 231 -12.55 18.15 18.10
N ASN D 232 -13.23 18.82 19.01
CA ASN D 232 -14.70 18.89 19.01
C ASN D 232 -15.31 17.50 18.93
N GLY D 233 -14.78 16.59 19.74
CA GLY D 233 -15.29 15.22 19.77
C GLY D 233 -15.07 14.41 18.51
N LYS D 234 -14.24 14.92 17.60
CA LYS D 234 -13.98 14.21 16.35
C LYS D 234 -12.75 13.30 16.41
N GLY D 235 -11.89 13.50 17.41
CA GLY D 235 -10.69 12.68 17.53
C GLY D 235 -9.63 13.02 16.49
N VAL D 236 -8.52 12.30 16.49
CA VAL D 236 -7.45 12.56 15.53
C VAL D 236 -7.31 11.40 14.53
N ASP D 237 -6.67 11.67 13.40
CA ASP D 237 -6.46 10.64 12.36
C ASP D 237 -5.40 9.62 12.76
N ARG D 238 -4.33 10.10 13.40
CA ARG D 238 -3.22 9.23 13.77
C ARG D 238 -2.65 9.53 15.15
N VAL D 239 -2.07 8.49 15.76
CA VAL D 239 -1.43 8.63 17.06
C VAL D 239 -0.10 7.88 17.03
N ILE D 240 0.97 8.54 17.45
CA ILE D 240 2.28 7.90 17.53
C ILE D 240 2.58 7.74 19.03
N MET D 241 2.81 6.51 19.46
CA MET D 241 3.12 6.24 20.87
C MET D 241 4.63 6.23 21.00
N ALA D 242 5.18 7.24 21.67
CA ALA D 242 6.62 7.37 21.82
C ALA D 242 7.13 7.46 23.24
N GLY D 243 6.24 7.30 24.21
CA GLY D 243 6.69 7.37 25.59
C GLY D 243 5.54 7.11 26.53
N GLY D 244 5.84 6.86 27.79
CA GLY D 244 4.80 6.59 28.76
C GLY D 244 4.66 5.11 29.02
N GLY D 245 3.69 4.76 29.86
CA GLY D 245 3.46 3.36 30.18
C GLY D 245 2.61 2.67 29.14
N SER D 246 2.34 1.39 29.34
CA SER D 246 1.54 0.64 28.38
C SER D 246 0.09 1.12 28.34
N GLU D 247 -0.34 1.88 29.34
CA GLU D 247 -1.71 2.37 29.36
C GLU D 247 -1.95 3.35 28.21
N THR D 248 -0.87 3.87 27.65
CA THR D 248 -0.97 4.82 26.56
C THR D 248 -1.64 4.18 25.33
N LEU D 249 -1.65 2.86 25.26
CA LEU D 249 -2.29 2.18 24.14
C LEU D 249 -3.78 2.44 24.20
N SER D 250 -4.36 2.29 25.38
CA SER D 250 -5.79 2.52 25.56
C SER D 250 -6.11 3.97 25.24
N GLN D 251 -5.27 4.89 25.70
CA GLN D 251 -5.48 6.30 25.45
C GLN D 251 -5.47 6.59 23.95
N ALA D 252 -4.53 5.97 23.24
CA ALA D 252 -4.42 6.15 21.79
C ALA D 252 -5.69 5.67 21.10
N VAL D 253 -6.17 4.49 21.49
CA VAL D 253 -7.39 3.91 20.91
C VAL D 253 -8.60 4.82 21.11
N LYS D 254 -8.71 5.41 22.29
CA LYS D 254 -9.84 6.28 22.60
C LYS D 254 -9.81 7.62 21.88
N MET D 255 -8.63 8.09 21.50
CA MET D 255 -8.53 9.38 20.83
C MET D 255 -8.44 9.34 19.31
N VAL D 256 -8.13 8.17 18.76
CA VAL D 256 -8.01 8.07 17.30
C VAL D 256 -9.35 7.76 16.66
N LYS D 257 -9.55 8.28 15.46
CA LYS D 257 -10.80 8.08 14.72
C LYS D 257 -10.91 6.66 14.17
N PRO D 258 -12.13 6.21 13.89
CA PRO D 258 -12.30 4.87 13.32
C PRO D 258 -11.58 4.93 11.98
N GLY D 259 -10.84 3.88 11.63
CA GLY D 259 -10.13 3.89 10.37
C GLY D 259 -8.73 4.47 10.55
N GLY D 260 -8.46 5.00 11.73
CA GLY D 260 -7.16 5.59 12.01
C GLY D 260 -6.05 4.57 12.22
N ILE D 261 -4.85 5.07 12.49
CA ILE D 261 -3.72 4.19 12.72
C ILE D 261 -2.95 4.63 13.95
N ILE D 262 -2.57 3.66 14.78
CA ILE D 262 -1.79 3.93 15.97
C ILE D 262 -0.45 3.27 15.70
N SER D 263 0.61 4.06 15.77
CA SER D 263 1.96 3.62 15.49
C SER D 263 2.83 3.69 16.75
N ASN D 264 3.25 2.53 17.24
CA ASN D 264 4.09 2.49 18.43
C ASN D 264 5.57 2.37 18.10
N ILE D 265 6.38 3.22 18.72
CA ILE D 265 7.82 3.16 18.54
C ILE D 265 8.44 3.22 19.93
N ASN D 266 7.56 3.06 20.92
CA ASN D 266 7.93 3.07 22.33
C ASN D 266 8.34 1.65 22.75
N TYR D 267 9.56 1.50 23.26
CA TYR D 267 10.06 0.21 23.70
C TYR D 267 9.52 -0.08 25.11
N HIS D 268 8.42 -0.83 25.16
CA HIS D 268 7.77 -1.20 26.41
C HIS D 268 8.58 -2.28 27.14
N GLY D 269 9.29 -1.87 28.18
CA GLY D 269 10.11 -2.82 28.92
C GLY D 269 9.57 -3.37 30.22
N SER D 270 8.30 -3.15 30.50
CA SER D 270 7.71 -3.65 31.74
C SER D 270 6.24 -4.01 31.58
N GLY D 271 5.74 -4.83 32.49
CA GLY D 271 4.35 -5.24 32.44
C GLY D 271 4.15 -6.49 31.59
N ASP D 272 3.10 -7.25 31.88
CA ASP D 272 2.82 -8.47 31.13
C ASP D 272 2.09 -8.23 29.81
N ALA D 273 1.25 -7.20 29.76
CA ALA D 273 0.51 -6.92 28.54
C ALA D 273 0.05 -5.48 28.39
N LEU D 274 -0.44 -5.16 27.20
CA LEU D 274 -0.96 -3.84 26.90
C LEU D 274 -2.43 -4.05 26.59
N LEU D 275 -3.29 -3.26 27.21
CA LEU D 275 -4.73 -3.42 27.01
C LEU D 275 -5.35 -2.53 25.95
N ILE D 276 -6.27 -3.13 25.20
CA ILE D 276 -7.01 -2.43 24.16
C ILE D 276 -8.45 -2.32 24.67
N PRO D 277 -8.92 -1.08 24.95
CA PRO D 277 -10.30 -0.94 25.44
C PRO D 277 -11.29 -1.44 24.39
N ARG D 278 -12.02 -2.51 24.71
CA ARG D 278 -12.97 -3.11 23.79
C ARG D 278 -13.97 -2.15 23.14
N VAL D 279 -14.70 -1.41 23.96
CA VAL D 279 -15.71 -0.48 23.44
C VAL D 279 -15.16 0.53 22.43
N GLU D 280 -14.12 1.27 22.81
CA GLU D 280 -13.54 2.28 21.93
C GLU D 280 -12.81 1.72 20.70
N TRP D 281 -12.61 0.42 20.66
CA TRP D 281 -11.96 -0.20 19.52
C TRP D 281 -13.08 -0.80 18.65
N GLY D 282 -14.29 -0.30 18.86
CA GLY D 282 -15.44 -0.76 18.11
C GLY D 282 -15.60 -2.28 18.14
N CYS D 283 -15.28 -2.88 19.28
CA CYS D 283 -15.38 -4.32 19.48
C CYS D 283 -14.53 -5.06 18.45
N GLY D 284 -13.48 -4.39 17.99
CA GLY D 284 -12.56 -4.97 17.02
C GLY D 284 -13.01 -4.79 15.59
N MET D 285 -13.91 -3.85 15.35
CA MET D 285 -14.40 -3.61 14.00
C MET D 285 -14.32 -2.16 13.58
N ALA D 286 -13.58 -1.35 14.34
CA ALA D 286 -13.45 0.07 14.04
C ALA D 286 -12.31 0.42 13.08
N HIS D 287 -11.67 -0.59 12.51
CA HIS D 287 -10.55 -0.36 11.60
C HIS D 287 -9.52 0.56 12.24
N LYS D 288 -9.32 0.39 13.54
CA LYS D 288 -8.32 1.19 14.23
C LYS D 288 -7.07 0.30 14.31
N THR D 289 -6.26 0.41 13.27
CA THR D 289 -5.05 -0.36 13.12
C THR D 289 -3.97 0.00 14.13
N ILE D 290 -3.32 -1.03 14.66
CA ILE D 290 -2.24 -0.84 15.63
C ILE D 290 -0.95 -1.41 15.04
N LYS D 291 0.07 -0.56 14.93
CA LYS D 291 1.38 -0.97 14.41
C LYS D 291 2.44 -0.71 15.47
N GLY D 292 3.58 -1.37 15.34
CA GLY D 292 4.65 -1.19 16.30
C GLY D 292 5.93 -1.81 15.77
N GLY D 293 6.97 -1.01 15.56
CA GLY D 293 8.17 -1.61 15.02
C GLY D 293 9.51 -1.00 15.36
N LEU D 294 10.53 -1.86 15.34
CA LEU D 294 11.92 -1.49 15.58
C LEU D 294 12.36 -0.63 14.42
N CYS D 295 13.20 0.36 14.70
CA CYS D 295 13.68 1.28 13.67
C CYS D 295 14.57 0.58 12.65
N PRO D 296 14.46 1.00 11.38
CA PRO D 296 15.26 0.42 10.31
C PRO D 296 16.70 0.93 10.45
N GLY D 297 17.63 0.13 9.94
CA GLY D 297 19.03 0.48 10.00
C GLY D 297 19.63 0.17 8.63
N GLY D 298 20.94 -0.02 8.59
CA GLY D 298 21.60 -0.31 7.33
C GLY D 298 22.07 0.94 6.63
N ARG D 299 23.00 0.77 5.70
CA ARG D 299 23.57 1.86 4.93
C ARG D 299 22.57 2.76 4.17
N LEU D 300 21.63 2.17 3.44
CA LEU D 300 20.69 2.99 2.69
C LEU D 300 19.92 3.95 3.60
N ARG D 301 19.39 3.40 4.69
CA ARG D 301 18.63 4.18 5.65
C ARG D 301 19.45 5.32 6.27
N ALA D 302 20.68 5.02 6.65
CA ALA D 302 21.55 6.01 7.26
C ALA D 302 21.95 7.08 6.25
N GLU D 303 22.19 6.68 5.01
CA GLU D 303 22.57 7.65 3.98
C GLU D 303 21.39 8.56 3.63
N ARG D 304 20.19 7.99 3.63
CA ARG D 304 19.00 8.78 3.31
C ARG D 304 18.71 9.80 4.40
N LEU D 305 18.80 9.38 5.65
CA LEU D 305 18.55 10.24 6.79
C LEU D 305 19.66 11.28 6.88
N ARG D 306 20.88 10.85 6.63
CA ARG D 306 22.04 11.73 6.66
C ARG D 306 21.81 12.85 5.65
N ASP D 307 21.44 12.46 4.43
CA ASP D 307 21.22 13.43 3.38
C ASP D 307 20.11 14.42 3.71
N MET D 308 19.07 13.95 4.41
CA MET D 308 18.00 14.85 4.81
C MET D 308 18.60 15.93 5.73
N VAL D 309 19.50 15.53 6.62
CA VAL D 309 20.15 16.47 7.54
C VAL D 309 20.97 17.46 6.73
N VAL D 310 21.77 16.95 5.79
CA VAL D 310 22.60 17.81 4.94
C VAL D 310 21.73 18.79 4.16
N TYR D 311 20.52 18.38 3.80
CA TYR D 311 19.61 19.26 3.06
C TYR D 311 18.68 20.06 3.98
N ASN D 312 19.03 20.11 5.26
CA ASN D 312 18.28 20.87 6.26
C ASN D 312 16.79 20.57 6.39
N ARG D 313 16.42 19.32 6.19
CA ARG D 313 15.01 18.95 6.30
C ARG D 313 14.63 18.92 7.77
N VAL D 314 15.62 18.69 8.62
CA VAL D 314 15.41 18.65 10.06
C VAL D 314 16.70 19.11 10.74
N ASP D 315 16.56 19.84 11.85
CA ASP D 315 17.70 20.34 12.61
C ASP D 315 17.83 19.48 13.86
N LEU D 316 18.79 18.56 13.87
CA LEU D 316 18.98 17.66 15.00
C LEU D 316 19.66 18.27 16.23
N SER D 317 20.24 19.45 16.10
CA SER D 317 20.93 20.08 17.23
C SER D 317 20.04 20.29 18.46
N LYS D 318 18.76 20.54 18.24
CA LYS D 318 17.82 20.77 19.33
C LYS D 318 17.67 19.58 20.29
N LEU D 319 18.08 18.40 19.85
CA LEU D 319 17.99 17.20 20.67
C LEU D 319 19.10 17.08 21.71
N VAL D 320 20.26 17.64 21.40
CA VAL D 320 21.42 17.55 22.27
C VAL D 320 21.51 18.71 23.26
N THR D 321 21.21 18.39 24.52
CA THR D 321 21.26 19.37 25.59
C THR D 321 22.57 19.23 26.37
N HIS D 322 23.09 18.00 26.47
CA HIS D 322 24.33 17.75 27.20
C HIS D 322 25.48 17.19 26.38
N VAL D 323 26.58 17.93 26.32
CA VAL D 323 27.75 17.48 25.59
C VAL D 323 28.92 17.32 26.56
N TYR D 324 29.57 16.17 26.53
CA TYR D 324 30.71 15.90 27.40
C TYR D 324 31.93 15.56 26.54
N HIS D 325 33.13 15.80 27.10
CA HIS D 325 34.35 15.47 26.39
C HIS D 325 35.17 14.52 27.25
N GLY D 326 35.39 13.31 26.74
CA GLY D 326 36.16 12.32 27.49
C GLY D 326 35.40 11.03 27.73
N PHE D 327 36.04 9.92 27.37
CA PHE D 327 35.47 8.59 27.51
C PHE D 327 34.84 8.34 28.89
N ASP D 328 35.55 8.75 29.94
CA ASP D 328 35.07 8.53 31.31
C ASP D 328 33.67 9.04 31.61
N HIS D 329 33.23 10.05 30.90
CA HIS D 329 31.90 10.62 31.14
C HIS D 329 30.74 9.74 30.70
N ILE D 330 31.04 8.62 30.05
CA ILE D 330 29.98 7.72 29.57
C ILE D 330 29.11 7.19 30.71
N GLU D 331 29.73 6.90 31.85
CA GLU D 331 29.00 6.39 32.98
C GLU D 331 27.92 7.38 33.42
N GLU D 332 28.36 8.59 33.77
CA GLU D 332 27.47 9.66 34.21
C GLU D 332 26.40 10.00 33.16
N ALA D 333 26.81 10.06 31.90
CA ALA D 333 25.88 10.38 30.82
C ALA D 333 24.75 9.35 30.81
N LEU D 334 25.11 8.07 30.87
CA LEU D 334 24.10 7.01 30.86
C LEU D 334 23.15 7.14 32.05
N LEU D 335 23.71 7.41 33.22
CA LEU D 335 22.90 7.54 34.42
C LEU D 335 21.90 8.69 34.35
N LEU D 336 22.14 9.62 33.43
CA LEU D 336 21.22 10.74 33.28
C LEU D 336 19.91 10.25 32.67
N MET D 337 20.02 9.31 31.72
CA MET D 337 18.84 8.77 31.06
C MET D 337 17.98 8.01 32.05
N LYS D 338 18.56 7.67 33.19
CA LYS D 338 17.83 6.96 34.24
C LYS D 338 17.14 7.95 35.18
N ASP D 339 17.91 8.91 35.68
CA ASP D 339 17.38 9.92 36.60
C ASP D 339 16.57 10.98 35.84
N LYS D 340 16.97 11.21 34.59
CA LYS D 340 16.32 12.16 33.70
C LYS D 340 16.04 13.53 34.33
N PRO D 341 17.03 14.44 34.31
CA PRO D 341 16.83 15.77 34.87
C PRO D 341 15.99 16.63 33.93
N LYS D 342 15.38 17.67 34.47
CA LYS D 342 14.52 18.56 33.69
C LYS D 342 15.14 19.20 32.44
N ASP D 343 16.41 19.55 32.49
CA ASP D 343 17.05 20.19 31.34
C ASP D 343 17.69 19.22 30.35
N LEU D 344 17.28 17.97 30.39
CA LEU D 344 17.87 16.97 29.50
C LEU D 344 16.98 16.32 28.46
N ILE D 345 17.49 16.25 27.23
CA ILE D 345 16.81 15.58 26.14
C ILE D 345 17.78 14.43 25.81
N LYS D 346 18.88 14.74 25.13
CA LYS D 346 19.89 13.74 24.81
C LYS D 346 21.27 14.25 25.20
N ALA D 347 22.15 13.32 25.58
CA ALA D 347 23.52 13.63 25.95
C ALA D 347 24.48 12.96 24.97
N VAL D 348 25.56 13.66 24.63
CA VAL D 348 26.54 13.11 23.73
C VAL D 348 27.92 13.22 24.35
N VAL D 349 28.64 12.11 24.34
CA VAL D 349 29.98 12.10 24.89
C VAL D 349 30.95 12.05 23.73
N ILE D 350 31.69 13.14 23.54
CA ILE D 350 32.67 13.21 22.48
C ILE D 350 33.99 12.72 23.06
N LEU D 351 34.56 11.68 22.47
CA LEU D 351 35.82 11.14 22.97
C LEU D 351 36.97 12.14 22.80
ZN ZN E . -6.40 24.14 -13.28
ZN ZN F . 12.00 -18.17 -18.87
ZN ZN G . -23.98 -10.39 10.91
ZN ZN H . 18.14 3.32 21.47
#